data_6RQJ
#
_entry.id   6RQJ
#
_cell.length_a   1.00
_cell.length_b   1.00
_cell.length_c   1.00
_cell.angle_alpha   90.00
_cell.angle_beta   90.00
_cell.angle_gamma   90.00
#
_symmetry.space_group_name_H-M   'P 1'
#
loop_
_entity.id
_entity.type
_entity.pdbx_description
1 polymer 'Complement C5'
2 polymer 'Complement inhibitor'
3 polymer 'Rhipicephalus appendiculatus RaCI1'
4 polymer 'Complement C5'
5 polymer 'Putative 8.9 kDa family member'
6 branched 2-acetamido-2-deoxy-beta-D-glucopyranose-(1-4)-2-acetamido-2-deoxy-beta-D-glucopyranose
#
loop_
_entity_poly.entity_id
_entity_poly.type
_entity_poly.pdbx_seq_one_letter_code
_entity_poly.pdbx_strand_id
1 'polypeptide(L)'
;TLQKKIEEIAAKYKHSVVKKCCYDGACVNNDETCEQRAARISLGPRCIKAFTECCVVASQLRANISHKDMQLGRLHMKTL
LPVSKPEIRSYFPESWLWEVHLVPRRKQLQFALPDSLTTWEIQGVGISNTGICVADTVKAKVFKDVFLEMNIPYSVVRGE
QIQLKGTVYNYRTSGMQFCVKMSAVEGICTSESPVIDHQGTKSSKCVRQKVEGSSSHLVTFTVLPLEIGLHNINFSLETW
FGKEILVKTLRVVPEGVKRESYSGVTLDPRGIYGTISRRKEFPYRIPLDLVPKTEIKRILSVKGLLVGEILSAVLSQEGI
NILTHLPKGSAEAELMSVVPVFYVFHYLETGNHWNIFHSDPLIEKQKLKKKLKEGMLSIMSYRNADYSYSVWKGGSASTW
LTAFALRVLGQVNKYVEQNQNSICNSLLWLVENYQLDNGSFKENSQYQPIKLQGTLPVEARENSLYLTAFTVIGIRKAFD
ICPLVKIDTALIKADNFLLENTLPAQSTFTLAISAYALSLGDKTHPQFRSIVSALKREALVKGNPPIYRFWKDNLQHKDS
SVPNTGTARMVETTAYALLTSLNLKDINYVNPVIKWLSEEQRYGGGFYSTQDTINAIEGLTEYSLLVKQLRLSMDIDVSY
KHKGALHNYKMTDKNFLGRPVEVLLNDDLIVSTGFGSGLATVHVTTVVHKTSTSEEVCSFYLKIDTQDIEASHYRGYGNS
DYKRIVACASYKPSREESSSGSSHAVMDISLPTGISANEEDLKALVEGVDQLFTDYQIKDGHVILQLNSIPSSDFLCVRF
RIFELFEVGFLSPATFTVYEYHRPDKQCTMFYSTSNIKIQKVCEGAACKCVEADCGQMQEELDLTISAETRKQTACKPEI
AYAYKVSITSITVENVFVKYKATLLDIYKTGEAVAEKDSEITFIKKVTCTNAELVKGRQYLIMGKEALQIKYNFSFRYIY
PLDSLTWIEYWPRDTTCSSCQAFLANLDEFAEDIFLNGC
;
A
2 'polypeptide(L)'
;MASHHHHHHHHHHSGDSESDCTGSEPVDAFQAFSEGKEAYVLVRSTDPKARDCLKGEPAGEKQDNTLPVMMTFKQGTDWA
STDWTFTLDGAKVTATLGQLTQNREVVYDSQSHHCHVDKVEKEVPDYEMWMLDAGGLEVEVECCRQKLEELASGRNQMYP
HLKDC
;
C
3 'polypeptide(L)'
;GPMEEVKTTPIPNHQCVNATCERKLDALGNAVITKCPQGCLCVVRGASNIVPANGTCFQLATTKPPMAPGDNKDNKEEES
N
;
D
4 'polypeptide(L)'
;QEQTYVISAPKIFRVGASENIVIQVYGYTEAFDATISIKSYPDKKFSYSSGHVHLSSENKFQNSAILTIQPKQLPGGQNP
VSYVYLEVVSKHFSKSKRMPITYDNGFLFIHTDKPVYTPDQSVKVRVYSLNDDLKPAKRETVLTFIDPEGSEVDMVEEID
HIGIISFPDFKIPSNPRYGMWTIKAKYKEDFSTTGTAYFEVKEYVLPHFSVSIEPEYNFIGYKNFKNFEITIKARYFYNK
VVTEADVYITFGIREDLKDDQKEMMQTAMQNTMLINGIAQVTFDSETAVKELSYYSLEDLNNKYLYIAVTVIESTGGFSE
EAEIPGIKYVLSPYKLNLVATPLFLKPGIPYPIKVQVKDSLDQLVGGVPVTLNAQTIDVNQETSDLDPSKSVTRVDDGVA
SFVLNLPSGVTVLEFNVKTDAPDLPEENQAREGYRAIAYSSLSQSYLYIDWTDNHKALLVGEHLNIIVTPKSPYIDKITH
YNYLILSKGKIIHFGTREKFSDASYQSINIPVTQNMVPSSRLLVYYIVTGEQTAELVSDSVWLNIEEKCGNQLQVHLSPD
ADAYSPGQTVSLNMATGMDSWVALAAVDSAVYGVQRGAKKPLERVFQFLEKSDLGCGAGGGLNNANVFHLAGLTFLTNAN
ADDSQENDEPCKEIL
;
B
5 'polypeptide(L)'
;KHHHHHHSAGLEVLFQGPMGDVQERGHTYVTKNVTVEDGACVYLRNVIPNGETKALNNPCVLSTCYAADRKVNSTLCPNI
GVDEGCHVEWTPDGVYPNCCPKHVCPSATASS
;
E
#
loop_
_chem_comp.id
_chem_comp.type
_chem_comp.name
_chem_comp.formula
NAG D-saccharide, beta linking 2-acetamido-2-deoxy-beta-D-glucopyranose 'C8 H15 N O6'
#
# COMPACT_ATOMS: atom_id res chain seq x y z
N GLN A 3 -24.43 33.57 6.22
CA GLN A 3 -23.03 33.50 6.59
C GLN A 3 -22.87 33.45 8.11
N LYS A 4 -23.54 34.37 8.81
CA LYS A 4 -23.42 34.43 10.26
C LYS A 4 -23.93 33.15 10.92
N LYS A 5 -24.83 32.43 10.25
CA LYS A 5 -25.31 31.18 10.79
C LYS A 5 -24.43 30.00 10.38
N ILE A 6 -23.30 30.27 9.72
CA ILE A 6 -22.29 29.27 9.43
C ILE A 6 -21.16 29.40 10.44
N GLU A 7 -20.80 30.65 10.76
CA GLU A 7 -19.71 30.88 11.69
C GLU A 7 -20.09 30.44 13.11
N GLU A 8 -21.38 30.49 13.44
CA GLU A 8 -21.79 30.01 14.76
C GLU A 8 -21.52 28.51 14.89
N ILE A 9 -21.76 27.75 13.83
CA ILE A 9 -21.43 26.33 13.84
C ILE A 9 -19.92 26.15 13.89
N ALA A 10 -19.20 26.83 13.00
CA ALA A 10 -17.74 26.70 12.94
C ALA A 10 -17.10 27.07 14.26
N ALA A 11 -17.79 27.87 15.08
CA ALA A 11 -17.23 28.27 16.37
C ALA A 11 -17.63 27.33 17.49
N LYS A 12 -18.89 26.87 17.48
CA LYS A 12 -19.36 26.06 18.60
C LYS A 12 -18.63 24.72 18.68
N TYR A 13 -18.28 24.14 17.54
CA TYR A 13 -17.76 22.78 17.50
C TYR A 13 -16.31 22.73 17.00
N LYS A 14 -15.48 23.67 17.44
CA LYS A 14 -14.08 23.68 16.98
C LYS A 14 -13.24 22.63 17.71
N HIS A 15 -13.41 22.53 19.03
CA HIS A 15 -12.59 21.63 19.86
C HIS A 15 -13.39 20.46 20.42
N SER A 16 -14.62 20.27 19.94
CA SER A 16 -15.48 19.24 20.51
C SER A 16 -14.92 17.84 20.24
N VAL A 17 -15.50 16.85 20.92
CA VAL A 17 -15.06 15.47 20.74
C VAL A 17 -15.61 14.91 19.43
N VAL A 18 -16.90 15.09 19.20
CA VAL A 18 -17.55 14.69 17.95
C VAL A 18 -17.50 15.89 17.00
N LYS A 19 -16.38 16.02 16.31
CA LYS A 19 -16.15 17.14 15.39
C LYS A 19 -16.39 16.76 13.94
N LYS A 20 -16.12 15.50 13.57
CA LYS A 20 -16.43 15.03 12.23
C LYS A 20 -17.94 14.84 12.07
N CYS A 21 -18.63 14.54 13.17
CA CYS A 21 -20.03 14.15 13.09
C CYS A 21 -20.88 15.21 12.40
N CYS A 22 -20.96 16.41 12.97
CA CYS A 22 -21.89 17.37 12.40
C CYS A 22 -21.37 17.92 11.09
N TYR A 23 -20.05 17.89 10.90
CA TYR A 23 -19.46 18.28 9.62
C TYR A 23 -20.06 17.42 8.52
N ASP A 24 -19.86 16.10 8.62
CA ASP A 24 -20.52 15.23 7.65
C ASP A 24 -22.03 15.21 7.84
N GLY A 25 -22.55 15.96 8.82
CA GLY A 25 -23.96 16.26 8.83
C GLY A 25 -24.26 17.59 8.16
N ALA A 26 -23.23 18.36 7.86
CA ALA A 26 -23.41 19.63 7.14
C ALA A 26 -23.18 19.48 5.65
N CYS A 27 -22.77 18.31 5.18
CA CYS A 27 -22.56 18.08 3.76
C CYS A 27 -23.87 18.28 3.00
N VAL A 28 -23.75 18.64 1.73
CA VAL A 28 -24.93 18.87 0.91
C VAL A 28 -25.55 17.55 0.52
N ASN A 29 -26.86 17.41 0.75
CA ASN A 29 -27.58 16.22 0.34
C ASN A 29 -29.01 16.65 0.03
N ASN A 30 -29.26 16.94 -1.24
CA ASN A 30 -30.54 17.48 -1.68
C ASN A 30 -31.64 16.44 -1.76
N ASP A 31 -31.39 15.21 -1.30
CA ASP A 31 -32.28 14.09 -1.59
C ASP A 31 -32.92 13.46 -0.36
N GLU A 32 -32.41 13.73 0.84
CA GLU A 32 -32.94 13.10 2.05
C GLU A 32 -32.94 14.11 3.19
N THR A 33 -33.93 13.99 4.07
CA THR A 33 -34.05 14.89 5.20
C THR A 33 -32.97 14.58 6.25
N CYS A 34 -32.69 15.57 7.10
CA CYS A 34 -31.72 15.38 8.16
C CYS A 34 -32.19 14.35 9.18
N GLU A 35 -33.50 14.10 9.23
CA GLU A 35 -34.02 13.08 10.14
C GLU A 35 -33.91 11.69 9.52
N GLN A 36 -34.03 11.58 8.20
CA GLN A 36 -33.88 10.29 7.56
C GLN A 36 -32.43 9.83 7.58
N ARG A 37 -31.50 10.77 7.42
CA ARG A 37 -30.08 10.42 7.48
C ARG A 37 -29.67 10.04 8.89
N ALA A 38 -30.28 10.64 9.90
CA ALA A 38 -29.92 10.34 11.27
C ALA A 38 -30.26 8.91 11.67
N ALA A 39 -31.06 8.21 10.87
CA ALA A 39 -31.34 6.81 11.16
C ALA A 39 -30.16 5.91 10.89
N ARG A 40 -29.20 6.37 10.08
CA ARG A 40 -28.05 5.56 9.70
C ARG A 40 -26.85 5.74 10.62
N ILE A 41 -26.91 6.68 11.57
CA ILE A 41 -25.79 6.89 12.48
C ILE A 41 -25.72 5.73 13.46
N SER A 42 -24.52 5.32 13.80
CA SER A 42 -24.29 4.31 14.83
C SER A 42 -23.29 4.78 15.87
N LEU A 43 -23.06 6.09 15.91
CA LEU A 43 -22.04 6.69 16.79
C LEU A 43 -22.63 7.30 18.06
N GLY A 44 -23.76 6.80 18.55
CA GLY A 44 -24.22 7.13 19.87
C GLY A 44 -25.09 8.37 19.94
N PRO A 45 -25.63 8.64 21.13
CA PRO A 45 -26.58 9.76 21.27
C PRO A 45 -25.93 11.12 21.20
N ARG A 46 -24.64 11.24 21.51
CA ARG A 46 -23.97 12.53 21.37
C ARG A 46 -23.78 12.89 19.90
N CYS A 47 -23.24 11.96 19.12
CA CYS A 47 -22.99 12.24 17.72
C CYS A 47 -24.29 12.43 16.94
N ILE A 48 -25.33 11.65 17.27
CA ILE A 48 -26.60 11.83 16.57
C ILE A 48 -27.18 13.21 16.84
N LYS A 49 -26.99 13.72 18.06
CA LYS A 49 -27.52 15.05 18.38
C LYS A 49 -26.74 16.15 17.68
N ALA A 50 -25.41 16.09 17.76
CA ALA A 50 -24.59 17.04 17.02
C ALA A 50 -24.92 17.00 15.54
N PHE A 51 -25.10 15.79 14.99
CA PHE A 51 -25.42 15.62 13.59
C PHE A 51 -26.75 16.28 13.25
N THR A 52 -27.79 15.95 14.01
CA THR A 52 -29.11 16.51 13.70
C THR A 52 -29.10 18.03 13.78
N GLU A 53 -28.50 18.59 14.84
CA GLU A 53 -28.50 20.04 14.98
C GLU A 53 -27.73 20.71 13.86
N CYS A 54 -26.47 20.30 13.66
CA CYS A 54 -25.63 20.86 12.61
C CYS A 54 -26.28 20.70 11.25
N CYS A 55 -26.98 19.58 11.03
CA CYS A 55 -27.60 19.30 9.74
C CYS A 55 -28.79 20.22 9.49
N VAL A 56 -29.66 20.39 10.48
CA VAL A 56 -30.82 21.25 10.27
C VAL A 56 -30.37 22.71 10.10
N VAL A 57 -29.35 23.13 10.85
CA VAL A 57 -28.93 24.52 10.75
C VAL A 57 -28.10 24.75 9.49
N ALA A 58 -27.60 23.68 8.87
CA ALA A 58 -26.95 23.82 7.58
C ALA A 58 -27.97 23.78 6.44
N SER A 59 -29.01 22.97 6.59
CA SER A 59 -30.00 22.83 5.53
C SER A 59 -30.91 24.04 5.45
N GLN A 60 -31.27 24.64 6.59
CA GLN A 60 -32.13 25.82 6.57
C GLN A 60 -31.46 26.98 5.81
N LEU A 61 -30.14 27.08 5.90
CA LEU A 61 -29.45 28.20 5.26
C LEU A 61 -29.42 28.07 3.74
N ARG A 62 -29.30 26.86 3.21
CA ARG A 62 -29.08 26.77 1.76
C ARG A 62 -30.29 27.17 0.92
N ALA A 63 -31.34 27.73 1.50
CA ALA A 63 -32.47 28.24 0.73
C ALA A 63 -32.24 29.71 0.41
N ASN A 64 -32.45 30.08 -0.87
CA ASN A 64 -32.36 31.47 -1.32
C ASN A 64 -30.96 32.05 -1.11
N ILE A 65 -29.95 31.32 -1.60
CA ILE A 65 -28.56 31.72 -1.42
C ILE A 65 -27.85 31.72 -2.76
N SER A 66 -26.94 32.68 -2.95
CA SER A 66 -26.09 32.76 -4.13
C SER A 66 -24.93 31.78 -3.99
N HIS A 67 -24.50 31.23 -5.13
CA HIS A 67 -23.57 30.11 -5.11
C HIS A 67 -22.26 30.48 -4.43
N LYS A 68 -21.82 31.73 -4.57
CA LYS A 68 -20.59 32.16 -3.91
C LYS A 68 -20.66 31.90 -2.42
N ASP A 69 -21.79 32.24 -1.80
CA ASP A 69 -21.92 32.03 -0.36
C ASP A 69 -21.96 30.55 -0.01
N MET A 70 -22.62 29.73 -0.84
CA MET A 70 -22.66 28.29 -0.59
C MET A 70 -21.26 27.70 -0.65
N GLN A 71 -20.47 28.08 -1.64
CA GLN A 71 -19.13 27.53 -1.77
C GLN A 71 -18.22 28.04 -0.67
N LEU A 72 -18.36 29.32 -0.29
CA LEU A 72 -17.59 29.82 0.83
C LEU A 72 -17.96 29.10 2.13
N GLY A 73 -19.22 28.70 2.27
CA GLY A 73 -19.61 27.95 3.45
C GLY A 73 -19.04 26.55 3.45
N ARG A 74 -19.10 25.87 2.31
CA ARG A 74 -18.42 24.58 2.19
C ARG A 74 -16.93 24.70 2.47
N LEU A 75 -16.31 25.82 2.08
CA LEU A 75 -14.92 26.07 2.44
C LEU A 75 -14.75 26.17 3.95
N HIS A 76 -15.49 27.08 4.58
CA HIS A 76 -15.45 27.21 6.03
C HIS A 76 -15.54 25.85 6.69
N MET A 77 -16.48 25.03 6.25
CA MET A 77 -16.64 23.71 6.85
C MET A 77 -15.41 22.83 6.61
N LYS A 78 -15.04 22.63 5.34
CA LYS A 78 -13.99 21.70 5.00
C LYS A 78 -12.63 22.08 5.58
N THR A 79 -12.40 23.34 5.93
CA THR A 79 -11.12 23.70 6.52
C THR A 79 -11.18 23.84 8.04
N LEU A 80 -12.21 24.49 8.58
CA LEU A 80 -12.26 24.68 10.03
C LEU A 80 -12.44 23.38 10.78
N LEU A 81 -13.39 22.55 10.37
CA LEU A 81 -13.76 21.38 11.17
C LEU A 81 -12.77 20.23 11.05
N PRO A 82 -12.35 19.81 9.84
CA PRO A 82 -11.40 18.68 9.77
C PRO A 82 -10.00 19.10 10.19
N VAL A 83 -9.05 18.17 10.11
CA VAL A 83 -7.67 18.45 10.49
C VAL A 83 -6.81 18.61 9.24
N SER A 84 -6.76 17.58 8.40
CA SER A 84 -5.90 17.52 7.22
C SER A 84 -6.27 16.27 6.44
N LYS A 85 -5.55 16.05 5.34
CA LYS A 85 -5.80 14.86 4.54
C LYS A 85 -4.50 14.34 3.93
N PRO A 86 -4.14 13.07 4.18
CA PRO A 86 -2.98 12.48 3.49
C PRO A 86 -3.39 11.93 2.13
N GLU A 87 -2.93 12.59 1.07
CA GLU A 87 -3.14 12.15 -0.30
C GLU A 87 -2.35 13.06 -1.21
N ILE A 88 -1.87 12.50 -2.32
CA ILE A 88 -1.04 13.24 -3.25
C ILE A 88 -1.73 13.26 -4.60
N ARG A 89 -1.57 14.35 -5.35
CA ARG A 89 -2.21 14.53 -6.64
C ARG A 89 -1.36 14.06 -7.80
N SER A 90 -0.12 13.67 -7.57
CA SER A 90 0.72 13.15 -8.62
C SER A 90 1.27 11.78 -8.22
N TYR A 91 1.55 10.96 -9.22
CA TYR A 91 2.09 9.63 -9.01
C TYR A 91 3.50 9.58 -9.58
N PHE A 92 4.45 9.14 -8.76
CA PHE A 92 5.86 9.25 -9.07
C PHE A 92 6.41 7.91 -9.52
N PRO A 93 7.14 7.86 -10.64
CA PRO A 93 7.58 6.57 -11.17
C PRO A 93 8.53 5.86 -10.22
N GLU A 94 8.72 4.57 -10.49
CA GLU A 94 9.60 3.76 -9.66
C GLU A 94 11.05 4.11 -9.93
N SER A 95 11.81 4.31 -8.86
CA SER A 95 13.23 4.60 -9.00
C SER A 95 13.97 3.36 -9.47
N TRP A 96 14.85 3.56 -10.43
CA TRP A 96 15.62 2.48 -11.04
C TRP A 96 17.07 2.63 -10.59
N LEU A 97 17.94 1.80 -11.15
CA LEU A 97 19.37 1.86 -10.87
C LEU A 97 19.67 1.70 -9.39
N TRP A 98 18.83 0.98 -8.66
CA TRP A 98 19.03 0.77 -7.23
C TRP A 98 20.01 -0.39 -7.04
N GLU A 99 21.27 -0.15 -7.37
CA GLU A 99 22.25 -1.22 -7.38
C GLU A 99 23.58 -0.72 -6.81
N VAL A 100 24.29 -1.64 -6.16
CA VAL A 100 25.58 -1.39 -5.54
C VAL A 100 26.68 -1.88 -6.48
N HIS A 101 27.64 -1.02 -6.78
CA HIS A 101 28.65 -1.31 -7.79
C HIS A 101 30.05 -1.04 -7.26
N LEU A 102 30.83 -2.09 -7.08
CA LEU A 102 32.23 -1.96 -6.72
C LEU A 102 32.97 -1.34 -7.88
N VAL A 103 33.63 -0.20 -7.64
CA VAL A 103 34.28 0.57 -8.68
C VAL A 103 35.78 0.34 -8.57
N PRO A 104 36.39 -0.47 -9.45
CA PRO A 104 37.86 -0.61 -9.46
C PRO A 104 38.55 0.63 -10.02
N ARG A 105 38.35 1.75 -9.33
CA ARG A 105 38.97 3.04 -9.61
C ARG A 105 38.40 3.67 -10.88
N ARG A 106 37.65 2.88 -11.66
CA ARG A 106 36.92 3.38 -12.81
C ARG A 106 36.00 2.29 -13.34
N LYS A 107 34.72 2.60 -13.55
CA LYS A 107 33.81 1.59 -14.06
C LYS A 107 32.70 2.29 -14.82
N GLN A 108 32.59 2.00 -16.12
CA GLN A 108 31.56 2.56 -16.97
C GLN A 108 30.49 1.50 -17.21
N LEU A 109 29.27 1.81 -16.82
CA LEU A 109 28.14 0.90 -17.00
C LEU A 109 27.09 1.62 -17.83
N GLN A 110 26.28 0.85 -18.55
CA GLN A 110 25.28 1.39 -19.46
C GLN A 110 23.92 0.81 -19.14
N PHE A 111 22.88 1.58 -19.44
CA PHE A 111 21.51 1.18 -19.15
C PHE A 111 20.58 1.88 -20.14
N ALA A 112 19.29 1.83 -19.86
CA ALA A 112 18.28 2.39 -20.74
C ALA A 112 17.28 3.19 -19.92
N LEU A 113 17.26 4.51 -20.16
CA LEU A 113 16.36 5.37 -19.41
C LEU A 113 14.91 4.94 -19.61
N PRO A 114 14.12 4.90 -18.54
CA PRO A 114 12.72 4.52 -18.68
C PRO A 114 11.98 5.45 -19.63
N ASP A 115 10.84 4.97 -20.11
CA ASP A 115 10.11 5.63 -21.17
C ASP A 115 9.40 6.90 -20.73
N SER A 116 9.21 7.11 -19.43
CA SER A 116 8.44 8.24 -18.96
C SER A 116 9.14 9.55 -19.30
N LEU A 117 8.46 10.66 -19.03
CA LEU A 117 9.01 11.99 -19.24
C LEU A 117 9.24 12.61 -17.86
N THR A 118 10.40 12.32 -17.29
CA THR A 118 10.73 12.81 -15.96
C THR A 118 12.06 13.52 -16.03
N THR A 119 12.59 13.90 -14.87
CA THR A 119 13.93 14.48 -14.78
C THR A 119 14.69 13.72 -13.70
N TRP A 120 15.32 12.61 -14.08
CA TRP A 120 15.96 11.74 -13.11
C TRP A 120 17.11 12.46 -12.41
N GLU A 121 17.48 11.94 -11.25
CA GLU A 121 18.61 12.46 -10.47
C GLU A 121 19.37 11.26 -9.92
N ILE A 122 20.64 11.14 -10.30
CA ILE A 122 21.46 9.98 -9.97
C ILE A 122 22.40 10.36 -8.83
N GLN A 123 22.35 9.61 -7.74
CA GLN A 123 23.07 9.96 -6.52
C GLN A 123 24.02 8.84 -6.14
N GLY A 124 25.31 9.09 -6.27
CA GLY A 124 26.32 8.11 -5.92
C GLY A 124 26.84 8.36 -4.52
N VAL A 125 26.89 7.29 -3.72
CA VAL A 125 27.31 7.38 -2.33
C VAL A 125 28.46 6.38 -2.15
N GLY A 126 29.69 6.85 -2.30
CA GLY A 126 30.84 5.97 -2.26
C GLY A 126 31.29 5.68 -0.84
N ILE A 127 31.16 4.42 -0.44
CA ILE A 127 31.52 3.97 0.89
C ILE A 127 32.86 3.28 0.82
N SER A 128 33.91 3.96 1.27
CA SER A 128 35.25 3.41 1.25
C SER A 128 35.84 3.51 2.64
N ASN A 129 37.01 2.89 2.83
CA ASN A 129 37.65 2.87 4.14
C ASN A 129 38.08 4.25 4.61
N THR A 130 37.86 5.30 3.83
CA THR A 130 38.21 6.65 4.25
C THR A 130 36.99 7.49 4.58
N GLY A 131 35.77 7.00 4.35
CA GLY A 131 34.56 7.70 4.72
C GLY A 131 33.53 7.70 3.60
N ILE A 132 32.36 8.24 3.92
CA ILE A 132 31.23 8.30 2.99
C ILE A 132 31.37 9.53 2.11
N CYS A 133 30.86 9.44 0.88
CA CYS A 133 30.98 10.52 -0.09
C CYS A 133 29.72 10.62 -0.92
N VAL A 134 28.81 11.49 -0.53
CA VAL A 134 27.60 11.72 -1.34
C VAL A 134 28.02 12.53 -2.56
N ALA A 135 28.21 11.84 -3.68
CA ALA A 135 28.69 12.49 -4.88
C ALA A 135 27.67 13.51 -5.39
N ASP A 136 28.14 14.38 -6.28
CA ASP A 136 27.25 15.36 -6.87
C ASP A 136 26.18 14.67 -7.70
N THR A 137 24.94 15.12 -7.54
CA THR A 137 23.83 14.51 -8.27
C THR A 137 23.87 14.98 -9.72
N VAL A 138 23.89 14.02 -10.65
CA VAL A 138 23.88 14.31 -12.07
C VAL A 138 22.48 14.07 -12.61
N LYS A 139 21.88 15.12 -13.14
CA LYS A 139 20.51 15.08 -13.61
C LYS A 139 20.44 14.50 -15.02
N ALA A 140 19.24 14.10 -15.42
CA ALA A 140 19.01 13.55 -16.75
C ALA A 140 17.53 13.81 -17.07
N LYS A 141 17.27 14.79 -17.92
CA LYS A 141 15.90 15.19 -18.24
C LYS A 141 15.47 14.50 -19.53
N VAL A 142 14.57 13.54 -19.41
CA VAL A 142 14.03 12.82 -20.56
C VAL A 142 12.71 13.47 -20.95
N PHE A 143 12.54 13.74 -22.25
CA PHE A 143 11.26 14.22 -22.77
C PHE A 143 11.29 14.21 -24.28
N LYS A 144 10.11 14.06 -24.87
CA LYS A 144 9.93 14.17 -26.32
C LYS A 144 9.22 15.49 -26.59
N ASP A 145 9.71 16.23 -27.60
CA ASP A 145 9.21 17.57 -27.82
C ASP A 145 7.85 17.60 -28.50
N VAL A 146 7.54 16.58 -29.30
CA VAL A 146 6.22 16.44 -29.91
C VAL A 146 5.86 14.96 -29.91
N PHE A 147 4.74 14.62 -29.28
CA PHE A 147 4.41 13.22 -29.09
C PHE A 147 2.91 13.07 -28.89
N LEU A 148 2.35 12.09 -29.57
CA LEU A 148 0.92 11.82 -29.51
C LEU A 148 0.62 10.87 -28.37
N GLU A 149 -0.51 11.10 -27.70
CA GLU A 149 -0.96 10.18 -26.66
C GLU A 149 -2.48 10.05 -26.76
N MET A 150 -2.96 8.81 -26.72
CA MET A 150 -4.37 8.52 -26.87
C MET A 150 -4.94 8.07 -25.53
N ASN A 151 -6.26 7.93 -25.48
CA ASN A 151 -6.96 7.38 -24.33
C ASN A 151 -7.93 6.35 -24.86
N ILE A 152 -7.46 5.12 -25.02
CA ILE A 152 -8.27 4.01 -25.52
C ILE A 152 -9.09 3.46 -24.37
N PRO A 153 -10.39 3.25 -24.54
CA PRO A 153 -11.19 2.68 -23.45
C PRO A 153 -10.68 1.30 -23.08
N TYR A 154 -10.99 0.90 -21.85
CA TYR A 154 -10.54 -0.40 -21.37
C TYR A 154 -11.07 -1.52 -22.25
N SER A 155 -12.39 -1.64 -22.35
CA SER A 155 -13.02 -2.61 -23.24
C SER A 155 -14.07 -1.90 -24.08
N VAL A 156 -14.62 -2.62 -25.04
CA VAL A 156 -15.62 -2.10 -25.95
C VAL A 156 -16.60 -3.21 -26.28
N VAL A 157 -17.86 -3.01 -25.95
CA VAL A 157 -18.88 -4.00 -26.27
C VAL A 157 -19.08 -4.01 -27.77
N ARG A 158 -18.82 -5.16 -28.39
CA ARG A 158 -18.82 -5.25 -29.85
C ARG A 158 -20.11 -4.71 -30.45
N GLY A 159 -19.98 -4.01 -31.56
CA GLY A 159 -21.08 -3.35 -32.21
C GLY A 159 -21.12 -1.85 -31.99
N GLU A 160 -20.56 -1.37 -30.88
CA GLU A 160 -20.64 0.04 -30.55
C GLU A 160 -19.59 0.84 -31.31
N GLN A 161 -19.96 2.06 -31.68
CA GLN A 161 -19.10 2.93 -32.47
C GLN A 161 -18.33 3.84 -31.53
N ILE A 162 -17.08 3.50 -31.26
CA ILE A 162 -16.24 4.23 -30.32
C ILE A 162 -15.70 5.47 -31.00
N GLN A 163 -15.31 6.45 -30.21
CA GLN A 163 -14.51 7.57 -30.68
C GLN A 163 -13.24 7.60 -29.84
N LEU A 164 -12.14 7.17 -30.43
CA LEU A 164 -10.86 7.11 -29.72
C LEU A 164 -10.29 8.51 -29.61
N LYS A 165 -10.68 9.23 -28.57
CA LYS A 165 -10.14 10.56 -28.32
C LYS A 165 -8.63 10.49 -28.19
N GLY A 166 -7.98 11.62 -28.46
CA GLY A 166 -6.55 11.69 -28.35
C GLY A 166 -6.11 13.14 -28.33
N THR A 167 -4.81 13.34 -28.16
CA THR A 167 -4.26 14.68 -28.13
C THR A 167 -2.80 14.63 -28.51
N VAL A 168 -2.41 15.48 -29.44
CA VAL A 168 -1.01 15.66 -29.80
C VAL A 168 -0.46 16.78 -28.95
N TYR A 169 0.59 16.50 -28.20
CA TYR A 169 1.21 17.48 -27.33
C TYR A 169 2.43 18.06 -28.03
N ASN A 170 2.62 19.37 -27.91
CA ASN A 170 3.74 20.07 -28.53
C ASN A 170 4.49 20.79 -27.42
N TYR A 171 5.80 20.61 -27.37
CA TYR A 171 6.61 21.27 -26.35
C TYR A 171 7.47 22.41 -26.92
N ARG A 172 7.67 22.46 -28.23
CA ARG A 172 8.39 23.57 -28.82
C ARG A 172 7.49 24.79 -28.93
N THR A 173 8.07 25.96 -28.73
CA THR A 173 7.29 27.20 -28.78
C THR A 173 6.82 27.54 -30.18
N SER A 174 7.49 27.02 -31.21
CA SER A 174 7.10 27.26 -32.60
C SER A 174 6.23 26.12 -33.10
N GLY A 175 5.03 26.45 -33.56
CA GLY A 175 4.11 25.46 -34.05
C GLY A 175 4.67 24.68 -35.23
N MET A 176 3.99 23.58 -35.55
CA MET A 176 4.48 22.69 -36.59
C MET A 176 3.31 22.00 -37.26
N GLN A 177 3.61 21.25 -38.32
CA GLN A 177 2.63 20.44 -39.01
C GLN A 177 2.72 18.98 -38.57
N PHE A 178 1.60 18.29 -38.65
CA PHE A 178 1.48 16.91 -38.21
C PHE A 178 0.19 16.33 -38.73
N CYS A 179 0.23 15.06 -39.09
CA CYS A 179 -1.00 14.35 -39.42
C CYS A 179 -0.91 12.96 -38.80
N VAL A 180 -1.96 12.58 -38.07
CA VAL A 180 -2.05 11.29 -37.42
C VAL A 180 -2.82 10.35 -38.33
N LYS A 181 -2.45 9.08 -38.33
CA LYS A 181 -3.09 8.08 -39.17
C LYS A 181 -3.08 6.74 -38.47
N MET A 182 -4.23 6.08 -38.49
CA MET A 182 -4.43 4.83 -37.77
C MET A 182 -4.23 3.65 -38.71
N SER A 183 -3.59 2.60 -38.20
CA SER A 183 -3.41 1.37 -38.96
C SER A 183 -4.71 0.59 -38.97
N ALA A 184 -5.47 0.72 -40.05
CA ALA A 184 -6.80 0.13 -40.13
C ALA A 184 -6.70 -1.39 -40.23
N VAL A 185 -6.91 -2.07 -39.12
CA VAL A 185 -6.94 -3.51 -39.07
C VAL A 185 -8.28 -3.98 -39.64
N GLU A 186 -8.28 -5.16 -40.26
CA GLU A 186 -9.46 -5.64 -40.97
C GLU A 186 -10.65 -5.80 -40.02
N GLY A 187 -10.39 -6.15 -38.77
CA GLY A 187 -11.47 -6.31 -37.81
C GLY A 187 -12.06 -5.01 -37.31
N ILE A 188 -11.38 -3.89 -37.54
CA ILE A 188 -11.78 -2.59 -37.02
C ILE A 188 -12.30 -1.75 -38.18
N CYS A 189 -13.62 -1.59 -38.25
CA CYS A 189 -14.24 -0.80 -39.31
C CYS A 189 -14.19 0.68 -38.93
N THR A 190 -13.51 1.47 -39.76
CA THR A 190 -13.38 2.90 -39.54
C THR A 190 -14.10 3.68 -40.63
N SER A 191 -14.15 5.00 -40.46
CA SER A 191 -14.90 5.85 -41.38
C SER A 191 -14.32 5.77 -42.80
N GLU A 192 -13.02 6.04 -42.94
CA GLU A 192 -12.37 5.95 -44.23
C GLU A 192 -12.04 4.49 -44.52
N SER A 193 -11.21 4.25 -45.54
CA SER A 193 -10.77 2.92 -45.90
C SER A 193 -9.26 2.92 -46.10
N PRO A 194 -8.61 1.76 -45.96
CA PRO A 194 -7.16 1.71 -46.19
C PRO A 194 -6.82 2.03 -47.64
N VAL A 195 -5.59 2.48 -47.85
CA VAL A 195 -5.12 2.91 -49.17
C VAL A 195 -4.26 1.85 -49.84
N ILE A 196 -3.36 1.21 -49.09
CA ILE A 196 -2.51 0.15 -49.63
C ILE A 196 -2.43 -0.98 -48.63
N LYS A 202 -2.08 0.52 -45.29
CA LYS A 202 -3.36 0.47 -44.59
C LYS A 202 -3.45 1.58 -43.54
N SER A 203 -3.71 2.81 -43.99
CA SER A 203 -3.80 3.94 -43.09
C SER A 203 -4.87 4.89 -43.59
N SER A 204 -5.61 5.49 -42.66
CA SER A 204 -6.57 6.52 -43.02
C SER A 204 -5.84 7.72 -43.60
N LYS A 205 -6.55 8.48 -44.43
CA LYS A 205 -6.01 9.73 -44.94
C LYS A 205 -5.69 10.67 -43.78
N CYS A 206 -4.53 11.32 -43.85
CA CYS A 206 -4.11 12.29 -42.85
C CYS A 206 -4.03 13.66 -43.52
N VAL A 207 -4.80 14.60 -42.99
CA VAL A 207 -4.76 16.00 -43.42
C VAL A 207 -3.81 16.73 -42.48
N ARG A 208 -2.90 17.50 -43.04
CA ARG A 208 -1.91 18.19 -42.23
C ARG A 208 -2.57 19.30 -41.43
N GLN A 209 -2.56 19.16 -40.12
CA GLN A 209 -3.11 20.15 -39.21
C GLN A 209 -1.97 20.86 -38.48
N LYS A 210 -2.29 21.99 -37.85
CA LYS A 210 -1.29 22.81 -37.18
C LYS A 210 -1.67 22.98 -35.72
N VAL A 211 -0.73 22.71 -34.83
CA VAL A 211 -0.89 22.93 -33.39
C VAL A 211 0.00 24.08 -32.98
N GLU A 212 -0.56 25.05 -32.25
CA GLU A 212 0.22 26.17 -31.79
C GLU A 212 1.30 25.70 -30.81
N GLY A 213 2.44 26.40 -30.83
CA GLY A 213 3.56 25.98 -30.01
C GLY A 213 3.24 26.08 -28.53
N SER A 214 3.95 25.27 -27.74
CA SER A 214 3.80 25.24 -26.29
C SER A 214 2.33 25.08 -25.88
N SER A 215 1.64 24.23 -26.63
CA SER A 215 0.23 23.95 -26.34
C SER A 215 -0.11 22.56 -26.88
N SER A 216 -1.40 22.23 -26.92
CA SER A 216 -1.83 20.94 -27.41
C SER A 216 -2.84 21.15 -28.53
N HIS A 217 -3.38 20.04 -29.02
CA HIS A 217 -4.40 20.06 -30.04
C HIS A 217 -5.16 18.76 -30.00
N LEU A 218 -6.49 18.84 -29.93
CA LEU A 218 -7.30 17.65 -29.84
C LEU A 218 -7.25 16.86 -31.14
N VAL A 219 -7.41 15.54 -31.01
CA VAL A 219 -7.44 14.63 -32.15
C VAL A 219 -8.50 13.59 -31.87
N THR A 220 -9.29 13.26 -32.89
CA THR A 220 -10.38 12.31 -32.73
C THR A 220 -10.28 11.23 -33.78
N PHE A 221 -10.82 10.06 -33.47
CA PHE A 221 -10.83 8.92 -34.37
C PHE A 221 -12.05 8.07 -34.05
N THR A 222 -12.88 7.82 -35.06
CA THR A 222 -14.06 7.00 -34.87
C THR A 222 -13.84 5.61 -35.47
N VAL A 223 -13.91 4.59 -34.62
CA VAL A 223 -13.76 3.21 -35.03
C VAL A 223 -15.06 2.48 -34.70
N LEU A 224 -15.16 1.25 -35.19
CA LEU A 224 -16.32 0.40 -34.91
C LEU A 224 -15.84 -1.05 -34.92
N PRO A 225 -15.58 -1.63 -33.76
CA PRO A 225 -15.10 -3.01 -33.71
C PRO A 225 -16.22 -3.97 -34.06
N LEU A 226 -15.90 -5.01 -34.83
CA LEU A 226 -16.87 -6.02 -35.19
C LEU A 226 -16.43 -7.43 -34.84
N GLU A 227 -15.16 -7.63 -34.51
CA GLU A 227 -14.64 -8.93 -34.12
C GLU A 227 -14.14 -8.86 -32.68
N ILE A 228 -14.16 -9.99 -32.01
CA ILE A 228 -13.85 -10.07 -30.59
C ILE A 228 -12.42 -10.55 -30.41
N GLY A 229 -11.74 -9.99 -29.40
CA GLY A 229 -10.36 -10.27 -29.08
C GLY A 229 -9.54 -9.00 -29.18
N LEU A 230 -8.43 -8.99 -28.45
CA LEU A 230 -7.53 -7.83 -28.42
C LEU A 230 -7.06 -7.54 -29.84
N HIS A 231 -7.42 -6.37 -30.35
CA HIS A 231 -7.03 -5.93 -31.68
C HIS A 231 -5.92 -4.90 -31.57
N ASN A 232 -4.81 -5.15 -32.25
CA ASN A 232 -3.75 -4.16 -32.33
C ASN A 232 -4.23 -2.97 -33.13
N ILE A 233 -3.85 -1.77 -32.71
CA ILE A 233 -4.19 -0.53 -33.39
C ILE A 233 -3.03 0.43 -33.23
N ASN A 234 -2.52 0.93 -34.34
CA ASN A 234 -1.39 1.85 -34.31
C ASN A 234 -1.85 3.28 -34.60
N PHE A 235 -1.01 4.23 -34.21
CA PHE A 235 -1.24 5.64 -34.50
C PHE A 235 0.08 6.25 -34.93
N SER A 236 0.21 6.53 -36.22
CA SER A 236 1.43 7.12 -36.77
C SER A 236 1.31 8.63 -36.79
N LEU A 237 2.10 9.30 -35.96
CA LEU A 237 2.20 10.75 -35.97
C LEU A 237 3.21 11.14 -37.04
N GLU A 238 2.72 11.45 -38.23
CA GLU A 238 3.58 11.83 -39.34
C GLU A 238 3.83 13.33 -39.30
N THR A 239 5.05 13.71 -38.93
CA THR A 239 5.44 15.11 -38.90
C THR A 239 6.62 15.32 -39.82
N TRP A 240 7.14 16.55 -39.83
CA TRP A 240 8.24 16.91 -40.70
C TRP A 240 9.57 16.50 -40.11
N PHE A 241 9.55 15.92 -38.90
CA PHE A 241 10.77 15.54 -38.21
C PHE A 241 10.80 14.08 -37.79
N GLY A 242 9.81 13.27 -38.18
CA GLY A 242 9.81 11.87 -37.82
C GLY A 242 8.42 11.28 -37.92
N LYS A 243 8.35 9.99 -37.63
CA LYS A 243 7.07 9.27 -37.62
C LYS A 243 7.07 8.31 -36.43
N GLU A 244 6.37 8.68 -35.38
CA GLU A 244 6.27 7.88 -34.16
C GLU A 244 5.05 6.99 -34.24
N ILE A 245 5.26 5.69 -34.04
CA ILE A 245 4.20 4.70 -34.07
C ILE A 245 3.89 4.29 -32.65
N LEU A 246 2.70 4.62 -32.18
CA LEU A 246 2.27 4.36 -30.81
C LEU A 246 1.28 3.20 -30.82
N VAL A 247 1.74 2.03 -30.38
CA VAL A 247 0.92 0.83 -30.37
C VAL A 247 -0.12 0.95 -29.26
N LYS A 248 -1.35 0.55 -29.55
CA LYS A 248 -2.41 0.50 -28.56
C LYS A 248 -3.25 -0.73 -28.80
N THR A 249 -3.78 -1.29 -27.72
CA THR A 249 -4.58 -2.51 -27.81
C THR A 249 -6.01 -2.21 -27.38
N LEU A 250 -6.94 -2.44 -28.29
CA LEU A 250 -8.34 -2.14 -28.08
C LEU A 250 -9.11 -3.44 -27.85
N ARG A 251 -9.37 -3.75 -26.58
CA ARG A 251 -10.04 -4.99 -26.21
C ARG A 251 -11.52 -4.88 -26.55
N VAL A 252 -12.03 -5.85 -27.29
CA VAL A 252 -13.43 -5.88 -27.68
C VAL A 252 -14.11 -7.01 -26.93
N VAL A 253 -15.22 -6.70 -26.27
CA VAL A 253 -15.93 -7.66 -25.42
C VAL A 253 -17.26 -7.98 -26.08
N PRO A 254 -17.74 -9.22 -26.04
CA PRO A 254 -19.05 -9.52 -26.64
C PRO A 254 -20.17 -8.87 -25.86
N GLU A 255 -21.35 -8.86 -26.47
CA GLU A 255 -22.50 -8.20 -25.85
C GLU A 255 -23.01 -9.03 -24.69
N GLY A 256 -24.10 -8.55 -24.09
CA GLY A 256 -24.72 -9.27 -23.00
C GLY A 256 -23.84 -9.35 -21.77
N VAL A 257 -24.32 -10.14 -20.82
CA VAL A 257 -23.63 -10.36 -19.56
C VAL A 257 -22.77 -11.61 -19.68
N LYS A 258 -21.78 -11.74 -18.81
CA LYS A 258 -20.93 -12.93 -18.80
C LYS A 258 -21.48 -13.94 -17.80
N ARG A 259 -21.51 -15.19 -18.18
CA ARG A 259 -21.87 -16.27 -17.28
C ARG A 259 -20.82 -17.35 -17.33
N GLU A 260 -20.42 -17.81 -16.15
CA GLU A 260 -19.30 -18.71 -16.00
C GLU A 260 -19.81 -19.96 -15.30
N SER A 261 -19.84 -21.08 -16.00
CA SER A 261 -20.37 -22.32 -15.47
C SER A 261 -19.32 -23.41 -15.55
N TYR A 262 -19.13 -24.10 -14.43
CA TYR A 262 -18.02 -25.02 -14.26
C TYR A 262 -18.52 -26.45 -14.31
N SER A 263 -17.58 -27.38 -14.37
CA SER A 263 -17.86 -28.81 -14.27
C SER A 263 -16.56 -29.53 -13.96
N GLY A 264 -16.56 -30.32 -12.92
CA GLY A 264 -15.35 -30.99 -12.46
C GLY A 264 -15.53 -32.49 -12.39
N VAL A 265 -14.41 -33.19 -12.53
CA VAL A 265 -14.39 -34.65 -12.50
C VAL A 265 -13.09 -35.09 -11.84
N THR A 266 -13.17 -36.12 -11.01
CA THR A 266 -12.00 -36.71 -10.37
C THR A 266 -11.68 -38.02 -11.06
N LEU A 267 -10.50 -38.09 -11.66
CA LEU A 267 -10.03 -39.29 -12.35
C LEU A 267 -9.27 -40.15 -11.35
N ASP A 268 -9.86 -41.29 -10.99
CA ASP A 268 -9.30 -42.20 -10.00
C ASP A 268 -9.14 -43.55 -10.67
N PRO A 269 -8.13 -43.73 -11.53
CA PRO A 269 -8.08 -44.93 -12.37
C PRO A 269 -7.83 -46.21 -11.60
N ARG A 270 -7.41 -46.13 -10.34
CA ARG A 270 -7.13 -47.31 -9.53
C ARG A 270 -8.30 -47.69 -8.63
N GLY A 271 -9.07 -46.72 -8.18
CA GLY A 271 -10.25 -47.00 -7.37
C GLY A 271 -10.03 -46.97 -5.88
N ILE A 272 -9.44 -45.88 -5.37
CA ILE A 272 -9.36 -45.71 -3.93
C ILE A 272 -10.55 -44.91 -3.43
N TYR A 273 -11.27 -44.25 -4.33
CA TYR A 273 -12.51 -43.57 -4.02
C TYR A 273 -13.72 -44.48 -4.13
N GLY A 274 -13.52 -45.78 -4.03
CA GLY A 274 -14.60 -46.75 -4.09
C GLY A 274 -15.30 -46.84 -5.42
N THR A 275 -14.71 -46.33 -6.49
CA THR A 275 -15.30 -46.45 -7.83
C THR A 275 -14.22 -46.21 -8.85
N ILE A 276 -13.93 -47.21 -9.67
CA ILE A 276 -12.98 -47.05 -10.76
C ILE A 276 -13.59 -46.14 -11.81
N SER A 277 -12.85 -45.10 -12.19
CA SER A 277 -13.34 -44.10 -13.14
C SER A 277 -12.20 -43.77 -14.10
N ARG A 278 -12.27 -44.34 -15.30
CA ARG A 278 -11.24 -44.12 -16.31
C ARG A 278 -11.68 -43.18 -17.42
N ARG A 279 -12.95 -43.18 -17.80
CA ARG A 279 -13.44 -42.33 -18.87
C ARG A 279 -14.55 -41.43 -18.33
N LYS A 280 -14.49 -40.16 -18.69
CA LYS A 280 -15.51 -39.20 -18.30
C LYS A 280 -15.74 -38.26 -19.46
N GLU A 281 -17.00 -38.00 -19.76
CA GLU A 281 -17.40 -37.26 -20.94
C GLU A 281 -17.94 -35.90 -20.54
N PHE A 282 -17.26 -34.83 -20.96
CA PHE A 282 -17.74 -33.47 -20.73
C PHE A 282 -18.60 -33.05 -21.91
N PRO A 283 -19.92 -33.13 -21.83
CA PRO A 283 -20.74 -32.76 -22.98
C PRO A 283 -20.65 -31.28 -23.27
N TYR A 284 -20.90 -30.94 -24.53
CA TYR A 284 -20.87 -29.55 -24.98
C TYR A 284 -22.30 -29.05 -25.09
N ARG A 285 -22.74 -28.32 -24.08
CA ARG A 285 -24.12 -27.85 -23.99
C ARG A 285 -24.19 -26.39 -24.39
N ILE A 286 -24.92 -26.10 -25.44
CA ILE A 286 -25.11 -24.71 -25.87
C ILE A 286 -26.27 -24.12 -25.07
N PRO A 287 -26.04 -23.12 -24.23
CA PRO A 287 -27.12 -22.54 -23.45
C PRO A 287 -28.16 -21.89 -24.34
N LEU A 288 -29.28 -21.52 -23.72
CA LEU A 288 -30.46 -21.11 -24.44
C LEU A 288 -30.32 -19.70 -25.00
N ASP A 289 -30.19 -18.72 -24.12
CA ASP A 289 -30.05 -17.32 -24.53
C ASP A 289 -28.57 -17.02 -24.67
N LEU A 290 -28.08 -17.00 -25.90
CA LEU A 290 -26.68 -16.77 -26.19
C LEU A 290 -26.54 -15.63 -27.19
N VAL A 291 -25.42 -14.92 -27.13
CA VAL A 291 -25.20 -13.85 -28.10
C VAL A 291 -24.83 -14.45 -29.44
N PRO A 292 -25.44 -14.02 -30.55
CA PRO A 292 -25.10 -14.60 -31.85
C PRO A 292 -23.68 -14.25 -32.25
N LYS A 293 -23.10 -15.09 -33.11
CA LYS A 293 -21.74 -14.91 -33.61
C LYS A 293 -20.73 -14.91 -32.47
N THR A 294 -20.90 -15.85 -31.54
CA THR A 294 -20.03 -15.95 -30.37
C THR A 294 -19.69 -17.40 -30.10
N GLU A 295 -18.42 -17.64 -29.76
CA GLU A 295 -17.98 -18.96 -29.36
C GLU A 295 -18.19 -19.17 -27.87
N ILE A 296 -18.50 -20.40 -27.49
CA ILE A 296 -18.61 -20.78 -26.09
C ILE A 296 -17.20 -21.18 -25.62
N LYS A 297 -16.46 -20.22 -25.08
CA LYS A 297 -15.12 -20.51 -24.59
C LYS A 297 -15.22 -21.45 -23.40
N ARG A 298 -14.33 -22.45 -23.37
CA ARG A 298 -14.30 -23.35 -22.24
C ARG A 298 -12.89 -23.87 -22.03
N ILE A 299 -12.17 -23.23 -21.13
CA ILE A 299 -10.82 -23.62 -20.75
C ILE A 299 -10.89 -25.00 -20.11
N LEU A 300 -9.80 -25.75 -20.22
CA LEU A 300 -9.64 -27.01 -19.52
C LEU A 300 -8.43 -26.87 -18.60
N SER A 301 -8.40 -27.67 -17.54
CA SER A 301 -7.28 -27.66 -16.60
C SER A 301 -7.30 -28.96 -15.82
N VAL A 302 -6.24 -29.75 -15.94
CA VAL A 302 -6.12 -31.03 -15.26
C VAL A 302 -4.94 -30.94 -14.32
N LYS A 303 -5.19 -31.05 -13.02
CA LYS A 303 -4.18 -30.89 -12.00
C LYS A 303 -3.94 -32.21 -11.29
N GLY A 304 -2.69 -32.42 -10.87
CA GLY A 304 -2.28 -33.73 -10.40
C GLY A 304 -2.74 -34.09 -9.00
N LEU A 305 -2.26 -33.39 -8.00
CA LEU A 305 -2.51 -33.75 -6.61
C LEU A 305 -3.95 -33.40 -6.26
N LEU A 306 -4.30 -33.61 -5.00
CA LEU A 306 -5.59 -33.12 -4.51
C LEU A 306 -5.52 -31.62 -4.27
N VAL A 307 -4.35 -31.10 -3.95
CA VAL A 307 -4.13 -29.69 -3.64
C VAL A 307 -3.51 -29.05 -4.87
N GLY A 308 -3.75 -29.69 -6.02
CA GLY A 308 -3.13 -29.23 -7.25
C GLY A 308 -3.50 -27.81 -7.63
N GLU A 309 -4.78 -27.47 -7.54
CA GLU A 309 -5.22 -26.14 -7.96
C GLU A 309 -4.67 -25.06 -7.04
N ILE A 310 -4.73 -25.28 -5.73
CA ILE A 310 -4.17 -24.33 -4.78
C ILE A 310 -2.68 -24.13 -5.06
N LEU A 311 -1.95 -25.22 -5.24
CA LEU A 311 -0.51 -25.12 -5.51
C LEU A 311 -0.25 -24.33 -6.78
N SER A 312 -0.95 -24.67 -7.86
CA SER A 312 -0.74 -23.96 -9.13
C SER A 312 -1.06 -22.48 -9.01
N ALA A 313 -2.06 -22.13 -8.20
CA ALA A 313 -2.38 -20.72 -8.00
C ALA A 313 -1.25 -20.02 -7.25
N VAL A 314 -0.79 -20.61 -6.16
CA VAL A 314 0.26 -19.95 -5.37
C VAL A 314 1.59 -19.96 -6.11
N LEU A 315 2.01 -21.13 -6.61
CA LEU A 315 3.32 -21.26 -7.24
C LEU A 315 3.31 -20.65 -8.64
N SER A 316 2.98 -19.37 -8.72
CA SER A 316 2.96 -18.61 -9.97
C SER A 316 2.95 -17.13 -9.60
N GLN A 317 2.68 -16.26 -10.57
CA GLN A 317 2.48 -14.85 -10.25
C GLN A 317 1.01 -14.50 -10.05
N GLU A 318 0.12 -15.48 -10.21
CA GLU A 318 -1.30 -15.19 -9.97
C GLU A 318 -1.58 -15.05 -8.48
N GLY A 319 -1.45 -16.15 -7.73
CA GLY A 319 -1.50 -16.13 -6.28
C GLY A 319 -2.75 -15.59 -5.62
N ILE A 320 -3.69 -15.05 -6.40
CA ILE A 320 -4.85 -14.35 -5.85
C ILE A 320 -6.12 -14.82 -6.56
N ASN A 321 -5.98 -15.79 -7.47
CA ASN A 321 -7.12 -16.29 -8.25
C ASN A 321 -8.23 -16.87 -7.38
N ILE A 322 -8.05 -16.92 -6.05
CA ILE A 322 -9.05 -17.49 -5.18
C ILE A 322 -10.20 -16.54 -4.89
N LEU A 323 -10.13 -15.31 -5.39
CA LEU A 323 -11.12 -14.29 -5.04
C LEU A 323 -11.62 -13.51 -6.25
N THR A 324 -11.03 -13.73 -7.43
CA THR A 324 -11.14 -12.76 -8.53
C THR A 324 -12.57 -12.40 -8.86
N HIS A 325 -13.53 -13.29 -8.59
CA HIS A 325 -14.91 -12.96 -8.89
C HIS A 325 -15.54 -12.06 -7.84
N LEU A 326 -14.99 -12.01 -6.63
CA LEU A 326 -15.47 -11.21 -5.52
C LEU A 326 -14.67 -9.92 -5.40
N PRO A 327 -15.23 -8.87 -4.82
CA PRO A 327 -14.51 -7.60 -4.75
C PRO A 327 -13.65 -7.50 -3.51
N LYS A 328 -12.79 -6.48 -3.52
CA LYS A 328 -11.88 -6.21 -2.42
C LYS A 328 -12.55 -5.30 -1.38
N GLY A 329 -11.72 -4.77 -0.48
CA GLY A 329 -12.16 -3.68 0.36
C GLY A 329 -12.41 -4.03 1.81
N SER A 330 -13.04 -5.17 2.07
CA SER A 330 -13.20 -5.60 3.45
C SER A 330 -11.92 -6.26 3.91
N ALA A 331 -11.82 -6.52 5.21
CA ALA A 331 -10.62 -7.14 5.73
C ALA A 331 -10.53 -8.60 5.34
N GLU A 332 -11.67 -9.27 5.22
CA GLU A 332 -11.69 -10.67 4.80
C GLU A 332 -11.03 -10.87 3.44
N ALA A 333 -10.98 -9.83 2.62
CA ALA A 333 -10.23 -9.94 1.37
C ALA A 333 -8.73 -10.05 1.63
N GLU A 334 -8.21 -9.24 2.54
CA GLU A 334 -6.79 -9.35 2.90
C GLU A 334 -6.53 -10.57 3.78
N LEU A 335 -7.51 -11.48 3.91
CA LEU A 335 -7.24 -12.75 4.55
C LEU A 335 -7.41 -13.90 3.57
N MET A 336 -8.28 -13.73 2.57
CA MET A 336 -8.23 -14.62 1.42
C MET A 336 -6.98 -14.37 0.60
N SER A 337 -6.25 -13.29 0.88
CA SER A 337 -4.97 -13.10 0.24
C SER A 337 -3.89 -13.99 0.84
N VAL A 338 -4.02 -14.36 2.12
CA VAL A 338 -2.96 -15.10 2.80
C VAL A 338 -3.42 -16.45 3.34
N VAL A 339 -4.64 -16.88 3.01
CA VAL A 339 -5.03 -18.26 3.29
C VAL A 339 -4.46 -19.24 2.26
N PRO A 340 -4.55 -18.97 0.95
CA PRO A 340 -3.97 -19.92 0.00
C PRO A 340 -2.48 -20.14 0.18
N VAL A 341 -1.71 -19.06 0.35
CA VAL A 341 -0.27 -19.21 0.52
C VAL A 341 0.04 -19.96 1.80
N PHE A 342 -0.69 -19.67 2.87
CA PHE A 342 -0.44 -20.37 4.12
C PHE A 342 -0.72 -21.86 3.98
N TYR A 343 -1.81 -22.22 3.30
CA TYR A 343 -2.13 -23.64 3.24
C TYR A 343 -1.20 -24.40 2.29
N VAL A 344 -0.78 -23.76 1.20
CA VAL A 344 0.29 -24.32 0.39
C VAL A 344 1.53 -24.55 1.26
N PHE A 345 1.90 -23.56 2.06
CA PHE A 345 3.09 -23.70 2.89
C PHE A 345 2.92 -24.84 3.88
N HIS A 346 1.76 -24.93 4.52
CA HIS A 346 1.54 -25.93 5.56
C HIS A 346 1.53 -27.33 4.96
N TYR A 347 1.02 -27.45 3.73
CA TYR A 347 1.07 -28.74 3.04
C TYR A 347 2.50 -29.11 2.69
N LEU A 348 3.21 -28.23 1.98
CA LEU A 348 4.59 -28.52 1.59
C LEU A 348 5.47 -28.83 2.80
N GLU A 349 5.20 -28.16 3.93
CA GLU A 349 6.06 -28.34 5.11
C GLU A 349 5.70 -29.58 5.90
N THR A 350 4.47 -29.66 6.41
CA THR A 350 4.11 -30.77 7.29
C THR A 350 4.11 -32.09 6.52
N GLY A 351 4.30 -32.04 5.20
CA GLY A 351 4.53 -33.23 4.42
C GLY A 351 5.94 -33.39 3.91
N ASN A 352 6.70 -32.30 3.88
CA ASN A 352 8.07 -32.27 3.35
C ASN A 352 8.08 -32.69 1.88
N HIS A 353 7.15 -32.08 1.14
CA HIS A 353 7.04 -32.27 -0.30
C HIS A 353 7.78 -31.16 -1.04
N TRP A 354 8.83 -30.62 -0.41
CA TRP A 354 9.61 -29.56 -1.03
C TRP A 354 10.23 -29.97 -2.35
N ASN A 355 10.53 -31.25 -2.52
CA ASN A 355 11.14 -31.75 -3.75
C ASN A 355 10.20 -31.73 -4.94
N ILE A 356 8.95 -31.30 -4.74
CA ILE A 356 8.03 -31.08 -5.86
C ILE A 356 8.66 -30.15 -6.89
N PHE A 357 9.44 -29.18 -6.43
CA PHE A 357 10.14 -28.30 -7.36
C PHE A 357 11.37 -28.99 -7.91
N HIS A 358 11.62 -28.80 -9.21
CA HIS A 358 12.95 -29.07 -9.72
C HIS A 358 13.95 -28.02 -9.27
N SER A 359 13.47 -26.89 -8.79
CA SER A 359 14.32 -25.79 -8.35
C SER A 359 14.89 -26.11 -6.96
N ASP A 360 15.54 -25.15 -6.34
CA ASP A 360 16.10 -25.36 -5.01
C ASP A 360 14.97 -25.37 -3.97
N PRO A 361 14.97 -26.32 -3.04
CA PRO A 361 13.98 -26.25 -1.95
C PRO A 361 14.19 -25.10 -0.99
N LEU A 362 15.17 -24.22 -1.26
CA LEU A 362 15.40 -23.11 -0.35
C LEU A 362 14.87 -21.80 -0.92
N ILE A 363 15.14 -21.53 -2.19
CA ILE A 363 14.68 -20.28 -2.78
C ILE A 363 13.15 -20.24 -2.83
N GLU A 364 12.52 -21.38 -3.09
CA GLU A 364 11.06 -21.39 -3.14
C GLU A 364 10.47 -21.25 -1.75
N LYS A 365 11.08 -21.89 -0.75
CA LYS A 365 10.63 -21.68 0.61
C LYS A 365 10.77 -20.22 1.02
N GLN A 366 11.83 -19.56 0.55
CA GLN A 366 12.02 -18.16 0.90
C GLN A 366 10.98 -17.28 0.22
N LYS A 367 10.69 -17.54 -1.06
CA LYS A 367 9.66 -16.77 -1.75
C LYS A 367 8.30 -17.00 -1.11
N LEU A 368 8.01 -18.23 -0.70
CA LEU A 368 6.76 -18.51 -0.01
C LEU A 368 6.66 -17.76 1.29
N LYS A 369 7.71 -17.81 2.12
CA LYS A 369 7.68 -17.08 3.38
C LYS A 369 7.56 -15.59 3.14
N LYS A 370 8.13 -15.08 2.06
CA LYS A 370 8.01 -13.66 1.76
C LYS A 370 6.59 -13.29 1.42
N LYS A 371 5.93 -14.08 0.56
CA LYS A 371 4.52 -13.83 0.26
C LYS A 371 3.67 -13.95 1.51
N LEU A 372 4.00 -14.91 2.38
CA LEU A 372 3.21 -15.11 3.58
C LEU A 372 3.33 -13.94 4.54
N LYS A 373 4.54 -13.37 4.68
CA LYS A 373 4.72 -12.20 5.53
C LYS A 373 4.06 -10.98 4.92
N GLU A 374 4.36 -10.69 3.65
CA GLU A 374 3.71 -9.58 2.96
C GLU A 374 2.19 -9.67 3.07
N GLY A 375 1.66 -10.88 3.23
CA GLY A 375 0.25 -11.01 3.51
C GLY A 375 -0.10 -10.71 4.96
N MET A 376 0.74 -11.14 5.90
CA MET A 376 0.41 -10.94 7.32
C MET A 376 0.33 -9.47 7.67
N LEU A 377 0.83 -8.60 6.81
CA LEU A 377 0.86 -7.17 7.09
C LEU A 377 -0.32 -6.44 6.47
N SER A 378 -0.88 -6.97 5.38
CA SER A 378 -1.97 -6.28 4.72
C SER A 378 -3.19 -6.14 5.63
N ILE A 379 -3.28 -6.96 6.67
CA ILE A 379 -4.38 -6.85 7.63
C ILE A 379 -4.07 -5.89 8.75
N MET A 380 -2.80 -5.57 8.99
CA MET A 380 -2.47 -4.64 10.07
C MET A 380 -3.11 -3.28 9.85
N SER A 381 -3.54 -2.99 8.63
CA SER A 381 -4.20 -1.72 8.36
C SER A 381 -5.59 -1.66 8.96
N TYR A 382 -6.20 -2.81 9.24
CA TYR A 382 -7.57 -2.85 9.72
C TYR A 382 -7.64 -3.04 11.22
N ARG A 383 -6.53 -2.91 11.94
CA ARG A 383 -6.51 -3.09 13.38
C ARG A 383 -6.70 -1.75 14.06
N ASN A 384 -7.53 -1.72 15.10
CA ASN A 384 -7.83 -0.49 15.82
C ASN A 384 -6.78 -0.21 16.88
N ALA A 385 -7.09 0.75 17.76
CA ALA A 385 -6.16 1.12 18.82
C ALA A 385 -6.13 0.08 19.92
N ASP A 386 -7.27 -0.56 20.21
CA ASP A 386 -7.35 -1.56 21.25
C ASP A 386 -7.08 -2.97 20.73
N TYR A 387 -6.32 -3.09 19.65
CA TYR A 387 -5.90 -4.35 19.05
C TYR A 387 -7.07 -5.18 18.54
N SER A 388 -8.22 -4.57 18.31
CA SER A 388 -9.31 -5.22 17.60
C SER A 388 -9.18 -4.97 16.10
N TYR A 389 -9.79 -5.83 15.31
CA TYR A 389 -9.82 -5.67 13.88
C TYR A 389 -11.20 -5.25 13.45
N SER A 390 -11.28 -4.42 12.42
CA SER A 390 -12.54 -3.89 11.94
C SER A 390 -12.68 -4.22 10.47
N VAL A 391 -13.91 -4.56 10.06
CA VAL A 391 -14.12 -5.07 8.71
C VAL A 391 -13.77 -4.02 7.69
N TRP A 392 -14.41 -2.87 7.76
CA TRP A 392 -14.15 -1.76 6.86
C TRP A 392 -13.13 -0.84 7.49
N LYS A 393 -12.10 -0.48 6.73
CA LYS A 393 -11.05 0.38 7.25
C LYS A 393 -11.66 1.67 7.78
N GLY A 394 -11.53 1.90 9.08
CA GLY A 394 -12.11 3.05 9.72
C GLY A 394 -13.41 2.78 10.44
N GLY A 395 -14.08 1.67 10.15
CA GLY A 395 -15.32 1.34 10.80
C GLY A 395 -15.11 0.88 12.23
N SER A 396 -16.22 0.60 12.89
CA SER A 396 -16.17 0.14 14.27
C SER A 396 -15.58 -1.26 14.35
N ALA A 397 -15.20 -1.65 15.55
CA ALA A 397 -14.60 -2.96 15.76
C ALA A 397 -15.65 -4.04 15.70
N SER A 398 -15.30 -5.17 15.10
CA SER A 398 -16.25 -6.26 14.87
C SER A 398 -15.77 -7.51 15.58
N THR A 399 -16.70 -8.20 16.24
CA THR A 399 -16.37 -9.44 16.92
C THR A 399 -16.14 -10.57 15.92
N TRP A 400 -16.91 -10.57 14.83
CA TRP A 400 -16.74 -11.60 13.81
C TRP A 400 -15.34 -11.53 13.22
N LEU A 401 -14.95 -10.36 12.71
CA LEU A 401 -13.71 -10.29 11.97
C LEU A 401 -12.50 -10.29 12.90
N THR A 402 -12.67 -9.94 14.17
CA THR A 402 -11.57 -10.14 15.10
C THR A 402 -11.30 -11.61 15.30
N ALA A 403 -12.35 -12.41 15.46
CA ALA A 403 -12.17 -13.86 15.60
C ALA A 403 -11.62 -14.47 14.33
N PHE A 404 -12.06 -13.97 13.18
CA PHE A 404 -11.55 -14.50 11.92
C PHE A 404 -10.09 -14.16 11.72
N ALA A 405 -9.70 -12.93 12.02
CA ALA A 405 -8.30 -12.54 11.91
C ALA A 405 -7.45 -13.28 12.93
N LEU A 406 -8.01 -13.57 14.10
CA LEU A 406 -7.27 -14.39 15.06
C LEU A 406 -7.06 -15.80 14.55
N ARG A 407 -8.08 -16.41 13.95
CA ARG A 407 -7.89 -17.72 13.34
C ARG A 407 -6.77 -17.69 12.32
N VAL A 408 -6.79 -16.70 11.43
CA VAL A 408 -5.80 -16.68 10.34
C VAL A 408 -4.40 -16.38 10.89
N LEU A 409 -4.31 -15.55 11.92
CA LEU A 409 -2.99 -15.20 12.45
C LEU A 409 -2.45 -16.26 13.39
N GLY A 410 -3.34 -17.01 14.04
CA GLY A 410 -2.89 -18.07 14.90
C GLY A 410 -2.56 -19.33 14.12
N GLN A 411 -3.05 -19.43 12.89
CA GLN A 411 -2.59 -20.51 12.04
C GLN A 411 -1.20 -20.20 11.47
N VAL A 412 -0.99 -18.95 11.03
CA VAL A 412 0.28 -18.60 10.40
C VAL A 412 1.42 -18.59 11.41
N ASN A 413 1.12 -18.43 12.71
CA ASN A 413 2.17 -18.38 13.71
C ASN A 413 3.04 -19.63 13.72
N LYS A 414 2.65 -20.66 12.98
CA LYS A 414 3.44 -21.88 12.92
C LYS A 414 4.66 -21.69 12.05
N TYR A 415 4.56 -20.85 11.02
CA TYR A 415 5.65 -20.64 10.06
C TYR A 415 6.22 -19.24 10.07
N VAL A 416 5.47 -18.26 10.56
CA VAL A 416 5.93 -16.89 10.67
C VAL A 416 5.57 -16.43 12.08
N GLU A 417 6.58 -16.31 12.95
CA GLU A 417 6.32 -16.01 14.34
C GLU A 417 5.63 -14.65 14.50
N GLN A 418 4.40 -14.68 14.97
CA GLN A 418 3.61 -13.48 15.15
C GLN A 418 3.88 -12.87 16.52
N ASN A 419 3.59 -11.58 16.63
CA ASN A 419 3.88 -10.83 17.85
C ASN A 419 2.98 -11.29 18.99
N GLN A 420 3.50 -12.12 19.88
CA GLN A 420 2.66 -12.79 20.87
C GLN A 420 1.87 -11.80 21.72
N ASN A 421 2.34 -10.56 21.84
CA ASN A 421 1.63 -9.61 22.68
C ASN A 421 0.40 -9.07 21.98
N SER A 422 0.46 -8.92 20.66
CA SER A 422 -0.70 -8.43 19.94
C SER A 422 -1.83 -9.45 19.93
N ILE A 423 -1.49 -10.72 19.73
CA ILE A 423 -2.49 -11.77 19.78
C ILE A 423 -3.07 -11.88 21.18
N CYS A 424 -2.23 -11.71 22.20
CA CYS A 424 -2.72 -11.68 23.57
C CYS A 424 -3.74 -10.58 23.76
N ASN A 425 -3.42 -9.39 23.26
CA ASN A 425 -4.32 -8.25 23.43
C ASN A 425 -5.62 -8.47 22.71
N SER A 426 -5.58 -9.05 21.50
CA SER A 426 -6.82 -9.27 20.76
C SER A 426 -7.69 -10.32 21.43
N LEU A 427 -7.09 -11.44 21.85
CA LEU A 427 -7.85 -12.46 22.55
C LEU A 427 -8.51 -11.89 23.80
N LEU A 428 -7.78 -11.04 24.53
CA LEU A 428 -8.37 -10.48 25.74
C LEU A 428 -9.46 -9.47 25.42
N TRP A 429 -9.27 -8.66 24.37
CA TRP A 429 -10.33 -7.77 23.93
C TRP A 429 -11.60 -8.55 23.64
N LEU A 430 -11.47 -9.72 23.03
CA LEU A 430 -12.65 -10.54 22.75
C LEU A 430 -13.25 -11.08 24.03
N VAL A 431 -12.48 -11.81 24.82
CA VAL A 431 -13.07 -12.55 25.93
C VAL A 431 -13.36 -11.68 27.15
N GLU A 432 -13.07 -10.38 27.11
CA GLU A 432 -13.39 -9.53 28.24
C GLU A 432 -14.58 -8.61 27.98
N ASN A 433 -14.73 -8.11 26.78
CA ASN A 433 -15.81 -7.19 26.44
C ASN A 433 -17.03 -7.86 25.84
N TYR A 434 -16.83 -8.93 25.07
CA TYR A 434 -17.87 -9.45 24.19
C TYR A 434 -18.22 -10.89 24.51
N GLN A 435 -18.43 -11.20 25.78
CA GLN A 435 -18.89 -12.52 26.19
C GLN A 435 -19.91 -12.35 27.29
N LEU A 436 -21.13 -12.80 27.05
CA LEU A 436 -22.22 -12.56 27.97
C LEU A 436 -22.15 -13.51 29.15
N ASP A 437 -23.23 -13.55 29.93
CA ASP A 437 -23.27 -14.40 31.11
C ASP A 437 -23.61 -15.84 30.75
N ASN A 438 -24.24 -16.06 29.60
CA ASN A 438 -24.55 -17.42 29.19
C ASN A 438 -23.42 -18.09 28.43
N GLY A 439 -22.48 -17.32 27.90
CA GLY A 439 -21.34 -17.85 27.20
C GLY A 439 -21.15 -17.32 25.80
N SER A 440 -22.21 -16.83 25.18
CA SER A 440 -22.16 -16.45 23.78
C SER A 440 -21.27 -15.24 23.57
N PHE A 441 -21.13 -14.85 22.31
CA PHE A 441 -20.48 -13.61 21.94
C PHE A 441 -21.48 -12.73 21.21
N LYS A 442 -21.30 -11.42 21.33
CA LYS A 442 -22.12 -10.46 20.60
C LYS A 442 -21.23 -9.62 19.70
N GLU A 443 -21.81 -9.08 18.65
CA GLU A 443 -21.06 -8.29 17.70
C GLU A 443 -21.18 -6.81 18.01
N ASN A 444 -20.03 -6.14 18.14
CA ASN A 444 -20.01 -4.71 18.40
C ASN A 444 -20.61 -3.93 17.23
N SER A 445 -20.10 -4.17 16.03
CA SER A 445 -20.58 -3.50 14.84
C SER A 445 -21.97 -4.01 14.47
N GLN A 446 -22.51 -3.48 13.37
CA GLN A 446 -23.74 -4.02 12.81
C GLN A 446 -23.48 -4.80 11.52
N TYR A 447 -22.26 -5.27 11.34
CA TYR A 447 -21.93 -6.16 10.23
C TYR A 447 -22.79 -7.41 10.32
N GLN A 448 -23.56 -7.66 9.27
CA GLN A 448 -24.28 -8.93 9.15
C GLN A 448 -23.46 -9.84 8.26
N PRO A 449 -22.68 -10.77 8.83
CA PRO A 449 -21.82 -11.61 8.00
C PRO A 449 -22.57 -12.67 7.23
N ILE A 450 -23.60 -13.27 7.83
CA ILE A 450 -24.45 -14.24 7.14
C ILE A 450 -25.91 -13.98 7.50
N LYS A 451 -26.79 -14.35 6.57
CA LYS A 451 -28.23 -14.27 6.77
C LYS A 451 -28.75 -15.65 7.15
N LEU A 452 -29.19 -15.81 8.39
CA LEU A 452 -29.73 -17.07 8.86
C LEU A 452 -31.25 -17.00 8.86
N GLN A 453 -31.87 -18.16 8.62
CA GLN A 453 -33.31 -18.24 8.47
C GLN A 453 -34.01 -18.12 9.81
N GLY A 454 -35.33 -18.31 9.80
CA GLY A 454 -36.10 -18.42 11.02
C GLY A 454 -36.80 -17.14 11.43
N THR A 455 -37.72 -17.30 12.37
CA THR A 455 -38.41 -16.16 12.97
C THR A 455 -37.40 -15.26 13.68
N LEU A 456 -37.83 -14.03 13.97
CA LEU A 456 -36.92 -13.02 14.53
C LEU A 456 -36.28 -13.43 15.86
N PRO A 457 -36.95 -14.12 16.78
CA PRO A 457 -36.21 -14.64 17.95
C PRO A 457 -35.35 -15.84 17.60
N VAL A 458 -35.83 -16.72 16.71
CA VAL A 458 -35.04 -17.87 16.34
C VAL A 458 -33.85 -17.45 15.49
N GLU A 459 -33.98 -16.37 14.72
CA GLU A 459 -32.81 -15.84 14.03
C GLU A 459 -31.81 -15.29 15.02
N ALA A 460 -32.27 -14.72 16.13
CA ALA A 460 -31.35 -14.28 17.17
C ALA A 460 -30.62 -15.46 17.78
N ARG A 461 -31.33 -16.53 18.10
CA ARG A 461 -30.69 -17.74 18.61
C ARG A 461 -29.62 -18.23 17.63
N GLU A 462 -30.00 -18.42 16.36
CA GLU A 462 -29.08 -18.97 15.38
C GLU A 462 -27.88 -18.05 15.17
N ASN A 463 -28.10 -16.74 15.14
CA ASN A 463 -26.98 -15.83 14.94
C ASN A 463 -26.03 -15.85 16.12
N SER A 464 -26.55 -15.92 17.34
CA SER A 464 -25.68 -15.99 18.50
C SER A 464 -24.91 -17.30 18.51
N LEU A 465 -25.52 -18.38 18.01
CA LEU A 465 -24.84 -19.66 17.97
C LEU A 465 -23.74 -19.66 16.93
N TYR A 466 -24.02 -19.09 15.76
CA TYR A 466 -22.99 -18.97 14.73
C TYR A 466 -21.83 -18.14 15.21
N LEU A 467 -22.11 -17.05 15.91
CA LEU A 467 -21.01 -16.18 16.34
C LEU A 467 -20.21 -16.83 17.46
N THR A 468 -20.88 -17.47 18.42
CA THR A 468 -20.16 -18.20 19.44
C THR A 468 -19.22 -19.24 18.83
N ALA A 469 -19.74 -20.04 17.89
CA ALA A 469 -18.91 -21.12 17.34
C ALA A 469 -17.78 -20.57 16.49
N PHE A 470 -18.05 -19.52 15.71
CA PHE A 470 -17.01 -18.93 14.89
C PHE A 470 -15.90 -18.35 15.75
N THR A 471 -16.25 -17.73 16.87
CA THR A 471 -15.24 -17.13 17.71
C THR A 471 -14.49 -18.18 18.52
N VAL A 472 -15.15 -19.28 18.86
CA VAL A 472 -14.45 -20.36 19.52
C VAL A 472 -13.45 -20.99 18.57
N ILE A 473 -13.77 -21.05 17.28
CA ILE A 473 -12.80 -21.52 16.30
C ILE A 473 -11.61 -20.57 16.24
N GLY A 474 -11.88 -19.27 16.11
CA GLY A 474 -10.80 -18.31 16.05
C GLY A 474 -9.89 -18.36 17.26
N ILE A 475 -10.48 -18.50 18.46
CA ILE A 475 -9.68 -18.53 19.67
C ILE A 475 -8.94 -19.85 19.80
N ARG A 476 -9.57 -20.96 19.44
CA ARG A 476 -8.89 -22.26 19.54
C ARG A 476 -7.74 -22.34 18.56
N LYS A 477 -7.78 -21.54 17.49
CA LYS A 477 -6.65 -21.52 16.58
C LYS A 477 -5.56 -20.54 17.00
N ALA A 478 -5.90 -19.41 17.57
CA ALA A 478 -4.89 -18.46 18.02
C ALA A 478 -4.55 -18.59 19.50
N PHE A 479 -4.97 -19.67 20.14
CA PHE A 479 -4.83 -19.80 21.59
C PHE A 479 -3.51 -20.44 21.97
N ASP A 480 -2.82 -21.04 21.00
CA ASP A 480 -1.49 -21.57 21.29
C ASP A 480 -0.41 -20.51 21.24
N ILE A 481 -0.73 -19.32 20.75
CA ILE A 481 0.18 -18.19 20.89
C ILE A 481 0.14 -17.65 22.31
N CYS A 482 -1.07 -17.38 22.80
CA CYS A 482 -1.27 -16.70 24.08
C CYS A 482 -2.13 -17.58 24.97
N PRO A 483 -1.55 -18.62 25.54
CA PRO A 483 -2.36 -19.60 26.28
C PRO A 483 -2.65 -19.20 27.71
N LEU A 484 -3.30 -18.06 27.92
CA LEU A 484 -3.64 -17.64 29.27
C LEU A 484 -4.71 -18.55 29.86
N VAL A 485 -5.11 -18.26 31.10
CA VAL A 485 -6.18 -19.03 31.73
C VAL A 485 -7.48 -18.25 31.67
N LYS A 486 -7.40 -16.92 31.59
CA LYS A 486 -8.62 -16.14 31.41
C LYS A 486 -9.38 -16.58 30.17
N ILE A 487 -8.69 -16.69 29.04
CA ILE A 487 -9.37 -17.07 27.82
C ILE A 487 -9.65 -18.57 27.76
N ASP A 488 -8.91 -19.39 28.49
CA ASP A 488 -9.29 -20.79 28.56
C ASP A 488 -10.59 -20.96 29.31
N THR A 489 -10.82 -20.15 30.35
CA THR A 489 -12.11 -20.16 31.02
C THR A 489 -13.19 -19.61 30.12
N ALA A 490 -12.87 -18.58 29.33
CA ALA A 490 -13.82 -18.09 28.34
C ALA A 490 -14.21 -19.19 27.37
N LEU A 491 -13.25 -20.01 26.95
CA LEU A 491 -13.55 -21.08 26.01
C LEU A 491 -14.34 -22.19 26.65
N ILE A 492 -14.08 -22.47 27.93
CA ILE A 492 -14.94 -23.43 28.62
C ILE A 492 -16.38 -22.93 28.64
N LYS A 493 -16.57 -21.64 28.94
CA LYS A 493 -17.92 -21.08 28.99
C LYS A 493 -18.59 -21.15 27.63
N ALA A 494 -17.85 -20.82 26.56
CA ALA A 494 -18.45 -20.77 25.23
C ALA A 494 -18.72 -22.17 24.69
N ASP A 495 -17.81 -23.10 24.92
CA ASP A 495 -18.06 -24.48 24.53
C ASP A 495 -19.22 -25.06 25.31
N ASN A 496 -19.41 -24.62 26.55
CA ASN A 496 -20.58 -25.07 27.30
C ASN A 496 -21.86 -24.48 26.73
N PHE A 497 -21.81 -23.22 26.30
CA PHE A 497 -22.97 -22.65 25.62
C PHE A 497 -23.32 -23.44 24.37
N LEU A 498 -22.33 -23.73 23.53
CA LEU A 498 -22.60 -24.50 22.33
C LEU A 498 -23.19 -25.87 22.67
N LEU A 499 -22.54 -26.59 23.60
CA LEU A 499 -23.01 -27.92 23.96
C LEU A 499 -24.44 -27.89 24.47
N GLU A 500 -24.83 -26.82 25.15
CA GLU A 500 -26.17 -26.79 25.72
C GLU A 500 -27.21 -26.26 24.75
N ASN A 501 -26.82 -25.44 23.78
CA ASN A 501 -27.78 -24.72 22.96
C ASN A 501 -27.66 -24.97 21.47
N THR A 502 -26.94 -26.01 21.04
CA THR A 502 -26.97 -26.34 19.61
C THR A 502 -28.13 -27.25 19.28
N LEU A 503 -28.27 -28.36 20.01
CA LEU A 503 -29.38 -29.23 19.67
C LEU A 503 -30.60 -28.90 20.51
N PRO A 504 -31.82 -28.88 19.94
CA PRO A 504 -32.16 -29.22 18.55
C PRO A 504 -31.76 -28.15 17.55
N ALA A 505 -31.32 -28.58 16.37
CA ALA A 505 -30.81 -27.64 15.38
C ALA A 505 -31.93 -26.85 14.74
N GLN A 506 -31.54 -25.76 14.07
CA GLN A 506 -32.46 -24.99 13.25
C GLN A 506 -31.92 -24.74 11.85
N SER A 507 -30.67 -25.13 11.59
CA SER A 507 -30.10 -25.14 10.26
C SER A 507 -28.84 -25.97 10.31
N THR A 508 -28.58 -26.72 9.23
CA THR A 508 -27.40 -27.56 9.22
C THR A 508 -26.12 -26.75 9.30
N PHE A 509 -26.14 -25.50 8.85
CA PHE A 509 -24.92 -24.72 8.82
C PHE A 509 -24.40 -24.46 10.22
N THR A 510 -25.27 -23.96 11.11
CA THR A 510 -24.84 -23.69 12.47
C THR A 510 -24.56 -24.98 13.23
N LEU A 511 -25.25 -26.06 12.88
CA LEU A 511 -24.94 -27.34 13.51
C LEU A 511 -23.56 -27.83 13.11
N ALA A 512 -23.17 -27.58 11.87
CA ALA A 512 -21.84 -28.03 11.43
C ALA A 512 -20.75 -27.14 12.01
N ILE A 513 -21.00 -25.83 12.06
CA ILE A 513 -19.99 -24.95 12.66
C ILE A 513 -19.87 -25.18 14.15
N SER A 514 -20.96 -25.59 14.82
CA SER A 514 -20.87 -25.89 16.23
C SER A 514 -20.17 -27.22 16.47
N ALA A 515 -20.47 -28.23 15.67
CA ALA A 515 -19.74 -29.49 15.76
C ALA A 515 -18.26 -29.27 15.55
N TYR A 516 -17.89 -28.46 14.56
CA TYR A 516 -16.47 -28.17 14.35
C TYR A 516 -15.87 -27.45 15.55
N ALA A 517 -16.44 -26.32 15.95
CA ALA A 517 -15.86 -25.51 17.03
C ALA A 517 -15.82 -26.29 18.33
N LEU A 518 -16.64 -27.33 18.46
CA LEU A 518 -16.57 -28.17 19.65
C LEU A 518 -15.53 -29.28 19.50
N SER A 519 -15.34 -29.78 18.28
CA SER A 519 -14.32 -30.78 18.05
C SER A 519 -12.92 -30.21 18.22
N LEU A 520 -12.72 -28.93 17.90
CA LEU A 520 -11.43 -28.30 18.07
C LEU A 520 -10.89 -28.39 19.49
N GLY A 521 -11.75 -28.67 20.48
CA GLY A 521 -11.33 -28.69 21.86
C GLY A 521 -11.37 -30.07 22.49
N ASP A 522 -12.40 -30.34 23.29
CA ASP A 522 -12.53 -31.62 23.97
C ASP A 522 -13.53 -32.49 23.22
N LYS A 523 -13.04 -33.56 22.61
CA LYS A 523 -13.83 -34.42 21.73
C LYS A 523 -14.47 -35.59 22.46
N THR A 524 -14.62 -35.50 23.78
CA THR A 524 -15.16 -36.60 24.56
C THR A 524 -16.41 -36.24 25.35
N HIS A 525 -16.90 -35.02 25.21
CA HIS A 525 -18.10 -34.64 25.94
C HIS A 525 -19.31 -35.35 25.34
N PRO A 526 -20.03 -36.14 26.14
CA PRO A 526 -21.15 -36.93 25.57
C PRO A 526 -22.15 -36.11 24.78
N GLN A 527 -22.22 -34.80 25.00
CA GLN A 527 -23.10 -33.97 24.19
C GLN A 527 -22.50 -33.66 22.83
N PHE A 528 -21.17 -33.59 22.75
CA PHE A 528 -20.55 -33.39 21.44
C PHE A 528 -20.68 -34.62 20.58
N ARG A 529 -20.67 -35.81 21.19
CA ARG A 529 -20.98 -37.01 20.43
C ARG A 529 -22.38 -36.93 19.85
N SER A 530 -23.34 -36.41 20.62
CA SER A 530 -24.69 -36.25 20.10
C SER A 530 -24.74 -35.24 18.97
N ILE A 531 -23.99 -34.15 19.08
CA ILE A 531 -23.98 -33.17 18.00
C ILE A 531 -23.38 -33.76 16.74
N VAL A 532 -22.24 -34.45 16.84
CA VAL A 532 -21.61 -35.00 15.65
C VAL A 532 -22.45 -36.12 15.07
N SER A 533 -23.24 -36.80 15.91
CA SER A 533 -24.13 -37.83 15.40
C SER A 533 -25.30 -37.22 14.65
N ALA A 534 -25.91 -36.17 15.21
CA ALA A 534 -27.01 -35.51 14.53
C ALA A 534 -26.53 -34.73 13.32
N LEU A 535 -25.22 -34.57 13.17
CA LEU A 535 -24.69 -33.98 11.93
C LEU A 535 -24.40 -35.06 10.90
N LYS A 536 -23.95 -36.24 11.33
CA LYS A 536 -23.76 -37.33 10.39
C LYS A 536 -25.08 -37.78 9.80
N ARG A 537 -26.20 -37.37 10.39
CA ARG A 537 -27.50 -37.83 9.93
C ARG A 537 -28.07 -36.95 8.84
N GLU A 538 -27.76 -35.67 8.85
CA GLU A 538 -28.23 -34.76 7.81
C GLU A 538 -27.56 -34.99 6.47
N ALA A 539 -26.63 -35.93 6.38
CA ALA A 539 -25.80 -36.06 5.20
C ALA A 539 -26.65 -36.44 3.99
N LEU A 540 -26.18 -36.04 2.81
CA LEU A 540 -26.71 -36.53 1.56
C LEU A 540 -25.68 -37.43 0.91
N VAL A 541 -26.11 -38.23 -0.05
CA VAL A 541 -25.23 -39.14 -0.77
C VAL A 541 -25.72 -39.25 -2.20
N LYS A 542 -24.81 -39.55 -3.12
CA LYS A 542 -25.15 -39.83 -4.51
C LYS A 542 -24.64 -41.22 -4.85
N GLY A 543 -25.50 -42.21 -4.75
CA GLY A 543 -25.10 -43.57 -5.02
C GLY A 543 -25.23 -44.46 -3.79
N ASN A 544 -24.93 -45.74 -3.98
CA ASN A 544 -24.91 -46.70 -2.88
C ASN A 544 -24.03 -47.87 -3.29
N PRO A 545 -22.89 -48.07 -2.61
CA PRO A 545 -22.31 -47.26 -1.53
C PRO A 545 -21.93 -45.87 -2.02
N PRO A 546 -22.00 -44.87 -1.14
CA PRO A 546 -21.96 -43.48 -1.59
C PRO A 546 -20.71 -43.17 -2.39
N ILE A 547 -20.91 -42.58 -3.55
CA ILE A 547 -19.80 -42.04 -4.32
C ILE A 547 -19.49 -40.63 -3.86
N TYR A 548 -20.52 -39.84 -3.61
CA TYR A 548 -20.40 -38.50 -3.09
C TYR A 548 -21.13 -38.41 -1.76
N ARG A 549 -20.78 -37.41 -0.97
CA ARG A 549 -21.46 -37.16 0.30
C ARG A 549 -21.31 -35.69 0.63
N PHE A 550 -22.41 -35.04 0.97
CA PHE A 550 -22.36 -33.63 1.30
C PHE A 550 -23.51 -33.30 2.22
N TRP A 551 -23.58 -32.05 2.61
CA TRP A 551 -24.59 -31.54 3.52
C TRP A 551 -25.19 -30.29 2.91
N LYS A 552 -26.48 -30.08 3.08
CA LYS A 552 -27.14 -28.90 2.53
C LYS A 552 -27.42 -27.91 3.65
N ASP A 553 -27.62 -26.65 3.28
CA ASP A 553 -27.67 -25.59 4.26
C ASP A 553 -28.94 -25.61 5.11
N ASN A 554 -29.91 -26.44 4.78
CA ASN A 554 -31.18 -26.47 5.50
C ASN A 554 -31.40 -27.82 6.16
N LEU A 555 -32.18 -27.82 7.23
CA LEU A 555 -32.46 -29.06 7.94
C LEU A 555 -33.33 -29.97 7.09
N GLN A 556 -33.62 -31.16 7.64
CA GLN A 556 -34.50 -32.08 6.95
C GLN A 556 -35.96 -31.76 7.23
N HIS A 557 -36.34 -31.66 8.50
CA HIS A 557 -37.73 -31.44 8.86
C HIS A 557 -38.21 -30.03 8.53
N LYS A 558 -37.38 -29.21 7.89
CA LYS A 558 -37.81 -27.89 7.42
C LYS A 558 -37.82 -27.79 5.90
N ASP A 559 -36.99 -28.58 5.22
CA ASP A 559 -36.97 -28.58 3.76
C ASP A 559 -36.41 -29.92 3.31
N SER A 560 -36.96 -30.48 2.24
CA SER A 560 -36.57 -31.81 1.77
C SER A 560 -35.96 -31.79 0.38
N SER A 561 -36.21 -30.76 -0.41
CA SER A 561 -35.66 -30.70 -1.75
C SER A 561 -34.14 -30.64 -1.72
N VAL A 562 -33.52 -31.52 -2.48
CA VAL A 562 -32.06 -31.60 -2.58
C VAL A 562 -31.62 -30.73 -3.74
N PRO A 563 -30.63 -29.88 -3.58
CA PRO A 563 -30.29 -28.94 -4.65
C PRO A 563 -29.50 -29.63 -5.75
N ASN A 564 -29.68 -29.13 -6.97
CA ASN A 564 -29.02 -29.69 -8.13
C ASN A 564 -27.61 -29.13 -8.34
N THR A 565 -27.27 -28.03 -7.68
CA THR A 565 -25.99 -27.37 -7.86
C THR A 565 -25.40 -27.01 -6.51
N GLY A 566 -24.14 -26.58 -6.53
CA GLY A 566 -23.48 -26.20 -5.31
C GLY A 566 -23.68 -24.74 -4.96
N THR A 567 -24.02 -24.50 -3.70
CA THR A 567 -24.23 -23.16 -3.19
C THR A 567 -23.19 -22.90 -2.11
N ALA A 568 -22.96 -21.61 -1.83
CA ALA A 568 -21.81 -21.25 -0.99
C ALA A 568 -22.03 -21.67 0.46
N ARG A 569 -23.25 -22.05 0.84
CA ARG A 569 -23.47 -22.58 2.17
C ARG A 569 -23.36 -24.10 2.17
N MET A 570 -23.57 -24.73 1.01
CA MET A 570 -23.37 -26.16 0.89
C MET A 570 -21.91 -26.50 1.10
N VAL A 571 -21.01 -25.71 0.52
CA VAL A 571 -19.59 -25.98 0.67
C VAL A 571 -19.10 -25.56 2.05
N GLU A 572 -19.66 -24.51 2.63
CA GLU A 572 -19.32 -24.19 4.00
C GLU A 572 -19.70 -25.31 4.94
N THR A 573 -20.91 -25.85 4.81
CA THR A 573 -21.36 -26.91 5.71
C THR A 573 -20.59 -28.20 5.46
N THR A 574 -20.35 -28.53 4.19
CA THR A 574 -19.56 -29.70 3.86
C THR A 574 -18.15 -29.59 4.42
N ALA A 575 -17.52 -28.43 4.28
CA ALA A 575 -16.16 -28.28 4.79
C ALA A 575 -16.13 -28.33 6.30
N TYR A 576 -17.13 -27.76 6.97
CA TYR A 576 -17.16 -27.83 8.42
C TYR A 576 -17.37 -29.25 8.90
N ALA A 577 -18.18 -30.03 8.19
CA ALA A 577 -18.39 -31.41 8.62
C ALA A 577 -17.21 -32.30 8.26
N LEU A 578 -16.55 -32.01 7.14
CA LEU A 578 -15.33 -32.71 6.81
C LEU A 578 -14.23 -32.43 7.83
N LEU A 579 -14.13 -31.20 8.32
CA LEU A 579 -13.13 -30.89 9.33
C LEU A 579 -13.52 -31.44 10.69
N THR A 580 -14.81 -31.53 10.98
CA THR A 580 -15.23 -32.20 12.21
C THR A 580 -14.88 -33.68 12.16
N SER A 581 -14.95 -34.28 10.97
CA SER A 581 -14.57 -35.68 10.85
C SER A 581 -13.06 -35.86 10.95
N LEU A 582 -12.30 -35.09 10.18
CA LEU A 582 -10.85 -35.19 10.23
C LEU A 582 -10.31 -34.92 11.62
N ASN A 583 -10.95 -34.02 12.38
CA ASN A 583 -10.54 -33.80 13.75
C ASN A 583 -10.80 -35.03 14.61
N LEU A 584 -11.75 -35.88 14.23
CA LEU A 584 -12.00 -37.13 14.91
C LEU A 584 -11.37 -38.32 14.22
N LYS A 585 -10.57 -38.08 13.19
CA LYS A 585 -9.86 -39.12 12.44
C LYS A 585 -10.83 -40.18 11.91
N ASP A 586 -11.85 -39.74 11.18
CA ASP A 586 -12.77 -40.63 10.48
C ASP A 586 -12.36 -40.66 9.01
N ILE A 587 -11.26 -41.37 8.72
CA ILE A 587 -10.78 -41.39 7.34
C ILE A 587 -11.51 -42.44 6.52
N ASN A 588 -12.24 -43.35 7.17
CA ASN A 588 -13.14 -44.23 6.44
C ASN A 588 -14.34 -43.48 5.89
N TYR A 589 -14.66 -42.33 6.47
CA TYR A 589 -15.93 -41.66 6.28
C TYR A 589 -15.84 -40.42 5.41
N VAL A 590 -14.64 -39.88 5.19
CA VAL A 590 -14.52 -38.64 4.45
C VAL A 590 -13.99 -38.83 3.03
N ASN A 591 -13.91 -40.06 2.54
CA ASN A 591 -13.42 -40.24 1.18
C ASN A 591 -14.41 -39.77 0.13
N PRO A 592 -15.72 -39.90 0.31
CA PRO A 592 -16.64 -39.23 -0.63
C PRO A 592 -16.74 -37.74 -0.41
N VAL A 593 -16.70 -37.27 0.83
CA VAL A 593 -16.77 -35.83 1.09
C VAL A 593 -15.65 -35.11 0.36
N ILE A 594 -14.45 -35.70 0.36
CA ILE A 594 -13.32 -35.09 -0.33
C ILE A 594 -13.55 -35.13 -1.83
N LYS A 595 -14.19 -36.17 -2.34
CA LYS A 595 -14.48 -36.23 -3.76
C LYS A 595 -15.43 -35.11 -4.16
N TRP A 596 -16.51 -34.94 -3.41
CA TRP A 596 -17.41 -33.82 -3.68
C TRP A 596 -16.69 -32.49 -3.61
N LEU A 597 -15.96 -32.26 -2.52
CA LEU A 597 -15.30 -30.96 -2.36
C LEU A 597 -14.27 -30.73 -3.44
N SER A 598 -13.67 -31.79 -3.97
CA SER A 598 -12.66 -31.63 -5.00
C SER A 598 -13.27 -31.46 -6.37
N GLU A 599 -14.56 -31.80 -6.51
CA GLU A 599 -15.25 -31.43 -7.75
C GLU A 599 -15.94 -30.08 -7.63
N GLU A 600 -16.34 -29.68 -6.43
CA GLU A 600 -16.88 -28.35 -6.21
C GLU A 600 -15.85 -27.26 -6.43
N GLN A 601 -14.56 -27.59 -6.44
CA GLN A 601 -13.53 -26.63 -6.68
C GLN A 601 -13.75 -25.95 -8.02
N ARG A 602 -13.08 -24.82 -8.20
CA ARG A 602 -13.21 -24.04 -9.42
C ARG A 602 -11.82 -23.75 -9.94
N TYR A 603 -11.67 -23.80 -11.27
CA TYR A 603 -10.35 -23.60 -11.85
C TYR A 603 -9.78 -22.28 -11.38
N GLY A 604 -8.64 -22.36 -10.69
CA GLY A 604 -8.06 -21.24 -10.00
C GLY A 604 -7.74 -21.53 -8.56
N GLY A 605 -8.51 -22.39 -7.92
CA GLY A 605 -8.25 -22.86 -6.59
C GLY A 605 -9.40 -22.69 -5.63
N GLY A 606 -10.23 -21.68 -5.81
CA GLY A 606 -11.20 -21.31 -4.81
C GLY A 606 -12.53 -22.00 -5.00
N PHE A 607 -13.52 -21.47 -4.29
CA PHE A 607 -14.88 -21.98 -4.28
C PHE A 607 -15.80 -20.78 -4.37
N TYR A 608 -17.06 -20.95 -4.02
CA TYR A 608 -18.08 -19.92 -4.25
C TYR A 608 -17.80 -18.61 -3.52
N SER A 609 -17.56 -18.64 -2.20
CA SER A 609 -17.41 -17.41 -1.43
C SER A 609 -16.08 -17.45 -0.69
N THR A 610 -15.89 -16.53 0.26
CA THR A 610 -14.62 -16.44 0.98
C THR A 610 -14.60 -17.29 2.23
N GLN A 611 -15.75 -17.73 2.72
CA GLN A 611 -15.76 -18.60 3.89
C GLN A 611 -15.61 -20.06 3.50
N ASP A 612 -16.42 -20.51 2.53
CA ASP A 612 -16.29 -21.88 2.07
C ASP A 612 -14.92 -22.11 1.48
N THR A 613 -14.30 -21.09 0.91
CA THR A 613 -12.94 -21.26 0.40
C THR A 613 -11.98 -21.62 1.52
N ILE A 614 -11.93 -20.83 2.59
CA ILE A 614 -10.96 -21.09 3.64
C ILE A 614 -11.25 -22.42 4.32
N ASN A 615 -12.53 -22.72 4.57
CA ASN A 615 -12.82 -23.97 5.25
C ASN A 615 -12.59 -25.19 4.36
N ALA A 616 -12.90 -25.09 3.07
CA ALA A 616 -12.73 -26.23 2.18
C ALA A 616 -11.27 -26.45 1.85
N ILE A 617 -10.48 -25.37 1.72
CA ILE A 617 -9.05 -25.54 1.54
C ILE A 617 -8.43 -26.16 2.79
N GLU A 618 -8.92 -25.78 3.96
CA GLU A 618 -8.41 -26.41 5.18
C GLU A 618 -8.77 -27.89 5.21
N GLY A 619 -9.98 -28.23 4.78
CA GLY A 619 -10.36 -29.64 4.72
C GLY A 619 -9.51 -30.43 3.74
N LEU A 620 -9.42 -29.95 2.51
CA LEU A 620 -8.60 -30.60 1.49
C LEU A 620 -7.16 -30.79 1.96
N THR A 621 -6.58 -29.80 2.63
CA THR A 621 -5.18 -29.92 3.01
C THR A 621 -5.01 -30.83 4.23
N GLU A 622 -5.84 -30.64 5.26
CA GLU A 622 -5.77 -31.50 6.42
C GLU A 622 -6.07 -32.95 6.05
N TYR A 623 -6.70 -33.18 4.89
CA TYR A 623 -6.88 -34.54 4.42
C TYR A 623 -5.68 -35.01 3.63
N SER A 624 -5.27 -34.24 2.62
CA SER A 624 -4.11 -34.62 1.82
C SER A 624 -2.89 -34.92 2.69
N LEU A 625 -2.80 -34.31 3.87
CA LEU A 625 -1.71 -34.64 4.78
C LEU A 625 -1.99 -35.85 5.64
N LEU A 626 -3.26 -36.22 5.81
CA LEU A 626 -3.59 -37.28 6.76
C LEU A 626 -3.61 -38.67 6.14
N VAL A 627 -3.87 -38.77 4.85
CA VAL A 627 -3.86 -40.06 4.19
C VAL A 627 -2.61 -40.19 3.35
N LYS A 628 -2.06 -41.41 3.32
CA LYS A 628 -0.79 -41.66 2.67
C LYS A 628 -0.85 -41.26 1.19
N GLN A 629 0.23 -40.64 0.72
CA GLN A 629 0.32 -40.22 -0.67
C GLN A 629 0.47 -41.44 -1.55
N LEU A 630 -0.36 -41.53 -2.59
CA LEU A 630 -0.20 -42.55 -3.60
C LEU A 630 0.63 -42.01 -4.76
N ARG A 631 1.47 -42.86 -5.33
CA ARG A 631 2.31 -42.46 -6.45
C ARG A 631 1.45 -41.90 -7.58
N LEU A 632 1.89 -40.78 -8.14
CA LEU A 632 1.17 -40.08 -9.19
C LEU A 632 1.79 -40.45 -10.53
N SER A 633 1.06 -41.25 -11.32
CA SER A 633 1.54 -41.61 -12.65
C SER A 633 0.30 -41.92 -13.51
N MET A 634 0.00 -41.02 -14.44
CA MET A 634 -1.11 -41.19 -15.36
C MET A 634 -0.75 -40.62 -16.72
N ASP A 635 -1.47 -41.09 -17.74
CA ASP A 635 -1.39 -40.52 -19.09
C ASP A 635 -2.81 -40.11 -19.47
N ILE A 636 -3.18 -38.90 -19.06
CA ILE A 636 -4.54 -38.40 -19.25
C ILE A 636 -4.64 -37.87 -20.68
N ASP A 637 -5.55 -38.45 -21.45
CA ASP A 637 -5.67 -38.15 -22.87
C ASP A 637 -7.01 -37.46 -23.12
N VAL A 638 -6.99 -36.13 -23.21
CA VAL A 638 -8.17 -35.36 -23.52
C VAL A 638 -8.28 -35.24 -25.03
N SER A 639 -9.46 -35.54 -25.55
CA SER A 639 -9.69 -35.48 -26.99
C SER A 639 -11.17 -35.35 -27.25
N TYR A 640 -11.51 -34.56 -28.26
CA TYR A 640 -12.90 -34.43 -28.66
C TYR A 640 -13.44 -35.78 -29.10
N LYS A 641 -14.77 -35.86 -29.21
CA LYS A 641 -15.37 -37.11 -29.66
C LYS A 641 -15.21 -37.26 -31.16
N HIS A 642 -15.82 -36.37 -31.95
CA HIS A 642 -15.72 -36.43 -33.40
C HIS A 642 -14.67 -35.43 -33.91
N LYS A 643 -13.46 -35.52 -33.38
CA LYS A 643 -12.36 -34.66 -33.79
C LYS A 643 -11.05 -35.36 -33.46
N GLY A 644 -9.96 -34.60 -33.50
CA GLY A 644 -8.66 -35.16 -33.19
C GLY A 644 -8.28 -34.96 -31.73
N ALA A 645 -7.15 -35.57 -31.36
CA ALA A 645 -6.67 -35.49 -29.98
C ALA A 645 -6.34 -34.05 -29.61
N LEU A 646 -6.82 -33.62 -28.43
CA LEU A 646 -6.63 -32.24 -28.01
C LEU A 646 -5.23 -32.00 -27.48
N HIS A 647 -4.87 -32.65 -26.37
CA HIS A 647 -3.54 -32.49 -25.79
C HIS A 647 -3.25 -33.64 -24.83
N ASN A 648 -2.26 -34.46 -25.15
CA ASN A 648 -1.90 -35.56 -24.28
C ASN A 648 -1.24 -35.02 -23.01
N TYR A 649 -1.75 -35.47 -21.86
CA TYR A 649 -1.22 -35.07 -20.57
C TYR A 649 -0.49 -36.25 -19.95
N LYS A 650 0.83 -36.12 -19.83
CA LYS A 650 1.64 -37.14 -19.18
C LYS A 650 1.87 -36.70 -17.74
N MET A 651 1.10 -37.27 -16.82
CA MET A 651 1.12 -36.85 -15.43
C MET A 651 2.21 -37.61 -14.68
N THR A 652 3.05 -36.88 -13.97
CA THR A 652 4.03 -37.41 -13.03
C THR A 652 4.52 -36.27 -12.17
N ASP A 653 5.25 -36.59 -11.10
CA ASP A 653 5.73 -35.54 -10.20
C ASP A 653 6.73 -34.61 -10.89
N LYS A 654 7.27 -35.00 -12.04
CA LYS A 654 8.09 -34.08 -12.82
C LYS A 654 7.26 -32.90 -13.31
N ASN A 655 6.25 -33.16 -14.12
CA ASN A 655 5.25 -32.17 -14.48
C ASN A 655 3.89 -32.66 -14.01
N PHE A 656 3.38 -32.03 -12.96
CA PHE A 656 2.11 -32.45 -12.38
C PHE A 656 1.08 -31.35 -12.36
N LEU A 657 1.31 -30.25 -13.06
CA LEU A 657 0.40 -29.09 -13.08
C LEU A 657 0.15 -28.63 -14.51
N GLY A 658 -0.24 -29.55 -15.39
CA GLY A 658 -0.39 -29.22 -16.79
C GLY A 658 -1.21 -27.96 -17.00
N ARG A 659 -0.64 -27.05 -17.80
CA ARG A 659 -1.24 -25.74 -17.99
C ARG A 659 -2.59 -25.86 -18.69
N PRO A 660 -3.42 -24.82 -18.64
CA PRO A 660 -4.71 -24.87 -19.33
C PRO A 660 -4.57 -25.07 -20.82
N VAL A 661 -5.65 -25.51 -21.46
CA VAL A 661 -5.70 -25.68 -22.91
C VAL A 661 -7.05 -25.21 -23.41
N GLU A 662 -7.06 -24.08 -24.10
CA GLU A 662 -8.30 -23.54 -24.64
C GLU A 662 -8.92 -24.55 -25.61
N VAL A 663 -10.07 -25.09 -25.24
CA VAL A 663 -10.81 -26.02 -26.08
C VAL A 663 -11.44 -25.20 -27.19
N LEU A 664 -10.83 -25.25 -28.38
CA LEU A 664 -11.24 -24.42 -29.50
C LEU A 664 -12.45 -24.99 -30.24
N LEU A 665 -12.34 -26.22 -30.76
CA LEU A 665 -13.41 -26.77 -31.59
C LEU A 665 -14.68 -26.97 -30.77
N ASN A 666 -15.82 -26.87 -31.45
CA ASN A 666 -17.11 -26.80 -30.80
C ASN A 666 -17.80 -28.16 -30.67
N ASP A 667 -17.03 -29.23 -30.55
CA ASP A 667 -17.59 -30.57 -30.40
C ASP A 667 -17.57 -30.97 -28.93
N ASP A 668 -18.12 -32.14 -28.67
CA ASP A 668 -18.12 -32.70 -27.32
C ASP A 668 -16.69 -32.99 -26.88
N LEU A 669 -16.48 -33.05 -25.57
CA LEU A 669 -15.15 -33.30 -25.02
C LEU A 669 -15.15 -34.60 -24.23
N ILE A 670 -14.04 -35.32 -24.31
CA ILE A 670 -13.89 -36.60 -23.63
C ILE A 670 -12.49 -36.70 -23.05
N VAL A 671 -12.41 -36.88 -21.73
CA VAL A 671 -11.15 -37.08 -21.03
C VAL A 671 -11.07 -38.57 -20.71
N SER A 672 -9.89 -39.15 -20.88
CA SER A 672 -9.69 -40.57 -20.63
C SER A 672 -8.27 -40.79 -20.13
N THR A 673 -8.09 -41.90 -19.41
CA THR A 673 -6.79 -42.25 -18.85
C THR A 673 -6.58 -43.74 -18.95
N GLY A 674 -5.32 -44.15 -18.97
CA GLY A 674 -4.94 -45.54 -18.93
C GLY A 674 -4.82 -46.04 -17.51
N PHE A 675 -4.43 -47.30 -17.37
CA PHE A 675 -4.25 -47.87 -16.04
C PHE A 675 -3.01 -47.30 -15.38
N GLY A 676 -3.20 -46.63 -14.26
CA GLY A 676 -2.09 -45.99 -13.56
C GLY A 676 -2.39 -45.83 -12.08
N SER A 677 -1.52 -45.10 -11.42
CA SER A 677 -1.65 -44.78 -10.01
C SER A 677 -1.64 -43.28 -9.84
N GLY A 678 -2.57 -42.77 -9.06
CA GLY A 678 -2.69 -41.35 -8.79
C GLY A 678 -4.11 -40.96 -8.53
N LEU A 679 -4.33 -39.66 -8.37
CA LEU A 679 -5.68 -39.14 -8.15
C LEU A 679 -5.72 -37.74 -8.76
N ALA A 680 -6.12 -37.66 -10.02
CA ALA A 680 -6.08 -36.41 -10.77
C ALA A 680 -7.49 -35.91 -11.04
N THR A 681 -7.64 -34.59 -10.99
CA THR A 681 -8.93 -33.93 -11.11
C THR A 681 -8.94 -33.04 -12.35
N VAL A 682 -10.00 -33.15 -13.14
CA VAL A 682 -10.10 -32.48 -14.42
C VAL A 682 -11.22 -31.46 -14.34
N HIS A 683 -10.87 -30.18 -14.35
CA HIS A 683 -11.84 -29.10 -14.28
C HIS A 683 -11.95 -28.43 -15.64
N VAL A 684 -13.19 -28.27 -16.12
CA VAL A 684 -13.48 -27.52 -17.34
C VAL A 684 -14.31 -26.32 -16.92
N THR A 685 -14.15 -25.21 -17.62
CA THR A 685 -14.76 -23.94 -17.23
C THR A 685 -15.44 -23.30 -18.42
N THR A 686 -16.76 -23.46 -18.51
CA THR A 686 -17.55 -22.91 -19.61
C THR A 686 -17.83 -21.44 -19.34
N VAL A 687 -17.55 -20.59 -20.32
CA VAL A 687 -17.74 -19.15 -20.19
C VAL A 687 -18.61 -18.66 -21.34
N VAL A 688 -19.91 -18.60 -21.12
CA VAL A 688 -20.86 -18.15 -22.12
C VAL A 688 -21.21 -16.69 -21.85
N HIS A 689 -21.77 -16.05 -22.86
CA HIS A 689 -22.23 -14.67 -22.75
C HIS A 689 -23.72 -14.61 -23.01
N LYS A 690 -24.52 -14.71 -21.95
CA LYS A 690 -25.97 -14.72 -22.07
C LYS A 690 -26.47 -13.35 -22.48
N THR A 691 -27.65 -13.33 -23.09
CA THR A 691 -28.27 -12.08 -23.52
C THR A 691 -29.31 -11.56 -22.55
N SER A 692 -29.96 -12.45 -21.79
CA SER A 692 -31.02 -12.04 -20.89
C SER A 692 -30.90 -12.81 -19.59
N THR A 693 -31.50 -12.25 -18.54
CA THR A 693 -31.36 -12.78 -17.20
C THR A 693 -32.71 -13.10 -16.55
N SER A 694 -33.77 -13.22 -17.35
CA SER A 694 -35.06 -13.60 -16.78
C SER A 694 -35.09 -15.09 -16.45
N GLU A 695 -34.24 -15.87 -17.10
CA GLU A 695 -34.20 -17.31 -16.91
C GLU A 695 -33.42 -17.73 -15.68
N GLU A 696 -33.13 -16.81 -14.77
CA GLU A 696 -32.45 -17.12 -13.53
C GLU A 696 -33.32 -16.74 -12.34
N VAL A 697 -33.24 -17.53 -11.28
CA VAL A 697 -33.89 -17.17 -10.03
C VAL A 697 -33.07 -16.07 -9.37
N CYS A 698 -33.58 -14.85 -9.39
CA CYS A 698 -32.86 -13.75 -8.78
C CYS A 698 -33.62 -13.29 -7.54
N SER A 699 -32.87 -12.98 -6.48
CA SER A 699 -33.44 -12.81 -5.15
C SER A 699 -33.50 -11.36 -4.70
N PHE A 700 -33.34 -10.39 -5.60
CA PHE A 700 -33.41 -8.99 -5.24
C PHE A 700 -34.36 -8.27 -6.19
N TYR A 701 -34.99 -7.21 -5.69
CA TYR A 701 -35.76 -6.31 -6.54
C TYR A 701 -34.87 -5.19 -7.03
N LEU A 702 -34.72 -5.06 -8.33
CA LEU A 702 -33.83 -4.06 -8.90
C LEU A 702 -34.58 -3.13 -9.83
N LYS A 703 -34.30 -1.84 -9.67
CA LYS A 703 -34.69 -0.86 -10.67
C LYS A 703 -33.61 0.20 -10.73
N ILE A 704 -33.27 0.62 -11.94
CA ILE A 704 -32.17 1.56 -12.15
C ILE A 704 -32.54 2.48 -13.31
N ASP A 705 -32.32 3.77 -13.13
CA ASP A 705 -32.64 4.76 -14.14
C ASP A 705 -31.45 5.66 -14.37
N THR A 706 -31.46 6.38 -15.48
CA THR A 706 -30.47 7.39 -15.78
C THR A 706 -31.19 8.74 -15.86
N GLN A 707 -31.37 9.35 -14.69
CA GLN A 707 -32.11 10.60 -14.63
C GLN A 707 -31.23 11.77 -15.07
N ASP A 708 -31.85 12.72 -15.77
CA ASP A 708 -31.17 13.91 -16.21
C ASP A 708 -31.16 14.93 -15.08
N ILE A 709 -30.05 15.66 -14.96
CA ILE A 709 -29.88 16.62 -13.88
C ILE A 709 -29.82 18.02 -14.49
N GLU A 710 -30.38 18.98 -13.77
CA GLU A 710 -30.40 20.36 -14.22
C GLU A 710 -29.23 21.13 -13.64
N ALA A 711 -29.13 21.18 -12.32
CA ALA A 711 -28.04 21.89 -11.64
C ALA A 711 -27.35 20.98 -10.63
N LYS A 723 -26.24 13.99 -16.62
CA LYS A 723 -27.01 12.81 -16.26
C LYS A 723 -26.66 12.35 -14.85
N ARG A 724 -27.50 11.49 -14.28
CA ARG A 724 -27.31 11.04 -12.91
C ARG A 724 -28.00 9.71 -12.72
N ILE A 725 -27.23 8.65 -12.53
CA ILE A 725 -27.74 7.31 -12.38
C ILE A 725 -28.39 7.18 -11.02
N VAL A 726 -29.61 6.67 -10.99
CA VAL A 726 -30.34 6.43 -9.75
C VAL A 726 -30.63 4.95 -9.68
N ALA A 727 -29.77 4.19 -9.02
CA ALA A 727 -29.87 2.74 -8.95
C ALA A 727 -30.27 2.34 -7.55
N CYS A 728 -31.28 1.47 -7.44
CA CYS A 728 -31.79 1.05 -6.15
C CYS A 728 -31.79 -0.47 -6.08
N ALA A 729 -32.29 -1.01 -4.97
CA ALA A 729 -32.31 -2.44 -4.74
C ALA A 729 -33.16 -2.76 -3.51
N SER A 730 -33.49 -4.03 -3.35
CA SER A 730 -34.26 -4.47 -2.21
C SER A 730 -34.19 -5.98 -2.11
N TYR A 731 -34.21 -6.49 -0.89
CA TYR A 731 -34.07 -7.93 -0.66
C TYR A 731 -35.42 -8.62 -0.76
N LYS A 732 -35.44 -9.77 -1.41
CA LYS A 732 -36.64 -10.60 -1.51
C LYS A 732 -36.49 -11.78 -0.57
N PRO A 733 -36.99 -11.71 0.65
CA PRO A 733 -36.77 -12.81 1.59
C PRO A 733 -37.47 -14.07 1.14
N SER A 734 -36.71 -15.16 1.10
CA SER A 734 -37.23 -16.45 0.66
C SER A 734 -38.05 -17.09 1.78
N ARG A 735 -38.35 -18.37 1.62
CA ARG A 735 -39.15 -19.08 2.61
C ARG A 735 -38.52 -19.01 4.00
N GLU A 736 -39.36 -18.93 5.01
CA GLU A 736 -39.00 -19.03 6.42
C GLU A 736 -37.86 -18.11 6.82
N GLU A 737 -37.75 -16.93 6.20
CA GLU A 737 -36.71 -15.97 6.54
C GLU A 737 -37.30 -14.77 7.28
N SER A 738 -36.42 -13.92 7.79
CA SER A 738 -36.85 -12.72 8.48
C SER A 738 -36.83 -11.53 7.51
N SER A 739 -37.22 -10.37 8.03
CA SER A 739 -37.27 -9.14 7.25
C SER A 739 -36.13 -8.19 7.56
N SER A 740 -35.02 -8.71 8.09
CA SER A 740 -33.92 -7.84 8.52
C SER A 740 -33.05 -7.38 7.36
N GLY A 741 -33.33 -7.80 6.15
CA GLY A 741 -32.56 -7.42 4.99
C GLY A 741 -31.44 -8.41 4.71
N SER A 742 -30.67 -8.11 3.67
CA SER A 742 -29.64 -9.04 3.23
C SER A 742 -28.45 -9.01 4.17
N SER A 743 -27.53 -9.94 3.95
CA SER A 743 -26.23 -9.88 4.59
C SER A 743 -25.38 -8.87 3.84
N HIS A 744 -24.09 -8.85 4.13
CA HIS A 744 -23.16 -8.04 3.36
C HIS A 744 -23.39 -8.27 1.88
N ALA A 745 -23.86 -7.24 1.19
CA ALA A 745 -24.18 -7.30 -0.23
C ALA A 745 -23.17 -6.51 -1.02
N VAL A 746 -23.20 -6.65 -2.33
CA VAL A 746 -22.24 -5.99 -3.22
C VAL A 746 -22.98 -5.50 -4.46
N MET A 747 -23.19 -4.20 -4.55
CA MET A 747 -23.93 -3.61 -5.65
C MET A 747 -22.96 -3.27 -6.77
N ASP A 748 -22.94 -4.08 -7.81
CA ASP A 748 -22.03 -3.89 -8.93
C ASP A 748 -22.79 -3.22 -10.07
N ILE A 749 -22.38 -2.02 -10.44
CA ILE A 749 -23.05 -1.23 -11.45
C ILE A 749 -22.10 -1.04 -12.61
N SER A 750 -22.16 -1.91 -13.60
CA SER A 750 -21.28 -1.77 -14.76
C SER A 750 -21.61 -0.48 -15.50
N LEU A 751 -20.61 0.15 -16.06
CA LEU A 751 -21.01 1.38 -16.73
C LEU A 751 -20.95 1.19 -18.24
N PRO A 752 -21.91 1.76 -18.97
CA PRO A 752 -21.86 1.67 -20.43
C PRO A 752 -20.58 2.25 -20.97
N THR A 753 -20.31 1.98 -22.24
CA THR A 753 -19.08 2.43 -22.86
C THR A 753 -19.01 3.94 -22.88
N GLY A 754 -17.87 4.50 -22.48
CA GLY A 754 -17.68 5.93 -22.52
C GLY A 754 -18.43 6.69 -21.45
N ILE A 755 -18.91 6.03 -20.40
CA ILE A 755 -19.51 6.68 -19.26
C ILE A 755 -18.56 6.50 -18.08
N SER A 756 -18.48 7.50 -17.22
CA SER A 756 -17.60 7.47 -16.06
C SER A 756 -18.27 8.12 -14.87
N ALA A 757 -18.29 7.42 -13.75
CA ALA A 757 -18.96 7.91 -12.55
C ALA A 757 -18.19 9.04 -11.93
N ASN A 758 -18.92 9.99 -11.36
CA ASN A 758 -18.31 11.12 -10.66
C ASN A 758 -17.94 10.66 -9.25
N GLU A 759 -16.65 10.40 -9.04
CA GLU A 759 -16.20 9.74 -7.82
C GLU A 759 -16.50 10.56 -6.56
N GLU A 760 -16.72 11.86 -6.69
CA GLU A 760 -16.96 12.67 -5.50
C GLU A 760 -18.32 12.35 -4.87
N ASP A 761 -19.31 11.99 -5.68
CA ASP A 761 -20.60 11.60 -5.11
C ASP A 761 -20.49 10.28 -4.36
N LEU A 762 -19.79 9.31 -4.93
CA LEU A 762 -19.57 8.06 -4.22
C LEU A 762 -18.83 8.30 -2.91
N LYS A 763 -17.79 9.14 -2.94
CA LYS A 763 -17.10 9.49 -1.72
C LYS A 763 -18.05 10.09 -0.70
N ALA A 764 -18.90 11.03 -1.13
CA ALA A 764 -19.86 11.64 -0.22
C ALA A 764 -20.85 10.62 0.33
N LEU A 765 -21.08 9.53 -0.39
CA LEU A 765 -21.90 8.44 0.12
C LEU A 765 -21.18 7.60 1.16
N VAL A 766 -19.90 7.28 0.95
CA VAL A 766 -19.19 6.36 1.84
C VAL A 766 -18.49 7.09 2.98
N GLU A 767 -17.95 8.28 2.72
CA GLU A 767 -17.07 8.93 3.68
C GLU A 767 -17.77 9.36 4.95
N GLY A 768 -18.95 9.98 4.85
CA GLY A 768 -19.60 10.55 6.01
C GLY A 768 -19.90 9.55 7.10
N VAL A 769 -20.32 10.07 8.25
CA VAL A 769 -20.73 9.20 9.36
C VAL A 769 -22.18 8.78 9.18
N ASP A 770 -22.92 9.47 8.30
CA ASP A 770 -24.24 9.04 7.87
C ASP A 770 -24.17 8.05 6.71
N GLN A 771 -23.03 7.39 6.55
CA GLN A 771 -22.74 6.66 5.32
C GLN A 771 -23.82 5.65 5.00
N LEU A 772 -24.07 5.49 3.70
CA LEU A 772 -24.96 4.46 3.19
C LEU A 772 -24.21 3.21 2.78
N PHE A 773 -23.23 3.38 1.90
CA PHE A 773 -22.39 2.30 1.39
C PHE A 773 -21.06 2.33 2.11
N THR A 774 -20.63 1.16 2.57
CA THR A 774 -19.46 1.05 3.42
C THR A 774 -18.16 0.98 2.64
N ASP A 775 -18.22 0.82 1.33
CA ASP A 775 -17.02 0.93 0.51
C ASP A 775 -17.45 1.22 -0.91
N TYR A 776 -16.49 1.50 -1.77
CA TYR A 776 -16.73 1.69 -3.19
C TYR A 776 -15.40 1.55 -3.91
N GLN A 777 -15.48 1.34 -5.22
CA GLN A 777 -14.27 1.35 -6.05
C GLN A 777 -14.70 1.33 -7.51
N ILE A 778 -14.02 2.14 -8.31
CA ILE A 778 -14.28 2.22 -9.74
C ILE A 778 -13.07 1.60 -10.44
N LYS A 779 -13.17 0.31 -10.73
CA LYS A 779 -12.09 -0.42 -11.41
C LYS A 779 -12.55 -0.83 -12.79
N ASP A 780 -11.80 -0.44 -13.81
CA ASP A 780 -12.02 -0.90 -15.18
C ASP A 780 -13.47 -0.72 -15.61
N GLY A 781 -14.00 0.48 -15.38
CA GLY A 781 -15.34 0.80 -15.83
C GLY A 781 -16.46 0.13 -15.07
N HIS A 782 -16.19 -0.45 -13.91
CA HIS A 782 -17.23 -0.93 -13.02
C HIS A 782 -17.37 0.05 -11.87
N VAL A 783 -18.44 -0.10 -11.09
CA VAL A 783 -18.64 0.66 -9.87
C VAL A 783 -19.13 -0.33 -8.83
N ILE A 784 -18.23 -0.81 -7.97
CA ILE A 784 -18.54 -1.90 -7.05
C ILE A 784 -18.73 -1.32 -5.67
N LEU A 785 -19.96 -0.95 -5.33
CA LEU A 785 -20.30 -0.50 -3.99
C LEU A 785 -20.58 -1.71 -3.12
N GLN A 786 -20.29 -1.60 -1.84
CA GLN A 786 -20.63 -2.65 -0.89
C GLN A 786 -21.56 -2.09 0.16
N LEU A 787 -21.96 -2.95 1.10
CA LEU A 787 -23.04 -2.63 2.01
C LEU A 787 -22.99 -3.56 3.20
N ASN A 788 -23.70 -3.18 4.27
CA ASN A 788 -23.87 -4.10 5.37
C ASN A 788 -25.17 -4.87 5.25
N SER A 789 -26.16 -4.28 4.56
CA SER A 789 -27.45 -4.91 4.35
C SER A 789 -28.22 -4.11 3.32
N ILE A 790 -29.11 -4.78 2.60
CA ILE A 790 -30.09 -4.14 1.75
C ILE A 790 -31.47 -4.42 2.32
N PRO A 791 -32.30 -3.42 2.54
CA PRO A 791 -33.53 -3.65 3.30
C PRO A 791 -34.59 -4.37 2.47
N SER A 792 -35.34 -5.23 3.14
CA SER A 792 -36.44 -5.93 2.51
C SER A 792 -37.73 -5.16 2.53
N SER A 793 -37.89 -4.24 3.48
CA SER A 793 -39.13 -3.48 3.59
C SER A 793 -39.26 -2.47 2.45
N ASP A 794 -38.19 -1.72 2.17
CA ASP A 794 -38.24 -0.68 1.15
C ASP A 794 -36.89 -0.59 0.46
N PHE A 795 -36.84 0.18 -0.62
CA PHE A 795 -35.68 0.22 -1.48
C PHE A 795 -34.50 0.92 -0.82
N LEU A 796 -33.40 1.02 -1.56
CA LEU A 796 -32.18 1.68 -1.13
C LEU A 796 -31.48 2.21 -2.37
N CYS A 797 -31.50 3.52 -2.55
CA CYS A 797 -31.14 4.13 -3.83
C CYS A 797 -29.78 4.82 -3.74
N VAL A 798 -28.88 4.49 -4.66
CA VAL A 798 -27.62 5.18 -4.81
C VAL A 798 -27.71 6.11 -6.01
N ARG A 799 -27.34 7.37 -5.81
CA ARG A 799 -27.35 8.37 -6.88
C ARG A 799 -25.96 8.94 -7.04
N PHE A 800 -25.40 8.80 -8.23
CA PHE A 800 -24.08 9.38 -8.49
C PHE A 800 -24.05 9.89 -9.93
N ARG A 801 -23.60 11.12 -10.11
CA ARG A 801 -23.58 11.71 -11.43
C ARG A 801 -22.59 10.97 -12.33
N ILE A 802 -22.95 10.88 -13.61
CA ILE A 802 -22.06 10.32 -14.63
C ILE A 802 -21.87 11.38 -15.70
N PHE A 803 -20.74 11.31 -16.39
CA PHE A 803 -20.48 12.24 -17.47
C PHE A 803 -19.86 11.51 -18.64
N GLU A 804 -20.35 11.82 -19.83
CA GLU A 804 -19.90 11.20 -21.06
C GLU A 804 -18.41 11.48 -21.26
N LEU A 805 -17.60 10.43 -21.21
CA LEU A 805 -16.16 10.60 -21.34
C LEU A 805 -15.77 10.76 -22.81
N PHE A 806 -16.52 10.14 -23.71
CA PHE A 806 -16.41 10.38 -25.14
C PHE A 806 -17.66 9.87 -25.82
N GLU A 807 -17.87 10.28 -27.06
CA GLU A 807 -19.11 9.95 -27.75
C GLU A 807 -19.05 8.53 -28.32
N VAL A 808 -20.06 7.74 -27.99
CA VAL A 808 -20.21 6.39 -28.53
C VAL A 808 -21.63 6.24 -29.06
N GLY A 809 -21.76 5.70 -30.26
CA GLY A 809 -23.06 5.44 -30.85
C GLY A 809 -23.39 3.97 -30.78
N PHE A 810 -24.68 3.67 -30.91
CA PHE A 810 -25.16 2.29 -30.89
C PHE A 810 -24.87 1.64 -29.55
N LEU A 811 -25.09 2.41 -28.48
CA LEU A 811 -24.75 1.96 -27.14
C LEU A 811 -25.45 0.67 -26.80
N SER A 812 -24.69 -0.30 -26.29
CA SER A 812 -25.29 -1.54 -25.85
C SER A 812 -25.49 -1.53 -24.35
N PRO A 813 -26.63 -2.00 -23.86
CA PRO A 813 -26.91 -1.93 -22.43
C PRO A 813 -25.86 -2.67 -21.61
N ALA A 814 -25.51 -2.08 -20.48
CA ALA A 814 -24.59 -2.70 -19.54
C ALA A 814 -25.36 -3.11 -18.29
N THR A 815 -24.76 -4.01 -17.52
CA THR A 815 -25.47 -4.69 -16.46
C THR A 815 -25.45 -3.88 -15.16
N PHE A 816 -26.29 -4.29 -14.22
CA PHE A 816 -26.32 -3.77 -12.87
C PHE A 816 -26.66 -4.92 -11.94
N THR A 817 -25.64 -5.51 -11.33
CA THR A 817 -25.78 -6.72 -10.53
C THR A 817 -25.72 -6.37 -9.05
N VAL A 818 -26.60 -6.96 -8.27
CA VAL A 818 -26.44 -6.94 -6.83
C VAL A 818 -26.48 -8.36 -6.34
N TYR A 819 -25.53 -8.72 -5.50
CA TYR A 819 -25.50 -10.04 -4.92
C TYR A 819 -25.07 -9.93 -3.47
N GLU A 820 -25.30 -10.99 -2.72
CA GLU A 820 -24.73 -11.07 -1.39
C GLU A 820 -23.25 -11.37 -1.55
N TYR A 821 -22.49 -11.21 -0.48
CA TYR A 821 -21.04 -11.41 -0.61
C TYR A 821 -20.66 -12.81 -0.16
N HIS A 822 -21.32 -13.31 0.87
CA HIS A 822 -21.08 -14.66 1.34
C HIS A 822 -22.06 -15.65 0.74
N ARG A 823 -22.76 -15.27 -0.33
CA ARG A 823 -23.72 -16.12 -1.02
C ARG A 823 -23.93 -15.58 -2.42
N PRO A 824 -22.90 -15.63 -3.27
CA PRO A 824 -23.00 -14.95 -4.56
C PRO A 824 -24.07 -15.49 -5.48
N ASP A 825 -24.87 -16.46 -5.03
CA ASP A 825 -26.00 -16.93 -5.82
C ASP A 825 -27.27 -16.15 -5.53
N LYS A 826 -27.39 -15.55 -4.35
CA LYS A 826 -28.51 -14.67 -4.04
C LYS A 826 -28.27 -13.36 -4.77
N GLN A 827 -28.49 -13.37 -6.08
CA GLN A 827 -28.13 -12.23 -6.91
C GLN A 827 -29.34 -11.79 -7.70
N CYS A 828 -29.18 -10.71 -8.47
CA CYS A 828 -30.13 -10.34 -9.51
C CYS A 828 -29.41 -9.41 -10.47
N THR A 829 -29.64 -9.58 -11.76
CA THR A 829 -28.99 -8.78 -12.78
C THR A 829 -30.06 -8.00 -13.55
N MET A 830 -29.68 -6.84 -14.05
CA MET A 830 -30.61 -5.99 -14.77
C MET A 830 -29.83 -5.18 -15.80
N PHE A 831 -30.37 -5.08 -17.00
CA PHE A 831 -29.75 -4.30 -18.05
C PHE A 831 -30.31 -2.89 -18.07
N TYR A 832 -29.48 -1.93 -18.42
CA TYR A 832 -29.88 -0.53 -18.44
C TYR A 832 -28.95 0.21 -19.37
N SER A 833 -29.51 1.20 -20.07
CA SER A 833 -28.75 2.03 -20.99
C SER A 833 -28.94 3.48 -20.61
N THR A 834 -27.91 4.29 -20.84
CA THR A 834 -28.00 5.71 -20.56
C THR A 834 -28.47 6.52 -21.75
N SER A 835 -29.00 5.88 -22.80
CA SER A 835 -29.49 6.57 -23.97
C SER A 835 -30.92 6.13 -24.26
N ASN A 836 -31.86 7.07 -24.12
CA ASN A 836 -33.23 6.86 -24.57
C ASN A 836 -33.40 7.22 -26.04
N ILE A 837 -32.32 7.22 -26.82
CA ILE A 837 -32.36 7.59 -28.22
C ILE A 837 -33.41 6.76 -28.93
N LYS A 838 -34.15 7.39 -29.85
CA LYS A 838 -35.35 6.80 -30.42
C LYS A 838 -35.01 5.61 -31.32
N ILE A 839 -36.05 5.02 -31.91
CA ILE A 839 -35.94 3.77 -32.65
C ILE A 839 -34.98 3.94 -33.82
N GLN A 840 -34.49 2.83 -34.37
CA GLN A 840 -33.45 2.85 -35.39
C GLN A 840 -33.98 2.32 -36.72
N LYS A 841 -35.16 2.84 -37.14
CA LYS A 841 -35.77 2.40 -38.39
C LYS A 841 -34.79 2.46 -39.55
N VAL A 842 -33.94 3.49 -39.60
CA VAL A 842 -33.03 3.68 -40.72
C VAL A 842 -31.81 4.45 -40.20
N CYS A 843 -30.68 4.27 -40.89
CA CYS A 843 -29.44 4.96 -40.55
C CYS A 843 -29.19 6.19 -41.41
N GLU A 844 -30.07 6.47 -42.38
CA GLU A 844 -30.05 7.70 -43.16
C GLU A 844 -28.76 7.92 -43.93
N GLY A 845 -28.46 7.03 -44.88
CA GLY A 845 -27.48 7.33 -45.91
C GLY A 845 -26.03 7.05 -45.60
N ALA A 846 -25.19 8.08 -45.69
CA ALA A 846 -23.74 7.94 -45.65
C ALA A 846 -23.29 7.66 -44.22
N ALA A 847 -21.98 7.41 -44.05
CA ALA A 847 -21.40 7.04 -42.74
C ALA A 847 -22.13 5.84 -42.15
N CYS A 848 -22.52 4.91 -43.01
CA CYS A 848 -23.27 3.74 -42.58
C CYS A 848 -22.56 2.45 -42.97
N LYS A 849 -21.61 2.54 -43.92
CA LYS A 849 -20.94 1.36 -44.43
C LYS A 849 -20.28 0.54 -43.32
N CYS A 850 -20.01 1.14 -42.17
CA CYS A 850 -19.55 0.36 -41.03
C CYS A 850 -20.70 -0.16 -40.18
N VAL A 851 -21.79 0.62 -40.10
CA VAL A 851 -22.95 0.20 -39.31
C VAL A 851 -23.50 -1.13 -39.80
N GLU A 852 -23.94 -1.16 -41.06
CA GLU A 852 -24.52 -2.38 -41.64
C GLU A 852 -23.47 -3.31 -42.20
N ALA A 853 -22.19 -3.07 -41.88
CA ALA A 853 -21.11 -3.87 -42.46
C ALA A 853 -21.33 -5.36 -42.24
N ASP A 854 -21.87 -5.73 -41.08
CA ASP A 854 -22.06 -7.13 -40.73
C ASP A 854 -23.49 -7.44 -40.29
N CYS A 855 -24.48 -6.96 -41.04
CA CYS A 855 -25.87 -7.31 -40.79
C CYS A 855 -26.52 -7.79 -42.08
N GLY A 856 -27.74 -8.31 -41.95
CA GLY A 856 -28.50 -8.74 -43.10
C GLY A 856 -29.34 -7.63 -43.70
N GLN A 857 -29.49 -7.69 -45.01
CA GLN A 857 -30.17 -6.64 -45.76
C GLN A 857 -31.34 -7.26 -46.52
N MET A 858 -32.55 -6.82 -46.20
CA MET A 858 -33.74 -7.36 -46.84
C MET A 858 -33.85 -6.86 -48.28
N GLN A 859 -34.24 -7.76 -49.18
CA GLN A 859 -34.45 -7.38 -50.56
C GLN A 859 -35.67 -6.48 -50.68
N GLU A 860 -35.71 -5.70 -51.76
CA GLU A 860 -36.77 -4.72 -51.95
C GLU A 860 -38.11 -5.45 -52.13
N GLU A 861 -39.18 -4.84 -51.61
CA GLU A 861 -40.48 -5.48 -51.58
C GLU A 861 -41.02 -5.68 -53.00
N LEU A 862 -41.23 -6.94 -53.38
CA LEU A 862 -41.79 -7.29 -54.68
C LEU A 862 -40.95 -6.78 -55.83
N ASP A 863 -39.67 -7.17 -55.84
CA ASP A 863 -38.76 -6.81 -56.93
C ASP A 863 -38.94 -7.80 -58.07
N LEU A 864 -39.06 -7.28 -59.30
CA LEU A 864 -39.20 -8.13 -60.48
C LEU A 864 -37.90 -8.28 -61.26
N THR A 865 -36.88 -7.49 -60.92
CA THR A 865 -35.59 -7.59 -61.58
C THR A 865 -34.84 -8.87 -61.25
N ILE A 866 -35.33 -9.67 -60.32
CA ILE A 866 -34.66 -10.90 -59.95
C ILE A 866 -34.70 -11.87 -61.12
N SER A 867 -33.55 -12.51 -61.39
CA SER A 867 -33.40 -13.41 -62.53
C SER A 867 -33.76 -14.85 -62.20
N ALA A 868 -34.02 -15.14 -60.92
CA ALA A 868 -34.40 -16.46 -60.44
C ALA A 868 -33.28 -17.49 -60.62
N GLU A 869 -32.13 -17.05 -61.13
CA GLU A 869 -30.95 -17.90 -61.23
C GLU A 869 -30.05 -17.78 -60.03
N THR A 870 -29.95 -16.56 -59.46
CA THR A 870 -29.29 -16.40 -58.18
C THR A 870 -29.93 -17.25 -57.10
N ARG A 871 -31.24 -17.43 -57.13
CA ARG A 871 -31.90 -18.37 -56.23
C ARG A 871 -31.45 -19.80 -56.46
N LYS A 872 -31.20 -20.18 -57.70
CA LYS A 872 -30.66 -21.51 -58.01
C LYS A 872 -29.26 -21.68 -57.43
N GLN A 873 -28.38 -20.68 -57.64
CA GLN A 873 -26.97 -20.89 -57.28
C GLN A 873 -26.73 -20.69 -55.79
N THR A 874 -27.44 -19.77 -55.13
CA THR A 874 -27.25 -19.58 -53.70
C THR A 874 -27.78 -20.77 -52.89
N ALA A 875 -28.77 -21.48 -53.43
CA ALA A 875 -29.34 -22.60 -52.69
C ALA A 875 -28.38 -23.78 -52.64
N CYS A 876 -27.64 -24.02 -53.71
CA CYS A 876 -26.78 -25.19 -53.82
C CYS A 876 -25.36 -24.96 -53.30
N LYS A 877 -25.09 -23.82 -52.66
CA LYS A 877 -23.75 -23.60 -52.11
C LYS A 877 -23.53 -24.50 -50.90
N PRO A 878 -22.37 -25.14 -50.78
CA PRO A 878 -22.12 -25.96 -49.58
C PRO A 878 -22.02 -25.15 -48.30
N GLU A 879 -21.74 -23.85 -48.38
CA GLU A 879 -21.56 -23.06 -47.17
C GLU A 879 -22.91 -22.71 -46.53
N ILE A 880 -23.94 -22.52 -47.35
CA ILE A 880 -25.27 -22.19 -46.83
C ILE A 880 -25.88 -23.48 -46.28
N ALA A 881 -26.42 -23.41 -45.06
CA ALA A 881 -26.88 -24.61 -44.38
C ALA A 881 -28.38 -24.82 -44.54
N TYR A 882 -29.18 -23.83 -44.17
CA TYR A 882 -30.63 -23.97 -44.16
C TYR A 882 -31.26 -23.10 -45.24
N ALA A 883 -32.40 -23.57 -45.74
CA ALA A 883 -33.16 -22.85 -46.76
C ALA A 883 -34.63 -23.24 -46.70
N TYR A 884 -35.46 -22.37 -46.13
CA TYR A 884 -36.89 -22.62 -46.07
C TYR A 884 -37.59 -21.31 -45.71
N LYS A 885 -38.89 -21.25 -46.01
CA LYS A 885 -39.69 -20.06 -45.78
C LYS A 885 -40.48 -20.21 -44.49
N VAL A 886 -40.62 -19.12 -43.75
CA VAL A 886 -41.36 -19.10 -42.50
C VAL A 886 -42.31 -17.90 -42.51
N SER A 887 -43.10 -17.80 -41.44
CA SER A 887 -44.00 -16.67 -41.23
C SER A 887 -43.83 -16.19 -39.80
N ILE A 888 -43.46 -14.92 -39.66
CA ILE A 888 -43.25 -14.34 -38.34
C ILE A 888 -44.57 -14.33 -37.57
N THR A 889 -44.53 -14.78 -36.32
CA THR A 889 -45.71 -14.79 -35.46
C THR A 889 -45.70 -13.68 -34.43
N SER A 890 -44.54 -13.32 -33.90
CA SER A 890 -44.45 -12.27 -32.90
C SER A 890 -43.04 -11.71 -32.88
N ILE A 891 -42.92 -10.45 -32.47
CA ILE A 891 -41.64 -9.79 -32.29
C ILE A 891 -41.46 -9.48 -30.81
N THR A 892 -40.28 -9.82 -30.29
CA THR A 892 -39.98 -9.60 -28.89
C THR A 892 -38.52 -9.18 -28.77
N VAL A 893 -38.28 -8.14 -27.96
CA VAL A 893 -36.97 -7.53 -27.81
C VAL A 893 -36.52 -7.72 -26.37
N GLU A 894 -35.23 -7.93 -26.16
CA GLU A 894 -34.63 -8.01 -24.83
C GLU A 894 -33.61 -6.88 -24.68
N ASN A 895 -33.87 -5.78 -25.38
CA ASN A 895 -33.19 -4.49 -25.32
C ASN A 895 -31.73 -4.56 -25.77
N VAL A 896 -31.27 -5.74 -26.15
CA VAL A 896 -29.97 -5.92 -26.80
C VAL A 896 -30.14 -6.42 -28.23
N PHE A 897 -30.87 -7.52 -28.40
CA PHE A 897 -31.28 -8.03 -29.70
C PHE A 897 -32.81 -8.06 -29.74
N VAL A 898 -33.35 -8.45 -30.89
CA VAL A 898 -34.76 -8.78 -31.03
C VAL A 898 -34.85 -10.23 -31.47
N LYS A 899 -35.80 -10.95 -30.89
CA LYS A 899 -36.02 -12.35 -31.20
C LYS A 899 -37.34 -12.51 -31.94
N TYR A 900 -37.28 -13.19 -33.07
CA TYR A 900 -38.44 -13.33 -33.96
C TYR A 900 -38.98 -14.75 -33.83
N LYS A 901 -40.19 -14.86 -33.27
CA LYS A 901 -40.86 -16.14 -33.15
C LYS A 901 -41.61 -16.43 -34.45
N ALA A 902 -41.29 -17.54 -35.09
CA ALA A 902 -41.89 -17.91 -36.37
C ALA A 902 -42.12 -19.40 -36.43
N THR A 903 -42.98 -19.81 -37.36
CA THR A 903 -43.29 -21.21 -37.60
C THR A 903 -42.83 -21.59 -39.00
N LEU A 904 -42.41 -22.84 -39.17
CA LEU A 904 -41.85 -23.30 -40.43
C LEU A 904 -43.00 -23.68 -41.37
N LEU A 905 -43.15 -22.94 -42.46
CA LEU A 905 -44.22 -23.20 -43.42
C LEU A 905 -43.85 -24.32 -44.39
N ASP A 906 -42.81 -24.11 -45.19
CA ASP A 906 -42.38 -25.07 -46.19
C ASP A 906 -40.88 -25.27 -46.10
N ILE A 907 -40.45 -26.52 -46.02
CA ILE A 907 -39.03 -26.86 -45.97
C ILE A 907 -38.53 -27.06 -47.40
N TYR A 908 -37.33 -26.54 -47.67
CA TYR A 908 -36.75 -26.62 -49.01
C TYR A 908 -35.35 -27.22 -49.04
N LYS A 909 -34.54 -26.98 -48.02
CA LYS A 909 -33.18 -27.52 -47.97
C LYS A 909 -32.69 -27.49 -46.54
N THR A 910 -31.95 -28.53 -46.15
CA THR A 910 -31.38 -28.61 -44.80
C THR A 910 -30.14 -29.48 -44.88
N GLY A 911 -28.97 -28.87 -44.70
CA GLY A 911 -27.72 -29.60 -44.70
C GLY A 911 -27.46 -30.29 -43.37
N GLU A 912 -27.69 -29.57 -42.28
CA GLU A 912 -27.54 -30.13 -40.94
C GLU A 912 -28.80 -30.89 -40.56
N ALA A 913 -28.98 -31.18 -39.27
CA ALA A 913 -30.21 -31.82 -38.82
C ALA A 913 -31.42 -30.98 -39.21
N VAL A 914 -32.53 -31.66 -39.47
CA VAL A 914 -33.73 -31.05 -40.03
C VAL A 914 -34.60 -30.50 -38.93
N ALA A 915 -35.39 -29.48 -39.28
CA ALA A 915 -36.40 -28.93 -38.40
C ALA A 915 -37.77 -29.41 -38.86
N GLU A 916 -38.58 -29.85 -37.91
CA GLU A 916 -39.87 -30.45 -38.22
C GLU A 916 -40.81 -29.47 -38.90
N LYS A 917 -41.72 -30.00 -39.69
CA LYS A 917 -42.67 -29.18 -40.43
C LYS A 917 -43.70 -28.58 -39.48
N ASP A 918 -44.07 -27.32 -39.72
CA ASP A 918 -45.02 -26.57 -38.90
C ASP A 918 -44.57 -26.44 -37.46
N SER A 919 -43.26 -26.51 -37.21
CA SER A 919 -42.70 -26.31 -35.88
C SER A 919 -42.24 -24.87 -35.71
N GLU A 920 -42.07 -24.47 -34.45
CA GLU A 920 -41.70 -23.10 -34.14
C GLU A 920 -40.19 -22.94 -34.14
N ILE A 921 -39.69 -22.02 -34.96
CA ILE A 921 -38.28 -21.68 -35.03
C ILE A 921 -38.13 -20.21 -34.65
N THR A 922 -37.11 -19.89 -33.86
CA THR A 922 -36.88 -18.54 -33.37
C THR A 922 -35.77 -17.87 -34.16
N PHE A 923 -36.08 -16.72 -34.76
CA PHE A 923 -35.09 -15.92 -35.46
C PHE A 923 -34.61 -14.81 -34.56
N ILE A 924 -33.39 -14.33 -34.80
CA ILE A 924 -32.74 -13.35 -33.94
C ILE A 924 -31.91 -12.41 -34.80
N LYS A 925 -31.90 -11.13 -34.45
CA LYS A 925 -31.10 -10.13 -35.14
C LYS A 925 -30.84 -8.96 -34.21
N LYS A 926 -29.88 -8.12 -34.59
CA LYS A 926 -29.54 -6.95 -33.79
C LYS A 926 -30.62 -5.88 -33.91
N VAL A 927 -30.86 -5.16 -32.81
CA VAL A 927 -31.81 -4.05 -32.86
C VAL A 927 -31.26 -2.93 -33.73
N THR A 928 -29.95 -2.67 -33.66
CA THR A 928 -29.36 -1.60 -34.45
C THR A 928 -29.09 -2.09 -35.87
N CYS A 929 -30.12 -2.63 -36.52
CA CYS A 929 -30.05 -3.02 -37.92
C CYS A 929 -31.34 -2.56 -38.56
N THR A 930 -31.23 -1.81 -39.65
CA THR A 930 -32.35 -1.02 -40.15
C THR A 930 -33.11 -1.67 -41.29
N ASN A 931 -32.44 -2.00 -42.39
CA ASN A 931 -33.17 -2.45 -43.58
C ASN A 931 -33.69 -3.88 -43.44
N ALA A 932 -33.49 -4.54 -42.30
CA ALA A 932 -33.93 -5.92 -42.11
C ALA A 932 -35.13 -6.00 -41.17
N GLU A 933 -36.06 -5.05 -41.29
CA GLU A 933 -37.27 -5.07 -40.48
C GLU A 933 -38.16 -6.23 -40.90
N LEU A 934 -38.83 -6.85 -39.94
CA LEU A 934 -39.87 -7.84 -40.21
C LEU A 934 -41.17 -7.38 -39.60
N VAL A 935 -42.27 -7.64 -40.31
CA VAL A 935 -43.61 -7.28 -39.85
C VAL A 935 -44.31 -8.54 -39.38
N LYS A 936 -45.03 -8.43 -38.26
CA LYS A 936 -45.73 -9.58 -37.69
C LYS A 936 -46.75 -10.13 -38.66
N GLY A 937 -46.77 -11.45 -38.81
CA GLY A 937 -47.77 -12.13 -39.60
C GLY A 937 -47.45 -12.28 -41.07
N ARG A 938 -46.54 -11.47 -41.60
CA ARG A 938 -46.23 -11.51 -43.02
C ARG A 938 -45.28 -12.67 -43.34
N GLN A 939 -45.36 -13.15 -44.57
CA GLN A 939 -44.56 -14.28 -45.01
C GLN A 939 -43.30 -13.79 -45.72
N TYR A 940 -42.18 -14.44 -45.43
CA TYR A 940 -40.91 -14.11 -46.05
C TYR A 940 -40.19 -15.39 -46.41
N LEU A 941 -39.31 -15.30 -47.41
CA LEU A 941 -38.43 -16.42 -47.77
C LEU A 941 -37.05 -16.12 -47.20
N ILE A 942 -36.50 -17.07 -46.46
CA ILE A 942 -35.29 -16.85 -45.68
C ILE A 942 -34.27 -17.93 -46.00
N MET A 943 -33.03 -17.51 -46.27
CA MET A 943 -31.90 -18.40 -46.42
C MET A 943 -30.67 -17.75 -45.80
N GLY A 944 -29.89 -18.54 -45.07
CA GLY A 944 -28.71 -18.00 -44.43
C GLY A 944 -27.78 -19.10 -43.96
N LYS A 945 -26.80 -18.69 -43.16
CA LYS A 945 -25.74 -19.60 -42.73
C LYS A 945 -26.21 -20.52 -41.61
N GLU A 946 -25.26 -21.20 -40.96
CA GLU A 946 -25.52 -22.23 -39.98
C GLU A 946 -26.28 -21.70 -38.77
N ALA A 947 -26.68 -22.59 -37.87
CA ALA A 947 -27.50 -22.23 -36.72
C ALA A 947 -26.87 -22.85 -35.49
N LEU A 948 -27.60 -22.78 -34.37
CA LEU A 948 -27.18 -23.33 -33.10
C LEU A 948 -28.22 -24.32 -32.61
N GLN A 949 -27.77 -25.45 -32.06
CA GLN A 949 -28.64 -26.40 -31.39
C GLN A 949 -28.57 -26.12 -29.90
N ILE A 950 -29.71 -25.75 -29.32
CA ILE A 950 -29.80 -25.44 -27.89
C ILE A 950 -30.67 -26.50 -27.22
N LYS A 951 -30.28 -26.85 -25.99
CA LYS A 951 -31.00 -27.85 -25.21
C LYS A 951 -32.03 -27.12 -24.34
N TYR A 952 -33.29 -27.14 -24.76
CA TYR A 952 -34.35 -26.52 -23.97
C TYR A 952 -34.98 -27.51 -23.01
N ASN A 953 -34.14 -28.25 -22.29
CA ASN A 953 -34.51 -29.09 -21.16
C ASN A 953 -35.39 -30.27 -21.55
N PHE A 954 -35.86 -30.34 -22.80
CA PHE A 954 -36.61 -31.52 -23.24
C PHE A 954 -36.26 -31.98 -24.65
N SER A 955 -35.65 -31.14 -25.49
CA SER A 955 -35.39 -31.49 -26.87
C SER A 955 -34.55 -30.38 -27.50
N PHE A 956 -34.26 -30.55 -28.79
CA PHE A 956 -33.49 -29.59 -29.54
C PHE A 956 -34.32 -28.36 -29.88
N ARG A 957 -33.63 -27.26 -30.14
CA ARG A 957 -34.24 -26.02 -30.63
C ARG A 957 -33.18 -25.28 -31.43
N TYR A 958 -33.62 -24.60 -32.49
CA TYR A 958 -32.71 -23.96 -33.44
C TYR A 958 -32.95 -22.46 -33.45
N ILE A 959 -31.87 -21.68 -33.38
CA ILE A 959 -31.93 -20.23 -33.50
C ILE A 959 -31.13 -19.84 -34.74
N TYR A 960 -31.61 -18.81 -35.45
CA TYR A 960 -30.98 -18.39 -36.70
C TYR A 960 -30.71 -16.90 -36.66
N PRO A 961 -29.46 -16.45 -36.69
CA PRO A 961 -29.17 -15.02 -36.73
C PRO A 961 -29.39 -14.44 -38.12
N LEU A 962 -29.75 -13.16 -38.15
CA LEU A 962 -29.97 -12.42 -39.39
C LEU A 962 -28.82 -11.42 -39.54
N ASP A 963 -27.73 -11.87 -40.16
CA ASP A 963 -26.56 -11.02 -40.39
C ASP A 963 -26.21 -11.08 -41.86
N SER A 964 -25.01 -10.59 -42.22
CA SER A 964 -24.58 -10.63 -43.62
C SER A 964 -24.65 -12.05 -44.18
N LEU A 965 -24.84 -12.12 -45.50
CA LEU A 965 -24.90 -13.36 -46.26
C LEU A 965 -26.15 -14.18 -45.93
N THR A 966 -27.10 -13.62 -45.18
CA THR A 966 -28.39 -14.26 -44.94
C THR A 966 -29.41 -13.63 -45.89
N TRP A 967 -29.94 -14.45 -46.79
CA TRP A 967 -30.81 -13.98 -47.86
C TRP A 967 -32.25 -13.98 -47.37
N ILE A 968 -32.94 -12.86 -47.55
CA ILE A 968 -34.33 -12.71 -47.11
C ILE A 968 -35.09 -11.91 -48.15
N GLU A 969 -36.29 -12.41 -48.51
CA GLU A 969 -37.15 -11.74 -49.46
C GLU A 969 -38.57 -11.71 -48.92
N TYR A 970 -39.29 -10.62 -49.19
CA TYR A 970 -40.69 -10.54 -48.82
C TYR A 970 -41.54 -11.32 -49.82
N TRP A 971 -42.44 -12.14 -49.28
CA TRP A 971 -43.31 -12.99 -50.10
C TRP A 971 -44.76 -12.76 -49.68
N PRO A 972 -45.51 -11.98 -50.44
CA PRO A 972 -46.92 -11.76 -50.10
C PRO A 972 -47.75 -13.02 -50.35
N ARG A 973 -48.83 -13.14 -49.59
CA ARG A 973 -49.71 -14.29 -49.70
C ARG A 973 -50.80 -14.10 -50.75
N ASP A 974 -51.20 -12.86 -51.00
CA ASP A 974 -52.31 -12.59 -51.91
C ASP A 974 -51.85 -12.63 -53.37
N THR A 975 -52.74 -12.23 -54.29
CA THR A 975 -52.41 -12.21 -55.70
C THR A 975 -52.89 -10.92 -56.38
N THR A 976 -53.30 -9.92 -55.60
CA THR A 976 -53.82 -8.67 -56.13
C THR A 976 -52.73 -7.64 -56.38
N CYS A 977 -51.49 -8.09 -56.58
CA CYS A 977 -50.37 -7.21 -56.85
C CYS A 977 -50.33 -6.70 -58.29
N SER A 978 -50.82 -7.50 -59.24
CA SER A 978 -50.88 -7.17 -60.66
C SER A 978 -49.48 -7.10 -61.28
N SER A 979 -48.44 -7.26 -60.46
CA SER A 979 -47.08 -7.31 -60.96
C SER A 979 -46.24 -8.42 -60.35
N CYS A 980 -46.65 -9.02 -59.24
CA CYS A 980 -45.87 -10.08 -58.62
C CYS A 980 -46.32 -11.47 -59.02
N GLN A 981 -47.21 -11.59 -60.01
CA GLN A 981 -47.63 -12.91 -60.49
C GLN A 981 -46.44 -13.68 -61.04
N ALA A 982 -45.60 -13.00 -61.83
CA ALA A 982 -44.36 -13.63 -62.29
C ALA A 982 -43.37 -13.81 -61.15
N PHE A 983 -43.38 -12.87 -60.20
CA PHE A 983 -42.55 -12.97 -59.01
C PHE A 983 -42.87 -14.27 -58.26
N LEU A 984 -44.12 -14.42 -57.83
CA LEU A 984 -44.52 -15.63 -57.12
C LEU A 984 -44.35 -16.87 -58.00
N ALA A 985 -44.44 -16.71 -59.33
CA ALA A 985 -44.20 -17.83 -60.23
C ALA A 985 -42.77 -18.32 -60.11
N ASN A 986 -41.80 -17.41 -60.22
CA ASN A 986 -40.41 -17.78 -60.02
C ASN A 986 -40.18 -18.36 -58.63
N LEU A 987 -40.80 -17.75 -57.60
CA LEU A 987 -40.67 -18.26 -56.25
C LEU A 987 -41.13 -19.72 -56.15
N ASP A 988 -42.31 -20.02 -56.68
CA ASP A 988 -42.84 -21.37 -56.53
C ASP A 988 -42.10 -22.38 -57.39
N GLU A 989 -41.65 -21.99 -58.60
CA GLU A 989 -40.91 -22.95 -59.41
C GLU A 989 -39.56 -23.25 -58.77
N PHE A 990 -38.89 -22.23 -58.21
CA PHE A 990 -37.65 -22.47 -57.49
C PHE A 990 -37.90 -23.32 -56.25
N ALA A 991 -39.02 -23.09 -55.58
CA ALA A 991 -39.37 -23.88 -54.41
C ALA A 991 -39.58 -25.34 -54.77
N GLU A 992 -40.21 -25.63 -55.91
CA GLU A 992 -40.46 -27.02 -56.26
C GLU A 992 -39.21 -27.67 -56.88
N ASP A 993 -38.29 -26.89 -57.42
CA ASP A 993 -37.11 -27.50 -58.02
C ASP A 993 -35.92 -27.60 -57.07
N ILE A 994 -35.95 -26.91 -55.92
CA ILE A 994 -34.77 -26.87 -55.07
C ILE A 994 -34.48 -28.23 -54.45
N PHE A 995 -35.53 -28.97 -54.03
CA PHE A 995 -35.31 -30.12 -53.17
C PHE A 995 -35.04 -31.42 -53.91
N LEU A 996 -35.64 -31.62 -55.09
CA LEU A 996 -35.57 -32.93 -55.74
C LEU A 996 -34.27 -33.16 -56.50
N ASN A 997 -33.44 -32.13 -56.66
CA ASN A 997 -32.17 -32.27 -57.36
C ASN A 997 -30.98 -32.05 -56.43
N GLY A 998 -30.91 -30.91 -55.74
CA GLY A 998 -29.78 -30.61 -54.87
C GLY A 998 -28.48 -30.47 -55.65
N CYS A 999 -28.39 -29.42 -56.46
CA CYS A 999 -27.22 -29.24 -57.32
C CYS A 999 -25.96 -28.86 -56.55
N SER B 19 -34.37 -42.87 14.57
CA SER B 19 -35.61 -42.73 13.80
C SER B 19 -35.97 -44.01 13.08
N ASP B 20 -37.27 -44.18 12.82
CA ASP B 20 -37.78 -45.34 12.11
C ASP B 20 -38.05 -44.92 10.66
N CYS B 21 -37.97 -45.89 9.74
CA CYS B 21 -38.11 -45.60 8.33
C CYS B 21 -39.08 -46.52 7.60
N THR B 22 -40.21 -46.84 8.21
CA THR B 22 -41.37 -47.27 7.44
C THR B 22 -42.06 -46.02 6.88
N GLY B 23 -41.83 -45.73 5.62
CA GLY B 23 -42.13 -44.41 5.09
C GLY B 23 -43.03 -44.45 3.88
N SER B 24 -43.77 -43.36 3.70
CA SER B 24 -44.64 -43.15 2.54
C SER B 24 -45.59 -44.31 2.34
N GLU B 25 -46.47 -44.55 3.31
CA GLU B 25 -47.49 -45.58 3.20
C GLU B 25 -48.85 -44.90 3.14
N PRO B 26 -49.69 -45.20 2.13
CA PRO B 26 -49.38 -46.18 1.08
C PRO B 26 -48.53 -45.58 -0.04
N VAL B 27 -47.95 -46.45 -0.86
CA VAL B 27 -47.08 -46.00 -1.95
C VAL B 27 -47.93 -45.38 -3.05
N ASP B 28 -47.43 -44.32 -3.66
CA ASP B 28 -48.07 -43.68 -4.79
C ASP B 28 -47.03 -43.45 -5.88
N ALA B 29 -47.17 -44.18 -7.00
CA ALA B 29 -46.12 -44.21 -8.00
C ALA B 29 -45.82 -42.81 -8.55
N PHE B 30 -46.77 -41.89 -8.40
CA PHE B 30 -46.49 -40.51 -8.80
C PHE B 30 -45.69 -39.77 -7.73
N GLN B 31 -46.23 -39.69 -6.52
CA GLN B 31 -45.50 -39.04 -5.43
C GLN B 31 -44.14 -39.70 -5.19
N ALA B 32 -44.08 -41.03 -5.36
CA ALA B 32 -42.80 -41.72 -5.23
C ALA B 32 -41.86 -41.41 -6.39
N PHE B 33 -42.33 -40.70 -7.41
CA PHE B 33 -41.48 -40.24 -8.49
C PHE B 33 -41.21 -38.74 -8.43
N SER B 34 -41.43 -38.12 -7.27
CA SER B 34 -41.27 -36.68 -7.10
C SER B 34 -42.03 -35.90 -8.15
N GLU B 35 -43.32 -36.23 -8.31
CA GLU B 35 -44.24 -35.58 -9.26
C GLU B 35 -43.57 -35.26 -10.60
N GLY B 36 -42.74 -36.17 -11.09
CA GLY B 36 -42.16 -36.03 -12.41
C GLY B 36 -41.39 -34.75 -12.64
N LYS B 37 -40.53 -34.35 -11.71
CA LYS B 37 -39.73 -33.15 -11.88
C LYS B 37 -38.24 -33.37 -11.62
N GLU B 38 -37.84 -34.54 -11.13
CA GLU B 38 -36.46 -34.80 -10.78
C GLU B 38 -36.00 -36.11 -11.39
N ALA B 39 -34.72 -36.16 -11.74
CA ALA B 39 -34.12 -37.31 -12.40
C ALA B 39 -33.77 -38.39 -11.40
N TYR B 40 -33.89 -39.65 -11.81
CA TYR B 40 -33.56 -40.78 -10.97
C TYR B 40 -32.50 -41.63 -11.66
N VAL B 41 -31.64 -42.24 -10.85
CA VAL B 41 -30.60 -43.14 -11.34
C VAL B 41 -30.82 -44.50 -10.70
N LEU B 42 -30.29 -45.54 -11.33
CA LEU B 42 -30.41 -46.89 -10.82
C LEU B 42 -29.15 -47.25 -10.08
N VAL B 43 -29.28 -47.64 -8.81
CA VAL B 43 -28.11 -47.94 -8.00
C VAL B 43 -27.96 -49.43 -7.72
N ARG B 44 -29.05 -50.19 -7.65
CA ARG B 44 -28.96 -51.60 -7.33
C ARG B 44 -29.98 -52.36 -8.15
N SER B 45 -29.60 -53.55 -8.61
CA SER B 45 -30.50 -54.39 -9.39
C SER B 45 -30.03 -55.84 -9.29
N THR B 46 -30.99 -56.74 -9.11
CA THR B 46 -30.69 -58.17 -9.13
C THR B 46 -30.70 -58.74 -10.54
N ASP B 47 -31.05 -57.94 -11.54
CA ASP B 47 -31.05 -58.37 -12.93
C ASP B 47 -29.62 -58.34 -13.46
N PRO B 48 -29.03 -59.48 -13.82
CA PRO B 48 -27.66 -59.46 -14.35
C PRO B 48 -27.54 -58.80 -15.71
N LYS B 49 -28.66 -58.42 -16.34
CA LYS B 49 -28.65 -57.63 -17.56
C LYS B 49 -28.84 -56.14 -17.28
N ALA B 50 -28.44 -55.68 -16.10
CA ALA B 50 -28.67 -54.30 -15.70
C ALA B 50 -27.82 -53.35 -16.55
N ARG B 51 -28.50 -52.46 -17.26
CA ARG B 51 -27.81 -51.47 -18.07
C ARG B 51 -26.87 -50.63 -17.21
N ASP B 52 -25.76 -50.20 -17.82
CA ASP B 52 -24.79 -49.42 -17.08
C ASP B 52 -25.17 -47.95 -17.06
N CYS B 53 -25.11 -47.34 -15.88
CA CYS B 53 -25.36 -45.91 -15.70
C CYS B 53 -26.76 -45.53 -16.17
N LEU B 54 -27.72 -46.42 -15.93
CA LEU B 54 -29.09 -46.18 -16.34
C LEU B 54 -29.65 -45.00 -15.55
N LYS B 55 -30.34 -44.09 -16.23
CA LYS B 55 -30.85 -42.88 -15.62
C LYS B 55 -32.09 -42.42 -16.37
N GLY B 56 -33.21 -42.35 -15.66
CA GLY B 56 -34.48 -41.98 -16.27
C GLY B 56 -35.07 -40.74 -15.62
N GLU B 57 -35.12 -39.66 -16.39
CA GLU B 57 -35.63 -38.38 -15.94
C GLU B 57 -36.97 -38.10 -16.60
N PRO B 58 -37.81 -37.26 -15.97
CA PRO B 58 -39.04 -36.85 -16.64
C PRO B 58 -38.75 -36.02 -17.87
N ALA B 59 -39.32 -36.44 -19.00
CA ALA B 59 -39.08 -35.79 -20.28
C ALA B 59 -40.30 -35.06 -20.81
N GLY B 60 -41.20 -34.65 -19.93
CA GLY B 60 -42.39 -33.93 -20.38
C GLY B 60 -43.29 -33.64 -19.20
N GLU B 61 -44.56 -33.39 -19.52
CA GLU B 61 -45.56 -33.08 -18.52
C GLU B 61 -46.45 -34.30 -18.27
N LYS B 62 -47.19 -34.27 -17.17
CA LYS B 62 -48.13 -35.33 -16.84
C LYS B 62 -49.43 -35.09 -17.58
N GLN B 63 -49.67 -35.89 -18.62
CA GLN B 63 -50.94 -35.92 -19.33
C GLN B 63 -51.88 -36.88 -18.61
N ASP B 64 -52.95 -37.28 -19.28
CA ASP B 64 -53.94 -38.13 -18.65
C ASP B 64 -53.36 -39.51 -18.39
N ASN B 65 -52.83 -39.71 -17.18
CA ASN B 65 -52.30 -40.99 -16.73
C ASN B 65 -51.14 -41.48 -17.59
N THR B 66 -50.36 -40.57 -18.15
CA THR B 66 -49.15 -40.93 -18.86
C THR B 66 -48.01 -39.97 -18.52
N LEU B 67 -46.80 -40.38 -18.86
CA LEU B 67 -45.62 -39.58 -18.56
C LEU B 67 -44.44 -39.96 -19.45
N PRO B 68 -43.84 -39.00 -20.15
CA PRO B 68 -42.65 -39.31 -20.95
C PRO B 68 -41.40 -39.28 -20.10
N VAL B 69 -40.52 -40.24 -20.32
CA VAL B 69 -39.31 -40.42 -19.52
C VAL B 69 -38.17 -40.78 -20.46
N MET B 70 -37.24 -39.85 -20.66
CA MET B 70 -36.11 -40.08 -21.54
C MET B 70 -34.99 -40.77 -20.78
N MET B 71 -34.93 -42.09 -20.86
CA MET B 71 -33.98 -42.88 -20.09
C MET B 71 -32.65 -42.94 -20.83
N THR B 72 -31.66 -42.25 -20.30
CA THR B 72 -30.31 -42.27 -20.83
C THR B 72 -29.47 -43.30 -20.08
N PHE B 73 -28.74 -44.12 -20.83
CA PHE B 73 -27.87 -45.12 -20.22
C PHE B 73 -26.62 -45.26 -21.08
N LYS B 74 -25.75 -46.18 -20.67
CA LYS B 74 -24.45 -46.36 -21.29
C LYS B 74 -24.27 -47.83 -21.67
N GLN B 75 -23.59 -48.06 -22.80
CA GLN B 75 -23.25 -49.40 -23.26
C GLN B 75 -21.85 -49.31 -23.88
N GLY B 76 -20.86 -49.86 -23.20
CA GLY B 76 -19.50 -49.69 -23.69
C GLY B 76 -19.08 -48.25 -23.52
N THR B 77 -19.03 -47.53 -24.64
CA THR B 77 -18.67 -46.11 -24.65
C THR B 77 -19.85 -45.25 -25.14
N ASP B 78 -20.90 -45.87 -25.66
CA ASP B 78 -22.00 -45.17 -26.28
C ASP B 78 -22.98 -44.67 -25.23
N TRP B 79 -23.37 -43.40 -25.33
CA TRP B 79 -24.36 -42.81 -24.44
C TRP B 79 -25.73 -42.87 -25.13
N ALA B 80 -26.29 -44.07 -25.17
CA ALA B 80 -27.58 -44.28 -25.81
C ALA B 80 -28.68 -43.53 -25.07
N SER B 81 -29.77 -43.26 -25.78
CA SER B 81 -30.91 -42.56 -25.21
C SER B 81 -32.19 -43.14 -25.77
N THR B 82 -32.88 -43.95 -24.98
CA THR B 82 -34.11 -44.60 -25.40
C THR B 82 -35.28 -44.04 -24.62
N ASP B 83 -36.19 -43.37 -25.32
CA ASP B 83 -37.35 -42.77 -24.69
C ASP B 83 -38.33 -43.85 -24.27
N TRP B 84 -39.16 -43.54 -23.28
CA TRP B 84 -40.20 -44.44 -22.81
C TRP B 84 -41.46 -43.65 -22.49
N THR B 85 -42.47 -44.37 -22.03
CA THR B 85 -43.75 -43.80 -21.64
C THR B 85 -44.25 -44.48 -20.38
N PHE B 86 -44.51 -43.70 -19.34
CA PHE B 86 -44.89 -44.23 -18.04
C PHE B 86 -46.35 -43.88 -17.76
N THR B 87 -47.16 -44.91 -17.52
CA THR B 87 -48.55 -44.73 -17.11
C THR B 87 -48.69 -45.18 -15.66
N LEU B 88 -49.41 -44.41 -14.87
CA LEU B 88 -49.43 -44.56 -13.42
C LEU B 88 -50.82 -44.92 -12.93
N ASP B 89 -50.90 -45.93 -12.07
CA ASP B 89 -52.14 -46.30 -11.38
C ASP B 89 -51.79 -46.75 -9.96
N GLY B 90 -51.85 -45.80 -9.03
CA GLY B 90 -51.54 -46.09 -7.64
C GLY B 90 -50.10 -46.49 -7.40
N ALA B 91 -49.88 -47.73 -7.00
CA ALA B 91 -48.53 -48.22 -6.73
C ALA B 91 -47.91 -48.95 -7.91
N LYS B 92 -48.61 -49.04 -9.03
CA LYS B 92 -48.11 -49.77 -10.19
C LYS B 92 -47.80 -48.81 -11.33
N VAL B 93 -46.97 -49.26 -12.25
CA VAL B 93 -46.58 -48.47 -13.42
C VAL B 93 -46.33 -49.43 -14.57
N THR B 94 -46.60 -48.96 -15.80
CA THR B 94 -46.36 -49.73 -17.02
C THR B 94 -45.49 -48.88 -17.94
N ALA B 95 -44.26 -49.32 -18.14
CA ALA B 95 -43.34 -48.66 -19.03
C ALA B 95 -43.25 -49.41 -20.36
N THR B 96 -43.44 -48.68 -21.45
CA THR B 96 -43.46 -49.29 -22.77
C THR B 96 -42.75 -48.39 -23.76
N LEU B 97 -41.87 -48.99 -24.56
CA LEU B 97 -41.26 -48.33 -25.71
C LEU B 97 -41.51 -49.20 -26.92
N GLY B 98 -42.23 -48.65 -27.90
CA GLY B 98 -42.62 -49.44 -29.06
C GLY B 98 -43.48 -50.63 -28.66
N GLN B 99 -42.90 -51.82 -28.73
CA GLN B 99 -43.63 -53.04 -28.39
C GLN B 99 -43.21 -53.64 -27.05
N LEU B 100 -42.01 -53.34 -26.57
CA LEU B 100 -41.50 -53.93 -25.34
C LEU B 100 -42.28 -53.38 -24.15
N THR B 101 -42.69 -54.26 -23.24
CA THR B 101 -43.55 -53.91 -22.12
C THR B 101 -42.97 -54.42 -20.82
N GLN B 102 -43.00 -53.55 -19.80
CA GLN B 102 -42.53 -53.90 -18.46
C GLN B 102 -43.50 -53.34 -17.44
N ASN B 103 -43.91 -54.18 -16.50
CA ASN B 103 -44.77 -53.77 -15.39
C ASN B 103 -43.96 -53.69 -14.11
N ARG B 104 -43.74 -52.46 -13.63
CA ARG B 104 -43.06 -52.25 -12.37
C ARG B 104 -44.08 -51.81 -11.34
N GLU B 105 -43.76 -52.09 -10.07
CA GLU B 105 -44.61 -51.66 -8.95
C GLU B 105 -43.70 -51.19 -7.83
N VAL B 106 -43.93 -49.96 -7.38
CA VAL B 106 -43.11 -49.38 -6.31
C VAL B 106 -43.51 -50.04 -5.00
N VAL B 107 -42.73 -51.03 -4.55
CA VAL B 107 -43.09 -51.78 -3.36
C VAL B 107 -42.72 -51.07 -2.08
N TYR B 108 -41.72 -50.19 -2.10
CA TYR B 108 -41.36 -49.40 -0.93
C TYR B 108 -40.78 -48.08 -1.42
N ASP B 109 -41.10 -47.00 -0.70
CA ASP B 109 -40.72 -45.66 -1.11
C ASP B 109 -40.28 -44.89 0.12
N SER B 110 -39.14 -44.21 0.01
CA SER B 110 -38.56 -43.51 1.14
C SER B 110 -39.51 -42.46 1.68
N GLN B 111 -39.31 -42.12 2.96
CA GLN B 111 -40.22 -41.21 3.65
C GLN B 111 -40.30 -39.85 2.96
N SER B 112 -39.25 -39.46 2.25
CA SER B 112 -39.22 -38.18 1.54
C SER B 112 -39.03 -38.34 0.05
N HIS B 113 -39.33 -39.52 -0.50
CA HIS B 113 -39.34 -39.76 -1.95
C HIS B 113 -37.96 -39.58 -2.57
N HIS B 114 -36.90 -39.83 -1.80
CA HIS B 114 -35.55 -39.73 -2.33
C HIS B 114 -35.06 -41.03 -2.95
N CYS B 115 -35.51 -42.17 -2.43
CA CYS B 115 -35.22 -43.46 -3.05
C CYS B 115 -36.45 -44.33 -2.97
N HIS B 116 -36.64 -45.15 -3.99
CA HIS B 116 -37.72 -46.12 -4.01
C HIS B 116 -37.20 -47.38 -4.67
N VAL B 117 -37.71 -48.52 -4.20
CA VAL B 117 -37.31 -49.82 -4.72
C VAL B 117 -38.38 -50.33 -5.68
N ASP B 118 -37.97 -50.57 -6.92
CA ASP B 118 -38.86 -51.03 -7.96
C ASP B 118 -38.80 -52.55 -8.10
N LYS B 119 -39.93 -53.15 -8.42
CA LYS B 119 -40.05 -54.59 -8.64
C LYS B 119 -40.61 -54.81 -10.03
N VAL B 120 -39.81 -55.37 -10.92
CA VAL B 120 -40.26 -55.67 -12.28
C VAL B 120 -40.85 -57.08 -12.28
N GLU B 121 -41.93 -57.25 -13.02
CA GLU B 121 -42.69 -58.50 -12.97
C GLU B 121 -42.32 -59.40 -14.14
N LYS B 122 -42.02 -60.66 -13.82
CA LYS B 122 -41.81 -61.73 -14.80
C LYS B 122 -41.85 -63.04 -14.03
N GLU B 123 -41.45 -64.13 -14.70
CA GLU B 123 -41.45 -65.45 -14.05
C GLU B 123 -40.57 -65.45 -12.81
N VAL B 124 -39.48 -64.68 -12.84
CA VAL B 124 -38.67 -64.47 -11.64
C VAL B 124 -38.65 -62.97 -11.35
N PRO B 125 -39.23 -62.52 -10.25
CA PRO B 125 -39.33 -61.07 -10.00
C PRO B 125 -37.97 -60.49 -9.63
N ASP B 126 -37.53 -59.52 -10.41
CA ASP B 126 -36.31 -58.79 -10.09
C ASP B 126 -36.66 -57.48 -9.40
N TYR B 127 -35.80 -57.09 -8.47
CA TYR B 127 -35.98 -55.87 -7.70
C TYR B 127 -34.92 -54.86 -8.08
N GLU B 128 -35.38 -53.66 -8.42
CA GLU B 128 -34.49 -52.53 -8.72
C GLU B 128 -34.70 -51.47 -7.66
N MET B 129 -33.68 -50.63 -7.47
CA MET B 129 -33.74 -49.57 -6.48
C MET B 129 -33.24 -48.28 -7.11
N TRP B 130 -34.09 -47.26 -7.12
CA TRP B 130 -33.78 -45.99 -7.73
C TRP B 130 -33.60 -44.92 -6.65
N MET B 131 -32.73 -43.96 -6.93
CA MET B 131 -32.48 -42.87 -6.01
C MET B 131 -32.30 -41.60 -6.81
N LEU B 132 -32.61 -40.47 -6.17
CA LEU B 132 -32.47 -39.18 -6.82
C LEU B 132 -31.07 -39.01 -7.39
N ASP B 133 -30.98 -38.37 -8.54
CA ASP B 133 -29.66 -38.09 -9.09
C ASP B 133 -28.96 -37.01 -8.31
N ALA B 134 -29.67 -35.93 -7.97
CA ALA B 134 -29.11 -34.86 -7.16
C ALA B 134 -28.63 -35.35 -5.80
N GLY B 135 -29.03 -36.54 -5.38
CA GLY B 135 -28.59 -37.11 -4.14
C GLY B 135 -29.71 -37.15 -3.11
N GLY B 136 -29.75 -38.27 -2.38
CA GLY B 136 -30.79 -38.47 -1.41
C GLY B 136 -30.21 -38.48 -0.01
N LEU B 137 -31.06 -38.14 0.96
CA LEU B 137 -30.68 -38.17 2.36
C LEU B 137 -30.05 -39.53 2.68
N GLU B 138 -29.03 -39.51 3.53
CA GLU B 138 -28.18 -40.70 3.65
C GLU B 138 -28.90 -41.81 4.40
N VAL B 139 -29.74 -41.47 5.38
CA VAL B 139 -30.36 -42.52 6.17
C VAL B 139 -31.50 -43.18 5.38
N GLU B 140 -32.23 -42.39 4.59
CA GLU B 140 -33.29 -42.97 3.78
C GLU B 140 -32.74 -43.92 2.73
N VAL B 141 -31.57 -43.59 2.17
CA VAL B 141 -30.93 -44.50 1.22
C VAL B 141 -30.49 -45.77 1.93
N GLU B 142 -30.06 -45.66 3.18
CA GLU B 142 -29.69 -46.85 3.92
C GLU B 142 -30.90 -47.73 4.18
N CYS B 143 -32.06 -47.12 4.41
CA CYS B 143 -33.27 -47.92 4.61
C CYS B 143 -33.74 -48.56 3.30
N CYS B 144 -33.65 -47.82 2.19
CA CYS B 144 -33.93 -48.43 0.90
C CYS B 144 -33.04 -49.63 0.66
N ARG B 145 -31.74 -49.50 0.95
CA ARG B 145 -30.83 -50.62 0.73
C ARG B 145 -31.16 -51.80 1.63
N GLN B 146 -31.50 -51.54 2.89
CA GLN B 146 -31.86 -52.63 3.78
C GLN B 146 -33.13 -53.33 3.33
N LYS B 147 -34.16 -52.56 2.97
CA LYS B 147 -35.40 -53.15 2.48
C LYS B 147 -35.17 -53.97 1.22
N LEU B 148 -34.39 -53.44 0.28
CA LEU B 148 -34.07 -54.19 -0.92
C LEU B 148 -33.36 -55.49 -0.60
N GLU B 149 -32.22 -55.41 0.11
CA GLU B 149 -31.48 -56.61 0.48
C GLU B 149 -32.37 -57.62 1.20
N GLU B 150 -33.37 -57.15 1.95
CA GLU B 150 -34.34 -58.07 2.52
C GLU B 150 -35.20 -58.71 1.44
N LEU B 151 -35.69 -57.91 0.50
CA LEU B 151 -36.59 -58.44 -0.52
C LEU B 151 -35.82 -59.26 -1.56
N ALA B 152 -34.62 -58.82 -1.92
CA ALA B 152 -33.83 -59.57 -2.89
C ALA B 152 -33.51 -60.97 -2.38
N SER B 153 -33.34 -61.10 -1.06
CA SER B 153 -33.12 -62.38 -0.39
C SER B 153 -31.90 -63.10 -0.96
N GLY B 154 -30.75 -62.45 -0.79
CA GLY B 154 -29.48 -63.09 -1.04
C GLY B 154 -29.07 -63.23 -2.49
N ARG B 155 -29.89 -62.79 -3.43
CA ARG B 155 -29.48 -62.85 -4.83
C ARG B 155 -28.39 -61.82 -5.11
N ASN B 156 -27.57 -62.11 -6.11
CA ASN B 156 -26.42 -61.26 -6.41
C ASN B 156 -26.86 -60.02 -7.17
N GLN B 157 -26.39 -58.86 -6.70
CA GLN B 157 -26.81 -57.57 -7.24
C GLN B 157 -25.70 -56.94 -8.06
N MET B 158 -26.07 -56.24 -9.12
CA MET B 158 -25.15 -55.40 -9.87
C MET B 158 -25.23 -53.98 -9.33
N TYR B 159 -24.28 -53.15 -9.75
CA TYR B 159 -24.25 -51.74 -9.36
C TYR B 159 -24.19 -50.90 -10.63
N PRO B 160 -25.34 -50.57 -11.21
CA PRO B 160 -25.35 -49.84 -12.48
C PRO B 160 -24.73 -48.46 -12.41
N HIS B 161 -24.55 -47.89 -11.22
CA HIS B 161 -23.89 -46.59 -11.14
C HIS B 161 -22.42 -46.70 -10.81
N LEU B 162 -21.95 -47.90 -10.46
CA LEU B 162 -20.53 -48.14 -10.24
C LEU B 162 -19.83 -48.66 -11.49
N LYS B 163 -20.33 -48.29 -12.67
CA LYS B 163 -19.82 -48.83 -13.93
C LYS B 163 -19.26 -47.74 -14.84
N ASP B 164 -18.43 -46.85 -14.27
CA ASP B 164 -17.72 -45.83 -15.03
C ASP B 164 -18.70 -44.89 -15.73
N CYS B 165 -19.48 -44.21 -14.90
CA CYS B 165 -20.51 -43.30 -15.38
C CYS B 165 -19.94 -41.94 -15.76
N CYS C 16 1.39 -15.75 41.70
CA CYS C 16 1.47 -14.93 40.51
C CYS C 16 0.38 -13.86 40.52
N VAL C 17 0.07 -13.37 41.71
CA VAL C 17 -0.88 -12.27 41.83
C VAL C 17 -0.17 -10.92 41.78
N ASN C 18 1.14 -10.89 41.99
CA ASN C 18 1.91 -9.64 41.98
C ASN C 18 3.32 -9.96 41.48
N ALA C 19 3.54 -9.70 40.19
CA ALA C 19 4.88 -9.77 39.63
C ALA C 19 5.14 -8.51 38.81
N THR C 20 4.06 -7.93 38.28
CA THR C 20 4.08 -6.64 37.61
C THR C 20 5.19 -6.58 36.55
N CYS C 21 5.04 -7.43 35.54
CA CYS C 21 5.88 -7.29 34.36
C CYS C 21 5.63 -5.94 33.70
N GLU C 22 6.59 -5.50 32.90
CA GLU C 22 6.49 -4.20 32.26
C GLU C 22 7.38 -4.18 31.03
N ARG C 23 7.03 -3.31 30.09
CA ARG C 23 7.84 -3.07 28.90
C ARG C 23 8.94 -2.11 29.32
N LYS C 24 10.19 -2.49 29.11
CA LYS C 24 11.33 -1.71 29.53
C LYS C 24 12.28 -1.52 28.35
N LEU C 25 13.06 -0.45 28.41
CA LEU C 25 14.20 -0.31 27.52
C LEU C 25 15.29 -1.28 27.96
N ASP C 26 16.01 -1.81 26.99
CA ASP C 26 17.18 -2.61 27.32
C ASP C 26 18.25 -1.72 27.93
N ALA C 27 19.37 -2.34 28.28
CA ALA C 27 20.56 -1.56 28.60
C ALA C 27 21.17 -0.98 27.32
N LEU C 28 20.56 -1.26 26.18
CA LEU C 28 20.98 -0.75 24.88
C LEU C 28 19.98 0.19 24.25
N GLY C 29 18.70 -0.17 24.23
CA GLY C 29 17.70 0.68 23.61
C GLY C 29 16.58 -0.05 22.91
N ASN C 30 16.70 -1.36 22.76
CA ASN C 30 15.60 -2.15 22.25
C ASN C 30 14.53 -2.30 23.32
N ALA C 31 13.27 -2.04 22.95
CA ALA C 31 12.18 -2.24 23.88
C ALA C 31 11.98 -3.73 24.13
N VAL C 32 12.13 -4.15 25.37
CA VAL C 32 12.09 -5.57 25.72
C VAL C 32 11.16 -5.75 26.91
N ILE C 33 10.14 -6.59 26.73
CA ILE C 33 9.17 -6.88 27.76
C ILE C 33 9.81 -7.81 28.78
N THR C 34 9.82 -7.39 30.04
CA THR C 34 10.34 -8.23 31.10
C THR C 34 9.53 -9.53 31.20
N LYS C 35 10.11 -10.51 31.89
CA LYS C 35 9.52 -11.83 31.98
C LYS C 35 8.90 -12.03 33.35
N CYS C 36 7.75 -12.70 33.39
CA CYS C 36 7.09 -13.04 34.62
C CYS C 36 7.74 -14.30 35.18
N PRO C 37 7.33 -14.77 36.37
CA PRO C 37 7.80 -16.07 36.85
C PRO C 37 7.53 -17.22 35.89
N GLN C 38 8.05 -18.40 36.23
CA GLN C 38 8.12 -19.55 35.33
C GLN C 38 6.75 -19.97 34.80
N GLY C 39 5.69 -19.65 35.52
CA GLY C 39 4.38 -20.13 35.13
C GLY C 39 3.38 -19.05 34.80
N CYS C 40 3.83 -17.95 34.22
CA CYS C 40 2.94 -16.86 33.83
C CYS C 40 3.48 -16.18 32.57
N LEU C 41 2.65 -15.28 32.03
CA LEU C 41 2.93 -14.64 30.75
C LEU C 41 2.56 -13.17 30.84
N CYS C 42 3.38 -12.34 30.22
CA CYS C 42 3.23 -10.88 30.30
C CYS C 42 2.39 -10.36 29.14
N VAL C 43 1.42 -9.51 29.46
CA VAL C 43 0.55 -8.89 28.47
C VAL C 43 0.53 -7.39 28.74
N VAL C 44 1.17 -6.63 27.86
CA VAL C 44 1.30 -5.19 28.05
C VAL C 44 0.21 -4.52 27.21
N ARG C 45 -0.85 -4.08 27.88
CA ARG C 45 -1.96 -3.44 27.19
C ARG C 45 -1.52 -2.11 26.58
N GLY C 46 -2.44 -1.47 25.89
CA GLY C 46 -2.16 -0.19 25.26
C GLY C 46 -1.27 -0.37 24.04
N ALA C 47 -0.97 0.76 23.40
CA ALA C 47 -0.25 0.74 22.13
C ALA C 47 1.11 0.05 22.30
N SER C 48 1.69 -0.32 21.16
CA SER C 48 2.95 -1.05 21.17
C SER C 48 4.16 -0.13 21.30
N ASN C 49 3.97 1.18 21.24
CA ASN C 49 5.09 2.11 21.31
C ASN C 49 5.24 2.77 22.66
N ILE C 50 4.20 2.78 23.48
CA ILE C 50 4.28 3.43 24.79
C ILE C 50 5.26 2.63 25.64
N VAL C 51 6.43 3.21 25.91
CA VAL C 51 7.47 2.53 26.67
C VAL C 51 8.13 3.54 27.61
N PRO C 52 8.21 3.26 28.91
CA PRO C 52 7.72 2.03 29.54
C PRO C 52 6.21 2.02 29.75
N ALA C 53 5.68 0.89 30.20
CA ALA C 53 4.28 0.78 30.57
C ALA C 53 4.12 -0.49 31.39
N ASN C 54 3.54 -0.37 32.57
CA ASN C 54 3.39 -1.52 33.45
C ASN C 54 2.31 -2.45 32.90
N GLY C 55 2.69 -3.72 32.70
CA GLY C 55 1.79 -4.72 32.19
C GLY C 55 1.13 -5.51 33.30
N THR C 56 0.58 -6.66 32.90
CA THR C 56 -0.07 -7.56 33.82
C THR C 56 0.44 -8.97 33.59
N CYS C 57 0.37 -9.79 34.63
CA CYS C 57 0.76 -11.19 34.50
C CYS C 57 -0.47 -12.09 34.57
N PHE C 58 -0.60 -12.94 33.55
CA PHE C 58 -1.68 -13.92 33.47
C PHE C 58 -1.08 -15.31 33.56
N GLN C 59 -1.88 -16.28 33.98
CA GLN C 59 -1.41 -17.64 34.10
C GLN C 59 -1.31 -18.29 32.73
N LEU C 60 -0.81 -19.53 32.70
CA LEU C 60 -0.70 -20.28 31.45
C LEU C 60 -1.54 -21.57 31.47
N ALA C 61 -1.36 -22.43 32.46
CA ALA C 61 -1.99 -23.76 32.48
C ALA C 61 -1.79 -24.48 31.14
N GLU D 2 60.37 21.07 39.23
CA GLU D 2 59.11 20.34 39.26
C GLU D 2 59.00 19.39 38.07
N GLN D 3 58.35 18.26 38.28
CA GLN D 3 58.14 17.25 37.25
C GLN D 3 56.65 17.03 37.06
N THR D 4 56.17 17.28 35.84
CA THR D 4 54.75 17.27 35.54
C THR D 4 54.44 16.19 34.51
N TYR D 5 53.17 15.78 34.49
CA TYR D 5 52.68 14.78 33.56
C TYR D 5 51.23 15.09 33.22
N VAL D 6 50.85 14.83 31.98
CA VAL D 6 49.50 15.10 31.49
C VAL D 6 49.03 13.89 30.71
N ILE D 7 47.87 13.36 31.08
CA ILE D 7 47.20 12.29 30.35
C ILE D 7 45.96 12.90 29.72
N SER D 8 45.74 12.61 28.44
CA SER D 8 44.60 13.16 27.72
C SER D 8 43.86 12.03 27.04
N ALA D 9 42.62 11.81 27.44
CA ALA D 9 41.79 10.75 26.89
C ALA D 9 40.44 11.35 26.53
N PRO D 10 39.83 10.90 25.44
CA PRO D 10 38.50 11.41 25.08
C PRO D 10 37.55 11.31 26.26
N LYS D 11 36.71 12.34 26.39
CA LYS D 11 35.86 12.47 27.57
C LYS D 11 34.94 11.26 27.74
N ILE D 12 34.59 10.60 26.64
CA ILE D 12 33.70 9.45 26.66
C ILE D 12 34.39 8.30 25.97
N PHE D 13 34.72 7.25 26.73
CA PHE D 13 35.26 6.03 26.16
C PHE D 13 34.15 5.31 25.43
N ARG D 14 34.47 4.80 24.25
CA ARG D 14 33.46 4.23 23.35
C ARG D 14 33.68 2.72 23.26
N VAL D 15 32.67 1.96 23.69
CA VAL D 15 32.77 0.50 23.66
C VAL D 15 32.97 0.02 22.23
N GLY D 16 34.06 -0.70 22.02
CA GLY D 16 34.38 -1.21 20.71
C GLY D 16 35.21 -0.30 19.85
N ALA D 17 35.56 0.89 20.33
CA ALA D 17 36.37 1.81 19.56
C ALA D 17 37.80 1.84 20.08
N SER D 18 38.71 2.30 19.23
CA SER D 18 40.12 2.42 19.59
C SER D 18 40.33 3.77 20.26
N GLU D 19 40.10 3.82 21.57
CA GLU D 19 40.18 5.05 22.33
C GLU D 19 41.63 5.42 22.56
N ASN D 20 42.17 6.26 21.68
CA ASN D 20 43.57 6.66 21.75
C ASN D 20 43.79 7.53 22.99
N ILE D 21 44.76 7.14 23.81
CA ILE D 21 45.15 7.90 24.99
C ILE D 21 46.52 8.50 24.73
N VAL D 22 46.77 9.69 25.27
CA VAL D 22 48.04 10.37 25.10
C VAL D 22 48.66 10.59 26.47
N ILE D 23 49.98 10.45 26.56
CA ILE D 23 50.73 10.68 27.78
C ILE D 23 51.90 11.60 27.47
N GLN D 24 51.94 12.74 28.16
CA GLN D 24 53.01 13.71 27.98
C GLN D 24 53.55 14.08 29.35
N VAL D 25 54.82 13.78 29.59
CA VAL D 25 55.46 14.07 30.87
C VAL D 25 56.52 15.14 30.66
N TYR D 26 56.73 15.95 31.69
CA TYR D 26 57.69 17.04 31.60
C TYR D 26 58.57 17.03 32.84
N GLY D 27 59.82 17.44 32.65
CA GLY D 27 60.81 17.47 33.70
C GLY D 27 61.67 16.22 33.78
N TYR D 28 61.09 15.05 33.59
CA TYR D 28 61.83 13.80 33.59
C TYR D 28 62.80 13.78 32.42
N THR D 29 64.06 13.44 32.69
CA THR D 29 65.08 13.39 31.65
C THR D 29 65.53 11.98 31.30
N GLU D 30 65.24 11.01 32.14
CA GLU D 30 65.65 9.62 31.91
C GLU D 30 64.54 8.86 31.20
N ALA D 31 64.93 7.98 30.29
CA ALA D 31 63.96 7.12 29.63
C ALA D 31 63.30 6.19 30.63
N PHE D 32 62.01 5.97 30.48
CA PHE D 32 61.26 5.12 31.38
C PHE D 32 60.00 4.63 30.69
N ASP D 33 59.39 3.61 31.28
CA ASP D 33 58.21 2.99 30.72
C ASP D 33 57.01 3.19 31.63
N ALA D 34 55.85 3.39 31.01
CA ALA D 34 54.60 3.55 31.72
C ALA D 34 53.53 2.77 30.97
N THR D 35 52.66 2.09 31.72
CA THR D 35 51.64 1.24 31.13
C THR D 35 50.28 1.85 31.42
N ILE D 36 49.74 2.57 30.46
CA ILE D 36 48.38 3.09 30.51
C ILE D 36 47.44 1.90 30.40
N SER D 37 46.37 1.92 31.20
CA SER D 37 45.50 0.76 31.26
C SER D 37 44.09 1.20 31.60
N ILE D 38 43.11 0.56 30.95
CA ILE D 38 41.70 0.72 31.30
C ILE D 38 41.38 -0.41 32.27
N LYS D 39 40.73 -0.08 33.37
CA LYS D 39 40.43 -1.06 34.40
C LYS D 39 38.99 -0.89 34.86
N SER D 40 38.44 -1.96 35.41
CA SER D 40 37.03 -2.00 35.77
C SER D 40 36.72 -1.07 36.93
N TYR D 41 35.46 -1.05 37.33
CA TYR D 41 34.96 -0.14 38.35
C TYR D 41 34.21 -0.91 39.41
N PRO D 42 34.37 -0.59 40.71
CA PRO D 42 35.32 0.41 41.21
C PRO D 42 36.57 -0.22 41.84
N ASP D 43 36.65 -1.55 41.82
CA ASP D 43 37.73 -2.24 42.49
C ASP D 43 38.96 -2.43 41.63
N LYS D 44 38.93 -2.00 40.36
CA LYS D 44 40.02 -2.18 39.42
C LYS D 44 40.41 -3.65 39.24
N LYS D 45 39.45 -4.56 39.38
CA LYS D 45 39.78 -5.98 39.39
C LYS D 45 40.10 -6.48 37.99
N PHE D 46 39.32 -6.09 36.99
CA PHE D 46 39.45 -6.61 35.64
C PHE D 46 40.04 -5.56 34.73
N SER D 47 40.97 -5.97 33.88
CA SER D 47 41.65 -5.08 32.94
C SER D 47 41.00 -5.26 31.58
N TYR D 48 40.06 -4.38 31.24
CA TYR D 48 39.41 -4.44 29.94
C TYR D 48 40.43 -4.36 28.82
N SER D 49 41.47 -3.54 28.99
CA SER D 49 42.60 -3.54 28.08
C SER D 49 43.73 -2.74 28.73
N SER D 50 44.90 -2.82 28.12
CA SER D 50 46.06 -2.08 28.58
C SER D 50 47.01 -1.88 27.41
N GLY D 51 47.95 -0.97 27.59
CA GLY D 51 48.89 -0.66 26.54
C GLY D 51 50.22 -0.23 27.12
N HIS D 52 51.28 -0.40 26.33
CA HIS D 52 52.62 -0.07 26.74
C HIS D 52 53.12 1.11 25.93
N VAL D 53 53.76 2.07 26.59
CA VAL D 53 54.40 3.20 25.93
C VAL D 53 55.84 3.27 26.39
N HIS D 54 56.70 3.81 25.54
CA HIS D 54 58.08 4.08 25.90
C HIS D 54 58.34 5.57 25.77
N LEU D 55 58.81 6.17 26.86
CA LEU D 55 59.00 7.62 26.93
C LEU D 55 60.49 7.90 27.03
N SER D 56 61.06 8.48 25.97
CA SER D 56 62.49 8.69 25.89
C SER D 56 62.74 10.11 25.40
N SER D 57 64.02 10.52 25.45
CA SER D 57 64.39 11.83 24.94
C SER D 57 64.20 11.91 23.43
N GLU D 58 64.42 10.79 22.74
CA GLU D 58 64.15 10.75 21.30
C GLU D 58 62.66 10.82 21.02
N ASN D 59 61.84 10.24 21.89
CA ASN D 59 60.39 10.28 21.77
C ASN D 59 59.80 11.57 22.31
N LYS D 60 60.63 12.53 22.73
CA LYS D 60 60.20 13.78 23.35
C LYS D 60 59.31 13.55 24.57
N PHE D 61 59.43 12.37 25.19
CA PHE D 61 58.68 12.02 26.39
C PHE D 61 57.18 12.11 26.16
N GLN D 62 56.75 11.80 24.94
CA GLN D 62 55.34 11.70 24.59
C GLN D 62 55.11 10.43 23.80
N ASN D 63 53.95 9.82 23.99
CA ASN D 63 53.62 8.61 23.25
C ASN D 63 52.12 8.37 23.40
N SER D 64 51.57 7.58 22.48
CA SER D 64 50.15 7.30 22.46
C SER D 64 49.92 5.81 22.56
N ALA D 65 48.94 5.42 23.37
CA ALA D 65 48.65 4.02 23.60
C ALA D 65 47.22 3.74 23.18
N ILE D 66 47.05 3.13 22.02
CA ILE D 66 45.73 2.87 21.46
C ILE D 66 45.09 1.75 22.27
N LEU D 67 44.24 2.11 23.22
CA LEU D 67 43.50 1.15 24.00
C LEU D 67 42.16 0.87 23.33
N THR D 68 41.52 -0.20 23.75
CA THR D 68 40.26 -0.62 23.13
C THR D 68 39.50 -1.49 24.12
N ILE D 69 38.29 -1.06 24.47
CA ILE D 69 37.40 -1.86 25.30
C ILE D 69 36.66 -2.81 24.39
N GLN D 70 37.03 -4.08 24.42
CA GLN D 70 36.36 -5.06 23.57
C GLN D 70 34.89 -5.13 23.93
N PRO D 71 33.99 -5.30 22.96
CA PRO D 71 32.56 -5.28 23.29
C PRO D 71 32.11 -6.44 24.14
N LYS D 72 32.70 -7.62 23.95
CA LYS D 72 32.27 -8.81 24.67
C LYS D 72 32.82 -8.87 26.09
N GLN D 73 33.82 -8.06 26.41
CA GLN D 73 34.42 -8.08 27.74
C GLN D 73 33.56 -7.38 28.79
N LEU D 74 32.32 -7.03 28.48
CA LEU D 74 31.51 -6.32 29.44
C LEU D 74 30.35 -7.19 29.90
N PRO D 75 29.99 -7.11 31.19
CA PRO D 75 28.78 -7.80 31.66
C PRO D 75 27.55 -7.33 30.90
N GLY D 76 26.46 -8.07 31.09
CA GLY D 76 25.21 -7.76 30.41
C GLY D 76 24.01 -8.05 31.28
N GLY D 77 22.84 -7.88 30.70
CA GLY D 77 21.60 -8.18 31.39
C GLY D 77 21.05 -7.01 32.19
N GLN D 78 21.31 -7.02 33.50
CA GLN D 78 20.76 -6.00 34.38
C GLN D 78 21.71 -4.82 34.54
N ASN D 79 23.02 -5.10 34.65
CA ASN D 79 24.01 -4.10 34.99
C ASN D 79 25.25 -4.22 34.11
N PRO D 80 25.22 -3.65 32.91
CA PRO D 80 26.46 -3.41 32.18
C PRO D 80 27.14 -2.13 32.67
N VAL D 81 28.47 -2.21 32.77
CA VAL D 81 29.22 -1.13 33.40
C VAL D 81 28.97 0.18 32.68
N SER D 82 28.69 1.23 33.46
CA SER D 82 28.64 2.58 32.95
C SER D 82 29.82 3.43 33.39
N TYR D 83 30.88 2.80 33.89
CA TYR D 83 32.06 3.50 34.34
C TYR D 83 33.27 2.57 34.29
N VAL D 84 34.38 3.10 33.81
CA VAL D 84 35.65 2.38 33.81
C VAL D 84 36.71 3.31 34.37
N TYR D 85 37.75 2.70 34.94
CA TYR D 85 38.88 3.43 35.49
C TYR D 85 39.99 3.47 34.46
N LEU D 86 40.30 4.66 33.95
CA LEU D 86 41.53 4.88 33.22
C LEU D 86 42.64 5.00 34.25
N GLU D 87 43.71 4.23 34.08
CA GLU D 87 44.73 4.11 35.10
C GLU D 87 46.10 4.03 34.47
N VAL D 88 47.06 4.73 35.06
CA VAL D 88 48.43 4.79 34.56
C VAL D 88 49.36 4.33 35.67
N VAL D 89 50.42 3.60 35.30
CA VAL D 89 51.40 3.11 36.25
C VAL D 89 52.79 3.50 35.76
N SER D 90 53.65 3.88 36.70
CA SER D 90 55.04 4.19 36.40
C SER D 90 55.82 4.11 37.71
N LYS D 91 57.14 4.08 37.60
CA LYS D 91 57.96 4.05 38.81
C LYS D 91 57.87 5.36 39.57
N HIS D 92 57.38 6.42 38.93
CA HIS D 92 57.25 7.73 39.56
C HIS D 92 55.83 8.02 40.03
N PHE D 93 54.85 7.99 39.13
CA PHE D 93 53.51 8.45 39.43
C PHE D 93 52.51 7.33 39.20
N SER D 94 51.28 7.56 39.64
CA SER D 94 50.17 6.64 39.39
C SER D 94 48.89 7.40 39.68
N LYS D 95 47.97 7.42 38.71
CA LYS D 95 46.75 8.18 38.84
C LYS D 95 45.61 7.40 38.20
N SER D 96 44.38 7.66 38.65
CA SER D 96 43.19 7.01 38.13
C SER D 96 42.03 7.99 38.14
N LYS D 97 41.09 7.80 37.21
CA LYS D 97 39.96 8.70 37.12
C LYS D 97 38.75 7.94 36.58
N ARG D 98 37.61 8.18 37.21
CA ARG D 98 36.36 7.53 36.82
C ARG D 98 35.85 8.12 35.51
N MET D 99 35.92 7.32 34.44
CA MET D 99 35.55 7.77 33.11
C MET D 99 34.25 7.13 32.67
N PRO D 100 33.38 7.84 31.96
CA PRO D 100 32.15 7.21 31.45
C PRO D 100 32.46 6.36 30.23
N ILE D 101 31.56 5.44 29.93
CA ILE D 101 31.58 4.73 28.66
C ILE D 101 30.17 4.71 28.09
N THR D 102 30.08 4.82 26.77
CA THR D 102 28.82 4.72 26.07
C THR D 102 28.95 3.69 24.96
N TYR D 103 27.85 3.01 24.68
CA TYR D 103 27.79 1.98 23.65
C TYR D 103 27.44 2.56 22.28
N ASP D 104 27.08 3.83 22.23
CA ASP D 104 26.64 4.45 20.98
C ASP D 104 27.86 4.63 20.09
N ASN D 105 28.24 3.55 19.40
CA ASN D 105 29.40 3.56 18.53
C ASN D 105 28.95 3.27 17.11
N GLY D 106 29.31 4.15 16.18
CA GLY D 106 28.97 3.96 14.79
C GLY D 106 27.81 4.81 14.34
N PHE D 107 27.53 4.73 13.04
CA PHE D 107 26.45 5.50 12.43
C PHE D 107 25.68 4.61 11.46
N LEU D 108 24.37 4.80 11.41
CA LEU D 108 23.49 4.09 10.48
C LEU D 108 22.67 5.12 9.72
N PHE D 109 22.83 5.16 8.40
CA PHE D 109 22.07 6.07 7.56
C PHE D 109 21.14 5.26 6.68
N ILE D 110 19.86 5.19 7.05
CA ILE D 110 18.85 4.60 6.19
C ILE D 110 18.67 5.50 4.99
N HIS D 111 18.58 4.92 3.80
CA HIS D 111 18.46 5.67 2.57
C HIS D 111 17.34 5.06 1.74
N THR D 112 16.13 5.56 1.93
CA THR D 112 14.99 5.15 1.10
C THR D 112 15.00 5.95 -0.19
N ASP D 113 14.77 5.26 -1.31
CA ASP D 113 14.92 5.89 -2.61
C ASP D 113 14.05 7.14 -2.74
N LYS D 114 12.76 7.02 -2.49
CA LYS D 114 11.86 8.17 -2.53
C LYS D 114 11.35 8.48 -1.14
N PRO D 115 11.06 9.76 -0.86
CA PRO D 115 10.53 10.13 0.45
C PRO D 115 9.02 10.03 0.57
N VAL D 116 8.31 9.77 -0.51
CA VAL D 116 6.85 9.66 -0.49
C VAL D 116 6.43 8.51 -1.38
N TYR D 117 5.69 7.56 -0.81
CA TYR D 117 5.24 6.39 -1.55
C TYR D 117 3.72 6.37 -1.61
N THR D 118 3.21 5.80 -2.68
CA THR D 118 1.79 5.53 -2.85
C THR D 118 1.53 4.04 -2.65
N PRO D 119 0.31 3.66 -2.29
CA PRO D 119 0.01 2.25 -2.02
C PRO D 119 0.48 1.34 -3.15
N ASP D 120 0.95 0.16 -2.77
CA ASP D 120 1.47 -0.90 -3.62
C ASP D 120 2.73 -0.52 -4.38
N GLN D 121 3.56 0.37 -3.83
CA GLN D 121 4.92 0.50 -4.34
C GLN D 121 5.89 -0.14 -3.35
N SER D 122 7.02 -0.60 -3.87
CA SER D 122 8.03 -1.26 -3.07
C SER D 122 8.96 -0.21 -2.50
N VAL D 123 9.26 -0.32 -1.21
CA VAL D 123 10.18 0.59 -0.55
C VAL D 123 11.57 0.02 -0.68
N LYS D 124 12.40 0.64 -1.51
CA LYS D 124 13.79 0.24 -1.63
C LYS D 124 14.58 0.93 -0.52
N VAL D 125 15.10 0.15 0.40
CA VAL D 125 15.77 0.69 1.58
C VAL D 125 17.14 0.04 1.71
N ARG D 126 18.17 0.86 1.84
CA ARG D 126 19.52 0.38 2.09
C ARG D 126 20.10 1.17 3.25
N VAL D 127 21.03 0.55 3.95
CA VAL D 127 21.58 1.11 5.18
C VAL D 127 23.10 1.12 5.08
N TYR D 128 23.70 2.24 5.41
CA TYR D 128 25.15 2.35 5.50
C TYR D 128 25.56 2.18 6.95
N SER D 129 26.60 1.39 7.19
CA SER D 129 27.03 1.08 8.54
C SER D 129 28.50 1.45 8.67
N LEU D 130 28.77 2.50 9.44
CA LEU D 130 30.12 2.99 9.65
C LEU D 130 30.41 3.01 11.14
N ASN D 131 31.63 2.60 11.50
CA ASN D 131 32.05 2.61 12.89
C ASN D 131 32.63 3.98 13.22
N ASP D 132 32.98 4.20 14.50
CA ASP D 132 33.37 5.54 14.92
C ASP D 132 34.62 6.02 14.18
N ASP D 133 35.40 5.12 13.60
CA ASP D 133 36.55 5.49 12.80
C ASP D 133 36.15 5.90 11.38
N LEU D 134 34.85 5.86 11.08
CA LEU D 134 34.31 6.25 9.77
C LEU D 134 34.81 5.31 8.67
N LYS D 135 34.84 4.03 9.00
CA LYS D 135 35.21 2.95 8.08
C LYS D 135 34.06 1.96 8.03
N PRO D 136 33.94 1.20 6.94
CA PRO D 136 32.90 0.17 6.87
C PRO D 136 32.87 -0.72 8.09
N ALA D 137 31.69 -0.88 8.69
CA ALA D 137 31.60 -1.51 10.00
C ALA D 137 31.61 -3.03 9.89
N LYS D 138 30.84 -3.58 8.97
CA LYS D 138 30.68 -5.03 8.81
C LYS D 138 30.07 -5.67 10.06
N ARG D 139 28.89 -5.19 10.46
CA ARG D 139 28.15 -5.76 11.58
C ARG D 139 26.72 -6.07 11.12
N GLU D 140 26.05 -6.96 11.86
CA GLU D 140 24.72 -7.41 11.45
C GLU D 140 23.66 -6.45 11.95
N THR D 141 22.85 -5.95 11.03
CA THR D 141 21.91 -4.85 11.28
C THR D 141 20.49 -5.36 11.30
N VAL D 142 19.58 -4.57 11.85
CA VAL D 142 18.17 -4.91 11.95
C VAL D 142 17.36 -3.66 11.60
N LEU D 143 16.46 -3.77 10.64
CA LEU D 143 15.51 -2.72 10.34
C LEU D 143 14.25 -2.96 11.15
N THR D 144 13.41 -1.95 11.24
CA THR D 144 12.09 -2.09 11.85
C THR D 144 11.18 -1.00 11.31
N PHE D 145 10.37 -1.35 10.33
CA PHE D 145 9.42 -0.41 9.75
C PHE D 145 8.30 -0.19 10.75
N ILE D 146 8.15 1.04 11.23
CA ILE D 146 7.17 1.39 12.24
C ILE D 146 6.04 2.16 11.57
N ASP D 147 4.84 1.62 11.60
CA ASP D 147 3.69 2.25 10.97
C ASP D 147 3.39 3.58 11.64
N PRO D 148 2.54 4.41 11.03
CA PRO D 148 2.27 5.74 11.61
C PRO D 148 1.71 5.72 13.00
N GLU D 149 1.03 4.65 13.42
CA GLU D 149 0.45 4.57 14.75
C GLU D 149 1.47 4.17 15.81
N GLY D 150 2.60 3.61 15.39
CA GLY D 150 3.66 3.28 16.33
C GLY D 150 3.85 1.81 16.62
N SER D 151 3.34 0.92 15.76
CA SER D 151 3.50 -0.50 15.98
C SER D 151 4.39 -1.11 14.90
N GLU D 152 5.47 -1.77 15.33
CA GLU D 152 6.41 -2.39 14.41
C GLU D 152 5.67 -3.34 13.49
N VAL D 153 5.82 -3.16 12.18
CA VAL D 153 5.19 -4.06 11.23
C VAL D 153 6.20 -4.89 10.46
N ASP D 154 7.45 -4.91 10.88
CA ASP D 154 8.49 -5.62 10.13
C ASP D 154 9.74 -5.65 10.99
N MET D 155 10.60 -6.62 10.72
CA MET D 155 11.93 -6.69 11.30
C MET D 155 12.74 -7.65 10.46
N VAL D 156 13.84 -7.16 9.90
CA VAL D 156 14.58 -7.93 8.91
C VAL D 156 16.06 -7.70 9.10
N GLU D 157 16.81 -8.77 9.29
CA GLU D 157 18.24 -8.71 9.51
C GLU D 157 18.99 -9.10 8.24
N GLU D 158 20.05 -8.36 7.94
CA GLU D 158 20.87 -8.66 6.77
C GLU D 158 22.32 -8.36 7.11
N ILE D 159 23.15 -9.37 7.02
CA ILE D 159 24.55 -9.26 7.41
C ILE D 159 25.25 -8.27 6.49
N ASP D 160 26.23 -7.56 7.04
CA ASP D 160 27.03 -6.60 6.29
C ASP D 160 28.26 -7.32 5.76
N HIS D 161 28.80 -6.84 4.65
CA HIS D 161 30.09 -7.32 4.15
C HIS D 161 31.00 -6.19 3.70
N ILE D 162 30.45 -5.04 3.34
CA ILE D 162 31.22 -3.93 2.81
C ILE D 162 30.85 -2.59 3.42
N GLY D 163 29.86 -2.56 4.31
CA GLY D 163 29.36 -1.32 4.84
C GLY D 163 28.06 -0.84 4.24
N ILE D 164 27.71 -1.32 3.05
CA ILE D 164 26.46 -0.97 2.38
C ILE D 164 25.55 -2.18 2.46
N ILE D 165 24.50 -2.08 3.27
CA ILE D 165 23.64 -3.21 3.57
C ILE D 165 22.33 -3.01 2.84
N SER D 166 22.22 -3.57 1.64
CA SER D 166 20.98 -3.48 0.88
C SER D 166 20.00 -4.52 1.41
N PHE D 167 18.77 -4.09 1.64
CA PHE D 167 17.75 -4.92 2.25
C PHE D 167 16.72 -5.39 1.23
N PRO D 168 16.03 -6.49 1.50
CA PRO D 168 14.91 -6.86 0.65
C PRO D 168 13.82 -5.80 0.68
N ASP D 169 13.31 -5.48 -0.49
CA ASP D 169 12.38 -4.35 -0.64
C ASP D 169 11.13 -4.57 0.21
N PHE D 170 10.59 -3.47 0.71
CA PHE D 170 9.38 -3.50 1.53
C PHE D 170 8.19 -3.15 0.65
N LYS D 171 7.20 -4.05 0.61
CA LYS D 171 6.01 -3.83 -0.20
C LYS D 171 4.95 -3.09 0.62
N ILE D 172 4.70 -1.84 0.27
CA ILE D 172 3.58 -1.12 0.89
C ILE D 172 2.28 -1.84 0.54
N PRO D 173 1.47 -2.24 1.51
CA PRO D 173 0.23 -2.94 1.20
C PRO D 173 -0.65 -2.14 0.25
N SER D 174 -1.60 -2.83 -0.36
CA SER D 174 -2.50 -2.16 -1.30
C SER D 174 -3.52 -1.31 -0.57
N ASN D 175 -3.72 -1.57 0.72
CA ASN D 175 -4.54 -0.74 1.60
C ASN D 175 -3.70 -0.38 2.81
N PRO D 176 -2.75 0.52 2.67
CA PRO D 176 -1.81 0.78 3.76
C PRO D 176 -2.38 1.70 4.81
N ARG D 177 -1.57 2.04 5.80
CA ARG D 177 -1.96 2.99 6.83
C ARG D 177 -1.26 4.31 6.55
N TYR D 178 -1.98 5.26 5.96
CA TYR D 178 -1.38 6.50 5.51
C TYR D 178 -0.82 7.30 6.68
N GLY D 179 0.13 8.18 6.37
CA GLY D 179 0.82 8.92 7.41
C GLY D 179 2.32 8.91 7.20
N MET D 180 3.07 9.12 8.27
CA MET D 180 4.52 9.19 8.19
C MET D 180 5.12 7.97 8.88
N TRP D 181 5.43 6.94 8.10
CA TRP D 181 6.06 5.75 8.64
C TRP D 181 7.45 6.08 9.15
N THR D 182 8.07 5.11 9.81
CA THR D 182 9.38 5.29 10.42
C THR D 182 10.18 4.01 10.29
N ILE D 183 11.41 4.12 9.80
CA ILE D 183 12.35 3.01 9.74
C ILE D 183 13.36 3.22 10.86
N LYS D 184 13.79 2.13 11.48
CA LYS D 184 14.78 2.20 12.56
C LYS D 184 15.83 1.13 12.37
N ALA D 185 16.89 1.45 11.64
CA ALA D 185 18.04 0.58 11.60
C ALA D 185 18.67 0.54 13.00
N LYS D 186 19.34 -0.56 13.29
CA LYS D 186 19.90 -0.75 14.62
C LYS D 186 20.87 -1.92 14.54
N TYR D 187 21.89 -1.89 15.39
CA TYR D 187 22.83 -2.99 15.44
C TYR D 187 22.26 -4.11 16.28
N LYS D 188 22.59 -5.34 15.90
CA LYS D 188 21.98 -6.49 16.53
C LYS D 188 22.67 -6.86 17.83
N GLU D 189 23.95 -6.54 17.98
CA GLU D 189 24.73 -7.06 19.09
C GLU D 189 25.51 -5.96 19.77
N ASP D 190 25.13 -5.68 21.02
CA ASP D 190 25.97 -5.00 22.00
C ASP D 190 26.19 -3.52 21.73
N PHE D 191 25.65 -2.99 20.65
CA PHE D 191 25.83 -1.58 20.35
C PHE D 191 24.48 -0.87 20.34
N SER D 192 24.44 0.27 21.02
CA SER D 192 23.24 1.08 21.11
C SER D 192 23.10 2.02 19.92
N THR D 193 23.89 1.83 18.87
CA THR D 193 23.79 2.70 17.71
C THR D 193 22.42 2.57 17.07
N THR D 194 21.88 3.69 16.64
CA THR D 194 20.57 3.72 16.02
C THR D 194 20.58 4.64 14.82
N GLY D 195 19.70 4.35 13.88
CA GLY D 195 19.52 5.20 12.73
C GLY D 195 18.05 5.28 12.42
N THR D 196 17.60 6.39 11.85
CA THR D 196 16.18 6.58 11.65
C THR D 196 15.95 7.38 10.38
N ALA D 197 14.95 6.96 9.60
CA ALA D 197 14.50 7.70 8.44
C ALA D 197 12.98 7.67 8.42
N TYR D 198 12.40 8.56 7.64
CA TYR D 198 10.95 8.67 7.56
C TYR D 198 10.54 8.63 6.09
N PHE D 199 9.35 8.11 5.84
CA PHE D 199 8.79 8.12 4.50
C PHE D 199 7.28 8.13 4.63
N GLU D 200 6.64 9.04 3.92
CA GLU D 200 5.19 9.18 3.98
C GLU D 200 4.54 8.27 2.96
N VAL D 201 3.43 7.66 3.36
CA VAL D 201 2.62 6.84 2.48
C VAL D 201 1.31 7.57 2.25
N LYS D 202 1.15 8.16 1.08
CA LYS D 202 -0.03 8.93 0.73
C LYS D 202 -0.76 8.26 -0.42
N GLU D 203 -2.09 8.24 -0.34
CA GLU D 203 -2.89 7.58 -1.36
C GLU D 203 -2.90 8.42 -2.63
N TYR D 204 -2.63 7.77 -3.76
CA TYR D 204 -2.68 8.45 -5.04
C TYR D 204 -4.12 8.79 -5.38
N VAL D 205 -4.36 10.05 -5.72
CA VAL D 205 -5.67 10.52 -6.16
C VAL D 205 -5.48 11.21 -7.50
N LEU D 206 -6.06 10.63 -8.54
CA LEU D 206 -5.92 11.18 -9.88
C LEU D 206 -6.59 12.54 -9.95
N PRO D 207 -5.88 13.61 -10.29
CA PRO D 207 -6.49 14.94 -10.24
C PRO D 207 -7.15 15.33 -11.55
N HIS D 208 -8.26 16.06 -11.41
CA HIS D 208 -8.91 16.61 -12.59
C HIS D 208 -7.97 17.52 -13.36
N PHE D 209 -7.18 18.33 -12.65
CA PHE D 209 -6.20 19.20 -13.28
C PHE D 209 -5.23 19.68 -12.21
N SER D 210 -4.13 20.29 -12.66
CA SER D 210 -3.03 20.67 -11.79
C SER D 210 -3.12 22.14 -11.43
N VAL D 211 -3.18 22.43 -10.12
CA VAL D 211 -3.23 23.79 -9.61
C VAL D 211 -1.89 24.11 -8.97
N SER D 212 -1.24 25.16 -9.44
CA SER D 212 0.10 25.52 -8.99
C SER D 212 0.10 26.93 -8.44
N ILE D 213 0.68 27.10 -7.25
CA ILE D 213 0.79 28.39 -6.59
C ILE D 213 2.25 28.79 -6.59
N GLU D 214 2.53 30.04 -6.96
CA GLU D 214 3.89 30.58 -6.94
C GLU D 214 3.86 31.96 -6.30
N PRO D 215 4.23 32.09 -5.04
CA PRO D 215 4.21 33.41 -4.38
C PRO D 215 5.28 34.34 -4.93
N GLU D 216 5.17 35.60 -4.54
CA GLU D 216 6.13 36.61 -4.98
C GLU D 216 7.52 36.31 -4.45
N TYR D 217 7.67 36.29 -3.12
CA TYR D 217 8.88 35.78 -2.49
C TYR D 217 8.47 34.71 -1.49
N ASN D 218 9.45 33.92 -1.05
CA ASN D 218 9.18 32.90 -0.06
C ASN D 218 9.14 33.46 1.36
N PHE D 219 9.37 34.76 1.55
CA PHE D 219 9.37 35.37 2.86
C PHE D 219 8.65 36.70 2.79
N ILE D 220 8.03 37.08 3.90
CA ILE D 220 7.28 38.32 4.02
C ILE D 220 8.06 39.24 4.94
N GLY D 221 8.91 40.09 4.36
CA GLY D 221 9.79 40.95 5.11
C GLY D 221 9.11 42.20 5.61
N TYR D 222 9.86 43.31 5.55
CA TYR D 222 9.33 44.58 6.02
C TYR D 222 8.49 45.26 4.95
N LYS D 223 8.77 45.02 3.68
CA LYS D 223 8.07 45.73 2.61
C LYS D 223 6.75 45.06 2.28
N ASN D 224 6.76 43.76 1.99
CA ASN D 224 5.59 43.05 1.49
C ASN D 224 4.64 42.65 2.61
N PHE D 225 4.78 43.25 3.80
CA PHE D 225 3.85 43.01 4.88
C PHE D 225 2.50 43.65 4.63
N LYS D 226 2.41 44.63 3.74
CA LYS D 226 1.16 45.29 3.40
C LYS D 226 0.53 44.78 2.12
N ASN D 227 1.33 44.30 1.17
CA ASN D 227 0.80 43.70 -0.04
C ASN D 227 1.68 42.51 -0.40
N PHE D 228 1.06 41.43 -0.85
CA PHE D 228 1.77 40.19 -1.16
C PHE D 228 1.15 39.58 -2.41
N GLU D 229 1.85 39.69 -3.54
CA GLU D 229 1.33 39.18 -4.79
C GLU D 229 1.49 37.66 -4.86
N ILE D 230 0.39 36.97 -5.13
CA ILE D 230 0.38 35.52 -5.26
C ILE D 230 -0.02 35.19 -6.69
N THR D 231 0.75 34.34 -7.35
CA THR D 231 0.47 33.92 -8.72
C THR D 231 -0.09 32.50 -8.68
N ILE D 232 -1.37 32.36 -8.99
CA ILE D 232 -2.07 31.10 -8.91
C ILE D 232 -2.35 30.59 -10.32
N LYS D 233 -1.55 29.63 -10.77
CA LYS D 233 -1.71 29.04 -12.08
C LYS D 233 -2.41 27.69 -11.96
N ALA D 234 -3.24 27.39 -12.95
CA ALA D 234 -3.95 26.12 -13.00
C ALA D 234 -3.93 25.62 -14.44
N ARG D 235 -3.56 24.36 -14.62
CA ARG D 235 -3.40 23.82 -15.96
C ARG D 235 -3.82 22.36 -15.97
N TYR D 236 -4.26 21.90 -17.15
CA TYR D 236 -4.54 20.50 -17.38
C TYR D 236 -3.24 19.77 -17.64
N PHE D 237 -3.33 18.57 -18.20
CA PHE D 237 -2.22 17.64 -18.25
C PHE D 237 -1.09 18.15 -19.15
N TYR D 238 -0.13 18.85 -18.55
CA TYR D 238 1.07 19.38 -19.21
C TYR D 238 0.80 20.08 -20.54
N ASN D 239 0.40 21.36 -20.43
CA ASN D 239 0.15 22.26 -21.57
C ASN D 239 -1.24 22.05 -22.19
N LYS D 240 -2.25 21.96 -21.35
CA LYS D 240 -3.63 22.25 -21.75
C LYS D 240 -4.14 23.30 -20.77
N VAL D 241 -4.14 24.56 -21.18
CA VAL D 241 -4.44 25.67 -20.29
C VAL D 241 -5.92 25.69 -19.97
N VAL D 242 -6.23 25.75 -18.67
CA VAL D 242 -7.61 25.90 -18.22
C VAL D 242 -8.16 27.21 -18.75
N THR D 243 -9.43 27.20 -19.18
CA THR D 243 -10.02 28.39 -19.78
C THR D 243 -10.42 29.42 -18.75
N GLU D 244 -11.36 29.06 -17.86
CA GLU D 244 -11.90 29.97 -16.87
C GLU D 244 -12.31 29.17 -15.65
N ALA D 245 -12.02 29.70 -14.47
CA ALA D 245 -12.27 28.97 -13.24
C ALA D 245 -12.53 29.97 -12.13
N ASP D 246 -13.14 29.46 -11.06
CA ASP D 246 -13.40 30.25 -9.85
C ASP D 246 -12.40 29.85 -8.79
N VAL D 247 -11.60 30.80 -8.34
CA VAL D 247 -10.48 30.54 -7.44
C VAL D 247 -10.84 31.02 -6.05
N TYR D 248 -11.04 30.09 -5.13
CA TYR D 248 -11.32 30.39 -3.73
C TYR D 248 -10.03 30.27 -2.95
N ILE D 249 -9.65 31.34 -2.24
CA ILE D 249 -8.41 31.36 -1.46
C ILE D 249 -8.77 31.53 0.00
N THR D 250 -8.15 30.72 0.85
CA THR D 250 -8.29 30.82 2.29
C THR D 250 -6.92 31.01 2.93
N PHE D 251 -6.81 32.02 3.77
CA PHE D 251 -5.55 32.37 4.41
C PHE D 251 -5.63 32.11 5.91
N GLY D 252 -4.52 31.61 6.46
CA GLY D 252 -4.44 31.34 7.89
C GLY D 252 -3.01 31.40 8.39
N ILE D 253 -2.87 31.92 9.60
CA ILE D 253 -1.58 32.06 10.27
C ILE D 253 -1.23 30.73 10.90
N ARG D 254 0.05 30.37 10.85
CA ARG D 254 0.52 29.08 11.34
C ARG D 254 1.64 29.26 12.35
N GLU D 255 1.84 28.25 13.20
CA GLU D 255 2.84 28.35 14.24
C GLU D 255 4.13 27.66 13.84
N ASP D 256 4.03 26.40 13.41
CA ASP D 256 5.21 25.55 13.18
C ASP D 256 4.91 24.53 12.11
N LEU D 257 5.89 24.27 11.26
CA LEU D 257 5.72 23.30 10.20
C LEU D 257 5.74 21.86 10.70
N LYS D 258 6.09 21.63 11.97
CA LYS D 258 6.11 20.27 12.50
C LYS D 258 4.70 19.81 12.84
N ASP D 259 4.04 20.48 13.78
CA ASP D 259 2.63 20.22 14.07
C ASP D 259 1.77 21.03 13.11
N ASP D 260 0.77 20.38 12.51
CA ASP D 260 -0.01 20.99 11.44
C ASP D 260 -1.15 21.86 11.94
N GLN D 261 -1.07 22.36 13.17
CA GLN D 261 -2.05 23.28 13.70
C GLN D 261 -2.09 24.56 12.86
N LYS D 262 -3.29 25.13 12.70
CA LYS D 262 -3.47 26.33 11.91
C LYS D 262 -4.64 27.13 12.46
N GLU D 263 -4.55 28.44 12.33
CA GLU D 263 -5.59 29.36 12.77
C GLU D 263 -6.07 30.16 11.57
N MET D 264 -7.35 30.03 11.23
CA MET D 264 -7.87 30.67 10.04
C MET D 264 -8.22 32.13 10.30
N MET D 265 -8.37 32.88 9.22
CA MET D 265 -8.74 34.29 9.25
C MET D 265 -9.95 34.47 8.34
N GLN D 266 -11.15 34.37 8.92
CA GLN D 266 -12.39 34.43 8.17
C GLN D 266 -12.73 35.84 7.71
N THR D 267 -11.80 36.77 7.83
CA THR D 267 -12.01 38.13 7.36
C THR D 267 -11.56 38.32 5.92
N ALA D 268 -10.61 37.52 5.44
CA ALA D 268 -10.07 37.66 4.09
C ALA D 268 -10.08 36.35 3.32
N MET D 269 -11.18 35.60 3.37
CA MET D 269 -11.32 34.40 2.56
C MET D 269 -11.71 34.79 1.13
N GLN D 270 -10.90 35.64 0.51
CA GLN D 270 -11.28 36.23 -0.77
C GLN D 270 -11.30 35.19 -1.88
N ASN D 271 -12.07 35.47 -2.92
CA ASN D 271 -12.12 34.65 -4.12
C ASN D 271 -12.11 35.56 -5.35
N THR D 272 -11.63 35.02 -6.46
CA THR D 272 -11.44 35.80 -7.68
C THR D 272 -11.92 34.94 -8.85
N MET D 273 -11.65 35.41 -10.07
CA MET D 273 -11.99 34.68 -11.28
C MET D 273 -10.72 34.34 -12.03
N LEU D 274 -10.48 33.06 -12.25
CA LEU D 274 -9.34 32.61 -13.02
C LEU D 274 -9.64 32.84 -14.49
N ILE D 275 -8.69 33.44 -15.21
CA ILE D 275 -8.88 33.81 -16.62
C ILE D 275 -7.69 33.31 -17.42
N ASN D 276 -7.95 32.35 -18.30
CA ASN D 276 -6.97 31.89 -19.28
C ASN D 276 -5.70 31.31 -18.65
N GLY D 277 -5.83 30.79 -17.43
CA GLY D 277 -4.77 30.00 -16.82
C GLY D 277 -4.04 30.66 -15.68
N ILE D 278 -4.13 31.98 -15.54
CA ILE D 278 -3.37 32.72 -14.54
C ILE D 278 -4.28 33.74 -13.88
N ALA D 279 -4.38 33.68 -12.55
CA ALA D 279 -5.06 34.69 -11.77
C ALA D 279 -4.19 35.03 -10.56
N GLN D 280 -3.97 36.32 -10.36
CA GLN D 280 -3.05 36.79 -9.34
C GLN D 280 -3.79 37.70 -8.37
N VAL D 281 -3.63 37.42 -7.07
CA VAL D 281 -4.25 38.21 -6.02
C VAL D 281 -3.15 38.79 -5.15
N THR D 282 -3.53 39.74 -4.30
CA THR D 282 -2.62 40.34 -3.34
C THR D 282 -3.21 40.17 -1.95
N PHE D 283 -2.39 39.70 -1.01
CA PHE D 283 -2.81 39.46 0.36
C PHE D 283 -2.24 40.54 1.25
N ASP D 284 -3.11 41.37 1.82
CA ASP D 284 -2.69 42.43 2.74
C ASP D 284 -2.59 41.81 4.12
N SER D 285 -1.37 41.45 4.51
CA SER D 285 -1.16 40.71 5.76
C SER D 285 -1.60 41.54 6.96
N GLU D 286 -1.41 42.86 6.91
CA GLU D 286 -1.66 43.70 8.08
C GLU D 286 -3.14 43.72 8.43
N THR D 287 -3.99 44.15 7.50
CA THR D 287 -5.42 44.25 7.79
C THR D 287 -6.03 42.87 8.02
N ALA D 288 -5.50 41.84 7.35
CA ALA D 288 -6.04 40.51 7.51
C ALA D 288 -5.81 39.97 8.92
N VAL D 289 -4.59 40.11 9.45
CA VAL D 289 -4.28 39.58 10.77
C VAL D 289 -4.95 40.37 11.88
N LYS D 290 -5.74 41.39 11.53
CA LYS D 290 -6.41 42.20 12.55
C LYS D 290 -7.34 41.38 13.44
N GLU D 291 -7.58 40.12 13.10
CA GLU D 291 -8.22 39.21 14.03
C GLU D 291 -7.24 38.84 15.14
N LEU D 292 -7.53 39.37 16.34
CA LEU D 292 -6.63 39.44 17.51
C LEU D 292 -5.56 40.49 17.26
N SER D 293 -5.48 40.96 16.01
CA SER D 293 -4.80 42.17 15.56
C SER D 293 -3.28 42.11 15.65
N TYR D 294 -2.75 41.21 16.47
CA TYR D 294 -1.32 40.92 16.55
C TYR D 294 -0.47 42.18 16.78
N TYR D 295 -1.13 43.34 16.79
CA TYR D 295 -0.69 44.59 17.37
C TYR D 295 0.56 45.21 16.75
N SER D 296 1.24 44.48 15.85
CA SER D 296 2.44 45.00 15.20
C SER D 296 3.00 43.95 14.26
N LEU D 297 3.94 44.38 13.42
CA LEU D 297 4.85 43.47 12.73
C LEU D 297 5.82 42.81 13.70
N GLU D 298 6.04 43.42 14.87
CA GLU D 298 6.93 42.82 15.86
C GLU D 298 6.45 41.45 16.27
N ASP D 299 5.14 41.24 16.31
CA ASP D 299 4.58 39.91 16.53
C ASP D 299 4.52 39.18 15.20
N LEU D 300 4.05 37.94 15.21
CA LEU D 300 3.95 37.09 14.02
C LEU D 300 5.32 36.69 13.49
N ASN D 301 6.39 37.16 14.15
CA ASN D 301 7.72 36.78 13.73
C ASN D 301 7.89 35.27 13.87
N ASN D 302 8.68 34.69 12.97
CA ASN D 302 8.93 33.25 12.88
C ASN D 302 7.65 32.45 12.64
N LYS D 303 6.56 33.09 12.23
CA LYS D 303 5.34 32.36 11.91
C LYS D 303 5.15 32.26 10.40
N TYR D 304 4.27 31.37 9.99
CA TYR D 304 4.04 31.05 8.59
C TYR D 304 2.63 31.43 8.18
N LEU D 305 2.47 31.74 6.91
CA LEU D 305 1.19 32.15 6.34
C LEU D 305 0.64 31.00 5.52
N TYR D 306 -0.12 30.13 6.16
CA TYR D 306 -0.63 28.93 5.52
C TYR D 306 -1.72 29.30 4.51
N ILE D 307 -1.39 29.17 3.23
CA ILE D 307 -2.26 29.58 2.14
C ILE D 307 -3.02 28.35 1.64
N ALA D 308 -4.34 28.46 1.60
CA ALA D 308 -5.19 27.41 1.05
C ALA D 308 -5.89 27.95 -0.17
N VAL D 309 -5.79 27.22 -1.28
CA VAL D 309 -6.40 27.63 -2.54
C VAL D 309 -7.27 26.49 -3.03
N THR D 310 -8.49 26.81 -3.46
CA THR D 310 -9.41 25.84 -4.04
C THR D 310 -9.90 26.38 -5.38
N VAL D 311 -9.50 25.72 -6.46
CA VAL D 311 -9.87 26.12 -7.80
C VAL D 311 -11.02 25.22 -8.26
N ILE D 312 -12.18 25.82 -8.49
CA ILE D 312 -13.34 25.11 -9.01
C ILE D 312 -13.63 25.71 -10.37
N GLU D 313 -13.35 24.96 -11.43
CA GLU D 313 -13.53 25.48 -12.77
C GLU D 313 -15.01 25.51 -13.13
N SER D 314 -15.32 26.17 -14.25
CA SER D 314 -16.71 26.38 -14.64
C SER D 314 -17.27 25.28 -15.52
N THR D 315 -16.52 24.84 -16.54
CA THR D 315 -17.08 23.98 -17.57
C THR D 315 -17.57 22.66 -16.99
N GLY D 316 -16.66 21.85 -16.48
CA GLY D 316 -17.02 20.52 -16.02
C GLY D 316 -17.49 20.42 -14.59
N GLY D 317 -17.55 21.53 -13.87
CA GLY D 317 -17.89 21.47 -12.47
C GLY D 317 -16.87 20.78 -11.60
N PHE D 318 -15.62 20.66 -12.07
CA PHE D 318 -14.59 19.99 -11.30
C PHE D 318 -14.08 20.90 -10.19
N SER D 319 -13.45 20.29 -9.19
CA SER D 319 -12.85 21.02 -8.08
C SER D 319 -11.47 20.45 -7.80
N GLU D 320 -10.53 21.34 -7.48
CA GLU D 320 -9.16 20.94 -7.18
C GLU D 320 -8.62 21.86 -6.10
N GLU D 321 -7.77 21.33 -5.24
CA GLU D 321 -7.23 22.06 -4.11
C GLU D 321 -5.71 21.99 -4.11
N ALA D 322 -5.09 23.07 -3.67
CA ALA D 322 -3.64 23.14 -3.56
C ALA D 322 -3.29 24.13 -2.46
N GLU D 323 -2.13 23.92 -1.83
CA GLU D 323 -1.78 24.66 -0.64
C GLU D 323 -0.30 25.03 -0.68
N ILE D 324 0.07 26.03 0.11
CA ILE D 324 1.44 26.28 0.49
C ILE D 324 1.57 25.97 1.98
N PRO D 325 2.48 25.08 2.38
CA PRO D 325 2.50 24.67 3.79
C PRO D 325 2.83 25.82 4.73
N GLY D 326 3.62 26.78 4.27
CA GLY D 326 3.93 27.94 5.08
C GLY D 326 4.86 28.92 4.40
N ILE D 327 4.65 30.20 4.67
CA ILE D 327 5.53 31.27 4.20
C ILE D 327 6.03 31.99 5.44
N LYS D 328 7.28 31.76 5.82
CA LYS D 328 7.78 32.25 7.09
C LYS D 328 7.82 33.77 7.10
N TYR D 329 7.33 34.36 8.18
CA TYR D 329 7.46 35.79 8.38
C TYR D 329 8.87 36.12 8.86
N VAL D 330 9.54 37.04 8.18
CA VAL D 330 10.89 37.45 8.55
C VAL D 330 10.84 38.91 8.94
N LEU D 331 11.30 39.22 10.14
CA LEU D 331 11.21 40.59 10.65
C LEU D 331 12.35 41.46 10.12
N SER D 332 13.45 40.86 9.69
CA SER D 332 14.61 41.61 9.25
C SER D 332 15.27 40.86 8.08
N PRO D 333 15.57 41.55 6.98
CA PRO D 333 16.19 40.87 5.84
C PRO D 333 17.59 40.33 6.11
N TYR D 334 18.08 40.41 7.34
CA TYR D 334 19.41 39.91 7.67
C TYR D 334 19.37 39.12 8.96
N LYS D 335 20.33 38.20 9.10
CA LYS D 335 20.53 37.42 10.30
C LYS D 335 21.99 37.48 10.70
N LEU D 336 22.23 37.63 12.00
CA LEU D 336 23.58 37.75 12.53
C LEU D 336 23.96 36.48 13.28
N ASN D 337 25.26 36.17 13.25
CA ASN D 337 25.80 35.08 14.04
C ASN D 337 27.29 35.31 14.19
N LEU D 338 27.90 34.61 15.15
CA LEU D 338 29.32 34.75 15.37
C LEU D 338 30.08 33.58 14.75
N VAL D 339 31.25 33.88 14.19
CA VAL D 339 32.11 32.87 13.61
C VAL D 339 33.53 33.09 14.15
N ALA D 340 34.19 32.01 14.55
CA ALA D 340 35.58 32.05 14.97
C ALA D 340 35.79 32.99 16.15
N THR D 341 34.81 33.08 17.04
CA THR D 341 34.93 33.87 18.26
C THR D 341 34.60 33.00 19.46
N PRO D 342 35.57 32.76 20.33
CA PRO D 342 35.26 32.08 21.59
C PRO D 342 34.50 33.02 22.51
N LEU D 343 33.43 32.50 23.10
CA LEU D 343 32.67 33.29 24.06
C LEU D 343 33.33 33.22 25.43
N PHE D 344 34.63 33.47 25.49
CA PHE D 344 35.39 33.47 26.73
C PHE D 344 36.55 34.43 26.59
N LEU D 345 36.70 35.31 27.58
CA LEU D 345 37.61 36.45 27.48
C LEU D 345 38.91 36.18 28.21
N LYS D 346 40.02 36.53 27.57
CA LYS D 346 41.34 36.42 28.18
C LYS D 346 41.80 37.79 28.64
N PRO D 347 41.68 38.12 29.92
CA PRO D 347 42.02 39.47 30.39
C PRO D 347 43.44 39.87 30.02
N GLY D 348 43.55 40.94 29.24
CA GLY D 348 44.82 41.41 28.75
C GLY D 348 45.07 41.12 27.28
N ILE D 349 44.10 40.53 26.59
CA ILE D 349 44.26 40.12 25.20
C ILE D 349 43.20 40.83 24.36
N PRO D 350 43.54 41.31 23.17
CA PRO D 350 42.51 41.83 22.27
C PRO D 350 41.46 40.75 21.99
N TYR D 351 40.21 41.08 22.27
CA TYR D 351 39.11 40.16 22.04
C TYR D 351 38.55 40.39 20.65
N PRO D 352 38.89 39.56 19.66
CA PRO D 352 38.37 39.79 18.31
C PRO D 352 36.97 39.21 18.14
N ILE D 353 36.07 40.05 17.67
CA ILE D 353 34.68 39.67 17.40
C ILE D 353 34.50 39.67 15.89
N LYS D 354 34.13 38.52 15.34
CA LYS D 354 33.94 38.38 13.90
C LYS D 354 32.48 38.03 13.67
N VAL D 355 31.65 39.06 13.49
CA VAL D 355 30.24 38.87 13.21
C VAL D 355 30.06 38.54 11.74
N GLN D 356 29.02 37.76 11.45
CA GLN D 356 28.76 37.30 10.10
C GLN D 356 27.28 37.51 9.79
N VAL D 357 27.00 38.16 8.67
CA VAL D 357 25.65 38.54 8.30
C VAL D 357 25.10 37.52 7.31
N LYS D 358 23.87 37.10 7.52
CA LYS D 358 23.22 36.14 6.64
C LYS D 358 21.86 36.67 6.23
N ASP D 359 21.47 36.34 5.00
CA ASP D 359 20.14 36.65 4.51
C ASP D 359 19.15 35.66 5.12
N SER D 360 17.90 35.68 4.65
CA SER D 360 16.96 34.67 5.09
C SER D 360 17.15 33.35 4.37
N LEU D 361 17.92 33.35 3.28
CA LEU D 361 18.27 32.14 2.56
C LEU D 361 19.59 31.53 3.03
N ASP D 362 20.13 32.03 4.14
CA ASP D 362 21.43 31.58 4.67
C ASP D 362 22.52 31.73 3.62
N GLN D 363 22.53 32.88 2.94
CA GLN D 363 23.59 33.24 2.01
C GLN D 363 24.30 34.48 2.51
N LEU D 364 25.63 34.45 2.46
CA LEU D 364 26.43 35.50 3.09
C LEU D 364 26.42 36.79 2.29
N VAL D 365 25.63 37.75 2.74
CA VAL D 365 25.54 39.07 2.13
C VAL D 365 26.72 39.90 2.58
N GLY D 366 27.11 40.89 1.79
CA GLY D 366 28.20 41.77 2.13
C GLY D 366 27.77 43.22 2.25
N GLY D 367 28.77 44.09 2.47
CA GLY D 367 28.54 45.52 2.49
C GLY D 367 27.56 46.03 3.52
N VAL D 368 27.10 45.15 4.42
CA VAL D 368 26.12 45.52 5.44
C VAL D 368 26.88 46.14 6.61
N PRO D 369 26.69 47.43 6.90
CA PRO D 369 27.33 48.00 8.09
C PRO D 369 26.80 47.36 9.35
N VAL D 370 27.70 47.13 10.31
CA VAL D 370 27.35 46.55 11.59
C VAL D 370 27.92 47.43 12.70
N THR D 371 27.08 47.77 13.67
CA THR D 371 27.48 48.55 14.84
C THR D 371 27.47 47.63 16.05
N LEU D 372 28.36 47.91 17.00
CA LEU D 372 28.57 47.05 18.15
C LEU D 372 28.87 47.90 19.38
N ASN D 373 28.05 47.77 20.41
CA ASN D 373 28.29 48.40 21.69
C ASN D 373 28.71 47.33 22.70
N ALA D 374 29.28 47.78 23.82
CA ALA D 374 29.89 46.84 24.74
C ALA D 374 29.70 47.31 26.18
N GLN D 375 28.92 46.55 26.93
CA GLN D 375 28.73 46.78 28.36
C GLN D 375 29.50 45.73 29.15
N THR D 376 30.40 46.22 30.01
CA THR D 376 31.34 45.35 30.71
C THR D 376 31.00 45.31 32.19
N ILE D 377 31.41 44.24 32.86
CA ILE D 377 31.23 44.09 34.30
C ILE D 377 32.58 43.69 34.89
N ASP D 378 33.15 44.57 35.71
CA ASP D 378 34.45 44.33 36.32
C ASP D 378 34.29 43.53 37.60
N VAL D 379 35.40 43.26 38.28
CA VAL D 379 35.33 42.57 39.57
C VAL D 379 34.70 43.44 40.64
N ASN D 380 34.84 44.77 40.54
CA ASN D 380 34.20 45.70 41.44
C ASN D 380 32.75 45.98 41.06
N GLN D 381 32.24 45.31 40.04
CA GLN D 381 30.89 45.49 39.50
C GLN D 381 30.66 46.87 38.91
N GLU D 382 31.72 47.67 38.78
CA GLU D 382 31.61 49.00 38.19
C GLU D 382 31.48 48.85 36.68
N THR D 383 30.26 48.75 36.20
CA THR D 383 30.01 48.54 34.79
C THR D 383 30.48 49.73 33.96
N SER D 384 31.25 49.44 32.92
CA SER D 384 31.79 50.46 32.05
C SER D 384 31.26 50.24 30.64
N ASP D 385 30.92 51.33 29.95
CA ASP D 385 30.35 51.24 28.61
C ASP D 385 31.38 51.76 27.61
N LEU D 386 31.63 50.97 26.57
CA LEU D 386 32.58 51.35 25.54
C LEU D 386 31.87 51.99 24.37
N ASP D 387 32.63 52.75 23.58
CA ASP D 387 32.01 53.50 22.48
C ASP D 387 31.52 52.54 21.40
N PRO D 388 30.46 52.90 20.68
CA PRO D 388 29.99 52.04 19.59
C PRO D 388 30.97 52.07 18.42
N SER D 389 31.39 50.88 18.00
CA SER D 389 32.28 50.73 16.86
C SER D 389 31.47 50.18 15.68
N LYS D 390 31.90 50.55 14.48
CA LYS D 390 31.18 50.19 13.27
C LYS D 390 32.12 49.44 12.33
N SER D 391 31.70 48.26 11.92
CA SER D 391 32.42 47.47 10.92
C SER D 391 31.45 47.06 9.84
N VAL D 392 31.94 47.04 8.61
CA VAL D 392 31.13 46.69 7.44
C VAL D 392 31.61 45.36 6.89
N THR D 393 30.67 44.52 6.53
CA THR D 393 30.97 43.13 6.17
C THR D 393 31.70 43.06 4.84
N ARG D 394 32.85 42.37 4.84
CA ARG D 394 33.54 42.06 3.59
C ARG D 394 32.71 41.08 2.76
N VAL D 395 32.63 41.35 1.46
CA VAL D 395 31.81 40.56 0.55
C VAL D 395 32.46 39.23 0.18
N ASP D 396 33.61 38.91 0.74
CA ASP D 396 34.32 37.69 0.38
C ASP D 396 33.86 36.48 1.18
N ASP D 397 33.60 36.66 2.47
CA ASP D 397 33.18 35.57 3.34
C ASP D 397 32.00 35.95 4.22
N GLY D 398 31.56 37.21 4.21
CA GLY D 398 30.49 37.63 5.07
C GLY D 398 30.88 37.97 6.48
N VAL D 399 32.18 38.12 6.75
CA VAL D 399 32.64 38.38 8.12
C VAL D 399 33.04 39.85 8.26
N ALA D 400 32.52 40.48 9.31
CA ALA D 400 32.80 41.88 9.61
C ALA D 400 33.58 41.93 10.92
N SER D 401 34.89 42.06 10.82
CA SER D 401 35.78 41.85 11.95
C SER D 401 35.74 43.02 12.92
N PHE D 402 35.91 42.70 14.20
CA PHE D 402 36.02 43.66 15.28
C PHE D 402 37.22 43.31 16.14
N VAL D 403 37.75 44.30 16.84
CA VAL D 403 38.75 44.10 17.87
C VAL D 403 38.35 44.95 19.05
N LEU D 404 38.06 44.31 20.18
CA LEU D 404 37.52 45.00 21.33
C LEU D 404 38.45 44.80 22.52
N ASN D 405 39.34 45.76 22.73
CA ASN D 405 40.31 45.71 23.82
C ASN D 405 39.61 46.06 25.12
N LEU D 406 39.97 45.36 26.18
CA LEU D 406 39.36 45.58 27.48
C LEU D 406 40.43 45.85 28.54
N PRO D 407 40.08 46.55 29.62
CA PRO D 407 41.01 46.67 30.75
C PRO D 407 41.27 45.31 31.37
N SER D 408 42.25 45.29 32.29
CA SER D 408 42.63 44.02 32.91
C SER D 408 41.53 43.49 33.82
N GLY D 409 40.85 44.36 34.56
CA GLY D 409 39.88 43.93 35.54
C GLY D 409 38.54 43.46 35.01
N VAL D 410 38.43 43.16 33.72
CA VAL D 410 37.12 42.81 33.16
C VAL D 410 36.85 41.32 33.34
N THR D 411 35.60 40.99 33.61
CA THR D 411 35.19 39.60 33.70
C THR D 411 34.09 39.23 32.72
N VAL D 412 33.01 40.00 32.65
CA VAL D 412 31.86 39.68 31.83
C VAL D 412 31.60 40.82 30.86
N LEU D 413 31.81 40.56 29.58
CA LEU D 413 31.57 41.53 28.52
C LEU D 413 30.22 41.21 27.89
N GLU D 414 29.25 42.12 28.05
CA GLU D 414 27.92 41.96 27.48
C GLU D 414 27.86 42.79 26.20
N PHE D 415 28.50 42.30 25.15
CA PHE D 415 28.55 43.01 23.88
C PHE D 415 27.34 42.65 23.03
N ASN D 416 26.93 43.60 22.19
CA ASN D 416 25.72 43.48 21.42
C ASN D 416 25.96 43.99 20.01
N VAL D 417 25.79 43.12 19.03
CA VAL D 417 25.96 43.46 17.62
C VAL D 417 24.59 43.73 17.02
N LYS D 418 24.52 44.72 16.15
CA LYS D 418 23.28 45.06 15.47
C LYS D 418 23.61 45.51 14.05
N THR D 419 22.76 45.10 13.11
CA THR D 419 22.91 45.53 11.74
C THR D 419 22.48 46.98 11.60
N ASP D 420 23.17 47.71 10.73
CA ASP D 420 22.80 49.08 10.38
C ASP D 420 22.71 49.10 8.85
N ALA D 421 21.55 48.73 8.34
CA ALA D 421 21.36 48.67 6.90
C ALA D 421 21.13 50.07 6.34
N PRO D 422 21.41 50.29 5.05
CA PRO D 422 21.19 51.62 4.47
C PRO D 422 19.72 51.99 4.35
N ASP D 423 18.82 51.03 4.17
CA ASP D 423 17.44 51.31 3.80
C ASP D 423 16.43 50.81 4.83
N LEU D 424 16.87 50.15 5.89
CA LEU D 424 15.94 49.57 6.85
C LEU D 424 15.68 50.51 8.00
N PRO D 425 14.45 50.62 8.47
CA PRO D 425 14.19 51.37 9.71
C PRO D 425 14.86 50.71 10.89
N GLU D 426 14.81 51.39 12.04
CA GLU D 426 15.43 50.85 13.25
C GLU D 426 14.80 49.52 13.66
N GLU D 427 13.48 49.39 13.52
CA GLU D 427 12.82 48.17 13.98
C GLU D 427 13.20 46.98 13.13
N ASN D 428 13.37 47.19 11.83
CA ASN D 428 13.60 46.10 10.89
C ASN D 428 15.07 45.70 10.81
N GLN D 429 15.91 46.14 11.75
CA GLN D 429 17.30 45.72 11.76
C GLN D 429 17.47 44.47 12.61
N ALA D 430 18.47 43.66 12.27
CA ALA D 430 18.77 42.46 13.02
C ALA D 430 19.76 42.78 14.12
N ARG D 431 19.47 42.28 15.33
CA ARG D 431 20.31 42.52 16.48
C ARG D 431 20.52 41.21 17.23
N GLU D 432 21.71 41.06 17.81
CA GLU D 432 22.05 39.89 18.61
C GLU D 432 22.92 40.32 19.77
N GLY D 433 22.53 39.93 20.98
CA GLY D 433 23.31 40.19 22.17
C GLY D 433 24.09 38.95 22.55
N TYR D 434 25.06 39.13 23.44
CA TYR D 434 25.90 38.02 23.88
C TYR D 434 26.47 38.34 25.25
N ARG D 435 27.29 37.42 25.76
CA ARG D 435 27.88 37.57 27.09
C ARG D 435 29.17 36.76 27.15
N ALA D 436 30.30 37.45 27.12
CA ALA D 436 31.61 36.82 27.12
C ALA D 436 32.20 36.86 28.52
N ILE D 437 32.50 35.69 29.08
CA ILE D 437 33.01 35.56 30.43
C ILE D 437 34.53 35.50 30.37
N ALA D 438 35.18 35.78 31.50
CA ALA D 438 36.63 35.84 31.54
C ALA D 438 37.24 34.50 31.91
N TYR D 439 38.46 34.27 31.45
CA TYR D 439 39.21 33.09 31.84
C TYR D 439 39.54 33.15 33.32
N SER D 440 38.98 32.23 34.09
CA SER D 440 39.20 32.17 35.54
C SER D 440 40.44 31.35 35.82
N SER D 441 41.48 32.00 36.33
CA SER D 441 42.74 31.33 36.63
C SER D 441 43.17 31.68 38.05
N LEU D 442 43.56 30.67 38.83
CA LEU D 442 44.05 30.92 40.18
C LEU D 442 45.30 31.78 40.18
N SER D 443 46.14 31.66 39.16
CA SER D 443 47.26 32.56 38.95
C SER D 443 46.87 33.60 37.90
N GLN D 444 47.85 34.38 37.47
CA GLN D 444 47.64 35.41 36.45
C GLN D 444 48.15 34.93 35.10
N SER D 445 47.94 33.65 34.80
CA SER D 445 48.44 33.03 33.59
C SER D 445 47.29 32.80 32.61
N TYR D 446 47.51 33.14 31.35
CA TYR D 446 46.49 33.01 30.33
C TYR D 446 47.15 32.60 29.01
N LEU D 447 46.33 32.20 28.05
CA LEU D 447 46.80 31.83 26.73
C LEU D 447 45.80 32.30 25.68
N TYR D 448 46.31 32.65 24.51
CA TYR D 448 45.48 33.08 23.40
C TYR D 448 46.11 32.61 22.10
N ILE D 449 45.39 31.80 21.34
CA ILE D 449 45.90 31.28 20.08
C ILE D 449 44.90 31.58 18.96
N ASP D 450 45.44 31.85 17.78
CA ASP D 450 44.65 32.12 16.59
C ASP D 450 45.50 31.90 15.35
N TRP D 451 44.92 31.39 14.28
CA TRP D 451 45.68 31.08 13.09
C TRP D 451 45.65 32.27 12.13
N THR D 452 46.13 32.05 10.92
CA THR D 452 46.48 33.12 9.98
C THR D 452 45.33 34.07 9.68
N ASP D 453 44.27 33.59 9.03
CA ASP D 453 43.18 34.46 8.61
C ASP D 453 41.85 33.75 8.81
N ASN D 454 40.78 34.47 8.50
CA ASN D 454 39.42 34.01 8.74
C ASN D 454 38.60 33.81 7.49
N HIS D 455 39.00 34.40 6.35
CA HIS D 455 38.17 34.47 5.15
C HIS D 455 38.58 33.46 4.09
N LYS D 456 39.05 32.29 4.51
CA LYS D 456 39.39 31.24 3.56
C LYS D 456 38.87 29.86 3.92
N ALA D 457 38.47 29.61 5.18
CA ALA D 457 37.92 28.32 5.56
C ALA D 457 38.92 27.20 5.29
N LEU D 458 39.96 27.12 6.11
CA LEU D 458 41.20 26.39 5.87
C LEU D 458 41.01 25.12 5.04
N LEU D 459 41.80 24.97 3.99
CA LEU D 459 41.65 23.86 3.05
C LEU D 459 42.66 22.77 3.36
N VAL D 460 42.26 21.52 3.15
CA VAL D 460 43.13 20.39 3.42
C VAL D 460 44.30 20.42 2.46
N GLY D 461 45.43 19.86 2.89
CA GLY D 461 46.66 19.88 2.12
C GLY D 461 47.54 21.07 2.41
N GLU D 462 46.96 22.21 2.79
CA GLU D 462 47.72 23.38 3.17
C GLU D 462 48.43 23.11 4.49
N HIS D 463 49.21 24.08 4.97
CA HIS D 463 49.82 23.98 6.29
C HIS D 463 49.27 25.10 7.16
N LEU D 464 49.16 24.82 8.45
CA LEU D 464 48.51 25.71 9.40
C LEU D 464 49.60 26.44 10.19
N ASN D 465 49.63 27.76 10.06
CA ASN D 465 50.56 28.59 10.81
C ASN D 465 49.76 29.29 11.91
N ILE D 466 49.59 28.60 13.03
CA ILE D 466 48.87 29.14 14.17
C ILE D 466 49.85 29.90 15.05
N ILE D 467 49.41 31.04 15.57
CA ILE D 467 50.24 31.94 16.35
C ILE D 467 49.79 31.88 17.80
N VAL D 468 50.54 31.16 18.63
CA VAL D 468 50.23 31.00 20.03
C VAL D 468 50.91 32.11 20.80
N THR D 469 50.13 32.87 21.57
CA THR D 469 50.65 34.02 22.30
C THR D 469 50.33 33.87 23.77
N PRO D 470 51.31 33.60 24.63
CA PRO D 470 51.06 33.58 26.07
C PRO D 470 51.07 34.98 26.65
N LYS D 471 50.38 35.13 27.78
CA LYS D 471 50.36 36.39 28.51
C LYS D 471 50.24 36.07 29.99
N SER D 472 51.30 36.37 30.75
CA SER D 472 51.38 36.04 32.15
C SER D 472 52.65 36.61 32.78
N PRO D 473 52.70 36.73 34.10
CA PRO D 473 53.99 36.72 34.80
C PRO D 473 54.59 35.34 34.65
N TYR D 474 55.87 35.22 35.04
CA TYR D 474 56.63 33.98 34.89
C TYR D 474 56.76 33.56 33.43
N ILE D 475 56.48 34.48 32.50
CA ILE D 475 56.47 34.12 31.08
C ILE D 475 57.85 33.64 30.65
N ASP D 476 58.90 34.13 31.31
CA ASP D 476 60.27 33.77 30.96
C ASP D 476 60.72 32.48 31.61
N LYS D 477 59.80 31.67 32.11
CA LYS D 477 60.12 30.33 32.61
C LYS D 477 59.33 29.25 31.89
N ILE D 478 58.41 29.62 30.99
CA ILE D 478 57.69 28.64 30.20
C ILE D 478 58.68 27.89 29.31
N THR D 479 58.72 26.58 29.47
CA THR D 479 59.71 25.80 28.71
C THR D 479 59.10 25.19 27.46
N HIS D 480 58.06 24.38 27.63
CA HIS D 480 57.48 23.65 26.51
C HIS D 480 56.03 24.08 26.32
N TYR D 481 55.63 24.18 25.06
CA TYR D 481 54.23 24.28 24.69
C TYR D 481 53.68 22.87 24.48
N ASN D 482 52.47 22.82 23.94
CA ASN D 482 51.84 21.56 23.57
C ASN D 482 50.81 21.81 22.48
N TYR D 483 50.29 20.72 21.93
CA TYR D 483 49.19 20.82 21.00
C TYR D 483 48.59 19.43 20.80
N LEU D 484 47.28 19.35 20.98
CA LEU D 484 46.52 18.13 20.74
C LEU D 484 45.44 18.47 19.72
N ILE D 485 45.31 17.64 18.69
CA ILE D 485 44.42 17.92 17.59
C ILE D 485 43.37 16.82 17.54
N LEU D 486 42.21 17.08 18.13
CA LEU D 486 41.12 16.12 18.13
C LEU D 486 40.51 16.04 16.74
N SER D 487 39.73 14.97 16.52
CA SER D 487 38.88 14.87 15.35
C SER D 487 37.90 13.74 15.60
N LYS D 488 36.61 14.03 15.48
CA LYS D 488 35.55 13.04 15.68
C LYS D 488 35.64 12.39 17.06
N GLY D 489 36.35 13.05 17.98
CA GLY D 489 36.52 12.50 19.30
C GLY D 489 37.75 11.63 19.49
N LYS D 490 38.64 11.60 18.52
CA LYS D 490 39.87 10.82 18.63
C LYS D 490 41.05 11.78 18.62
N ILE D 491 42.01 11.56 19.51
CA ILE D 491 43.18 12.42 19.60
C ILE D 491 44.16 11.98 18.53
N ILE D 492 44.07 12.58 17.35
CA ILE D 492 44.84 12.11 16.20
C ILE D 492 46.22 12.74 16.12
N HIS D 493 46.58 13.60 17.07
CA HIS D 493 47.90 14.20 17.05
C HIS D 493 48.32 14.57 18.47
N PHE D 494 49.58 14.95 18.59
CA PHE D 494 50.17 15.47 19.81
C PHE D 494 51.60 15.86 19.47
N GLY D 495 52.23 16.59 20.37
CA GLY D 495 53.62 16.94 20.16
C GLY D 495 54.07 17.95 21.20
N THR D 496 55.06 18.75 20.81
CA THR D 496 55.63 19.77 21.67
C THR D 496 56.49 20.68 20.82
N ARG D 497 56.35 21.98 21.04
CA ARG D 497 57.20 22.97 20.41
C ARG D 497 57.91 23.78 21.48
N GLU D 498 59.22 23.88 21.37
CA GLU D 498 60.00 24.62 22.35
C GLU D 498 59.67 26.11 22.26
N LYS D 499 59.66 26.77 23.40
CA LYS D 499 59.42 28.21 23.44
C LYS D 499 60.75 28.94 23.41
N PHE D 500 60.84 29.96 22.57
CA PHE D 500 62.03 30.80 22.50
C PHE D 500 61.93 31.87 23.58
N SER D 501 62.73 31.73 24.63
CA SER D 501 62.61 32.58 25.82
C SER D 501 62.94 34.05 25.55
N ASP D 502 63.30 34.40 24.31
CA ASP D 502 63.55 35.79 23.95
C ASP D 502 62.35 36.44 23.28
N ALA D 503 61.40 35.65 22.81
CA ALA D 503 60.22 36.15 22.13
C ALA D 503 58.99 35.95 23.02
N SER D 504 58.03 36.85 22.86
CA SER D 504 56.78 36.73 23.60
C SER D 504 55.90 35.61 23.07
N TYR D 505 55.62 35.61 21.77
CA TYR D 505 54.80 34.59 21.14
C TYR D 505 55.68 33.67 20.30
N GLN D 506 55.02 32.76 19.58
CA GLN D 506 55.70 31.75 18.79
C GLN D 506 54.74 31.22 17.74
N SER D 507 55.24 31.10 16.51
CA SER D 507 54.43 30.57 15.42
C SER D 507 54.55 29.05 15.37
N ILE D 508 53.49 28.36 15.78
CA ILE D 508 53.44 26.91 15.72
C ILE D 508 53.00 26.51 14.31
N ASN D 509 53.74 25.59 13.70
CA ASN D 509 53.42 25.12 12.36
C ASN D 509 52.72 23.76 12.46
N ILE D 510 51.52 23.68 11.91
CA ILE D 510 50.68 22.49 12.03
C ILE D 510 50.38 21.93 10.66
N PRO D 511 50.79 20.70 10.35
CA PRO D 511 50.47 20.10 9.06
C PRO D 511 49.04 19.59 9.05
N VAL D 512 48.22 20.13 8.14
CA VAL D 512 46.85 19.68 7.98
C VAL D 512 46.86 18.36 7.22
N THR D 513 46.25 17.33 7.81
CA THR D 513 46.18 16.01 7.21
C THR D 513 44.74 15.68 6.83
N GLN D 514 44.54 14.44 6.39
CA GLN D 514 43.22 14.03 5.93
C GLN D 514 42.28 13.69 7.08
N ASN D 515 42.81 13.19 8.20
CA ASN D 515 41.94 12.82 9.32
C ASN D 515 41.19 14.01 9.88
N MET D 516 41.69 15.23 9.68
CA MET D 516 41.11 16.41 10.29
C MET D 516 39.85 16.91 9.59
N VAL D 517 39.56 16.41 8.40
CA VAL D 517 38.33 16.79 7.69
C VAL D 517 37.13 16.22 8.45
N PRO D 518 36.02 16.97 8.60
CA PRO D 518 35.77 18.34 8.16
C PRO D 518 35.83 19.36 9.28
N SER D 519 36.03 18.89 10.51
CA SER D 519 36.09 19.78 11.66
C SER D 519 36.97 19.15 12.71
N SER D 520 37.89 19.94 13.24
CA SER D 520 38.81 19.45 14.25
C SER D 520 39.01 20.56 15.27
N ARG D 521 39.49 20.17 16.45
CA ARG D 521 39.80 21.11 17.49
C ARG D 521 41.27 21.00 17.79
N LEU D 522 41.89 22.13 18.15
CA LEU D 522 43.31 22.17 18.45
C LEU D 522 43.49 22.75 19.84
N LEU D 523 43.85 21.91 20.80
CA LEU D 523 44.06 22.32 22.17
C LEU D 523 45.54 22.58 22.35
N VAL D 524 45.88 23.69 23.00
CA VAL D 524 47.26 24.08 23.22
C VAL D 524 47.39 24.56 24.65
N TYR D 525 48.51 24.27 25.28
CA TYR D 525 48.71 24.65 26.67
C TYR D 525 50.19 24.59 27.02
N TYR D 526 50.50 24.98 28.25
CA TYR D 526 51.83 24.90 28.80
C TYR D 526 51.73 24.73 30.31
N ILE D 527 52.87 24.86 30.99
CA ILE D 527 52.95 24.62 32.42
C ILE D 527 53.62 25.81 33.11
N VAL D 528 52.82 26.62 33.80
CA VAL D 528 53.36 27.60 34.72
C VAL D 528 53.68 26.89 36.03
N THR D 529 54.94 26.93 36.41
CA THR D 529 55.34 26.27 37.65
C THR D 529 55.81 27.30 38.66
N GLY D 530 56.27 26.83 39.82
CA GLY D 530 56.70 27.75 40.86
C GLY D 530 56.57 27.19 42.25
N GLU D 531 55.90 27.93 43.12
CA GLU D 531 55.83 27.60 44.54
C GLU D 531 54.72 26.58 44.78
N GLN D 532 55.12 25.37 45.21
CA GLN D 532 54.23 24.32 45.68
C GLN D 532 53.20 23.84 44.66
N THR D 533 53.24 24.36 43.43
CA THR D 533 52.25 23.98 42.45
C THR D 533 52.70 24.36 41.04
N ALA D 534 52.35 23.51 40.08
CA ALA D 534 52.40 23.83 38.68
C ALA D 534 50.98 24.09 38.19
N GLU D 535 50.85 24.64 36.99
CA GLU D 535 49.53 25.00 36.49
C GLU D 535 49.46 24.77 34.98
N LEU D 536 48.36 24.17 34.55
CA LEU D 536 48.04 24.05 33.14
C LEU D 536 47.28 25.30 32.73
N VAL D 537 47.62 25.86 31.57
CA VAL D 537 46.96 27.05 31.06
C VAL D 537 46.64 26.78 29.59
N SER D 538 45.37 26.50 29.31
CA SER D 538 44.99 25.93 28.04
C SER D 538 44.02 26.84 27.29
N ASP D 539 44.11 26.80 25.97
CA ASP D 539 43.18 27.52 25.10
C ASP D 539 43.02 26.72 23.81
N SER D 540 41.78 26.47 23.44
CA SER D 540 41.47 25.63 22.29
C SER D 540 40.87 26.49 21.19
N VAL D 541 40.93 25.97 19.97
CA VAL D 541 40.29 26.60 18.82
C VAL D 541 39.54 25.54 18.05
N TRP D 542 38.79 25.97 17.04
CA TRP D 542 38.00 25.07 16.22
C TRP D 542 38.35 25.34 14.76
N LEU D 543 38.89 24.33 14.08
CA LEU D 543 39.36 24.46 12.70
C LEU D 543 38.30 23.87 11.77
N ASN D 544 37.63 24.73 11.03
CA ASN D 544 36.64 24.29 10.04
C ASN D 544 37.33 24.12 8.70
N ILE D 545 37.39 22.88 8.21
CA ILE D 545 38.08 22.55 6.98
C ILE D 545 37.04 22.22 5.92
N GLU D 546 37.37 22.52 4.66
CA GLU D 546 36.47 22.24 3.55
C GLU D 546 36.15 20.75 3.49
N GLU D 547 34.87 20.45 3.30
CA GLU D 547 34.39 19.07 3.28
C GLU D 547 34.90 18.40 2.01
N LYS D 548 35.96 17.62 2.14
CA LYS D 548 36.56 16.90 1.03
C LYS D 548 36.65 15.43 1.38
N CYS D 549 36.52 14.56 0.39
CA CYS D 549 36.66 13.13 0.62
C CYS D 549 38.11 12.67 0.61
N GLY D 550 38.35 11.54 1.26
CA GLY D 550 39.53 10.76 0.93
C GLY D 550 39.40 10.10 -0.43
N ASN D 551 38.21 9.60 -0.75
CA ASN D 551 37.89 9.01 -2.04
C ASN D 551 36.81 9.87 -2.69
N GLN D 552 37.23 10.91 -3.40
CA GLN D 552 36.28 11.82 -4.01
C GLN D 552 35.55 11.14 -5.15
N LEU D 553 34.24 10.98 -5.02
CA LEU D 553 33.41 10.31 -5.99
C LEU D 553 32.90 11.32 -7.02
N GLN D 554 32.70 10.85 -8.24
CA GLN D 554 32.38 11.72 -9.36
C GLN D 554 31.67 10.90 -10.42
N VAL D 555 30.42 11.26 -10.72
CA VAL D 555 29.61 10.54 -11.68
C VAL D 555 29.32 11.46 -12.87
N HIS D 556 29.46 10.91 -14.07
CA HIS D 556 29.11 11.63 -15.29
C HIS D 556 28.18 10.76 -16.12
N LEU D 557 27.34 11.41 -16.92
CA LEU D 557 26.49 10.72 -17.89
C LEU D 557 27.04 11.00 -19.28
N SER D 558 27.22 9.95 -20.08
CA SER D 558 27.78 10.09 -21.40
C SER D 558 26.81 9.53 -22.44
N PRO D 559 26.38 10.34 -23.42
CA PRO D 559 26.82 11.72 -23.62
C PRO D 559 26.07 12.73 -22.76
N ASP D 560 26.66 13.90 -22.56
CA ASP D 560 26.05 14.95 -21.76
C ASP D 560 25.28 15.91 -22.67
N ALA D 561 24.05 16.21 -22.30
CA ALA D 561 23.23 17.15 -23.06
C ALA D 561 22.13 17.68 -22.15
N ASP D 562 21.48 18.76 -22.59
CA ASP D 562 20.41 19.35 -21.80
C ASP D 562 19.13 18.54 -21.89
N ALA D 563 19.13 17.45 -22.66
CA ALA D 563 17.93 16.68 -22.87
C ALA D 563 18.29 15.34 -23.48
N TYR D 564 17.63 14.29 -23.00
CA TYR D 564 17.77 12.95 -23.56
C TYR D 564 16.42 12.52 -24.14
N SER D 565 16.39 11.30 -24.65
CA SER D 565 15.15 10.76 -25.19
C SER D 565 14.78 9.48 -24.46
N PRO D 566 13.48 9.17 -24.35
CA PRO D 566 13.07 7.96 -23.63
C PRO D 566 13.63 6.71 -24.31
N GLY D 567 14.00 5.74 -23.49
CA GLY D 567 14.57 4.51 -24.01
C GLY D 567 15.97 4.63 -24.53
N GLN D 568 16.55 5.83 -24.56
CA GLN D 568 17.90 6.01 -25.06
C GLN D 568 18.90 5.26 -24.19
N THR D 569 19.87 4.62 -24.82
CA THR D 569 20.91 3.92 -24.08
C THR D 569 22.06 4.87 -23.77
N VAL D 570 22.26 5.16 -22.49
CA VAL D 570 23.24 6.14 -22.05
C VAL D 570 24.15 5.46 -21.04
N SER D 571 25.37 5.98 -20.91
CA SER D 571 26.39 5.38 -20.06
C SER D 571 26.69 6.29 -18.88
N LEU D 572 26.90 5.67 -17.72
CA LEU D 572 27.22 6.37 -16.48
C LEU D 572 28.68 6.12 -16.16
N ASN D 573 29.46 7.20 -16.02
CA ASN D 573 30.91 7.12 -15.86
C ASN D 573 31.27 7.51 -14.43
N MET D 574 31.68 6.52 -13.64
CA MET D 574 32.05 6.72 -12.24
C MET D 574 33.56 6.65 -12.09
N ALA D 575 34.14 7.68 -11.47
CA ALA D 575 35.58 7.76 -11.27
C ALA D 575 35.86 8.14 -9.82
N THR D 576 36.71 7.36 -9.15
CA THR D 576 37.00 7.57 -7.74
C THR D 576 38.48 7.88 -7.57
N GLY D 577 38.89 7.95 -6.30
CA GLY D 577 40.29 8.14 -6.00
C GLY D 577 41.01 6.81 -5.79
N MET D 578 40.39 5.89 -5.07
CA MET D 578 40.94 4.56 -4.84
C MET D 578 39.84 3.54 -5.08
N ASP D 579 40.18 2.28 -4.85
CA ASP D 579 39.19 1.21 -4.94
C ASP D 579 38.11 1.39 -3.89
N SER D 580 36.89 1.69 -4.35
CA SER D 580 35.83 2.07 -3.44
C SER D 580 34.48 1.62 -4.00
N TRP D 581 33.71 0.94 -3.15
CA TRP D 581 32.33 0.64 -3.50
C TRP D 581 31.56 1.92 -3.74
N VAL D 582 30.53 1.83 -4.57
CA VAL D 582 29.69 2.96 -4.89
C VAL D 582 28.24 2.49 -4.93
N ALA D 583 27.43 2.98 -4.02
CA ALA D 583 26.00 2.76 -4.06
C ALA D 583 25.42 3.69 -5.11
N LEU D 584 24.26 3.36 -5.64
CA LEU D 584 23.64 4.18 -6.65
C LEU D 584 22.14 4.28 -6.41
N ALA D 585 21.53 5.25 -7.08
CA ALA D 585 20.09 5.46 -7.03
C ALA D 585 19.75 6.50 -8.09
N ALA D 586 18.53 6.40 -8.63
CA ALA D 586 18.05 7.36 -9.60
C ALA D 586 16.56 7.53 -9.36
N VAL D 587 16.16 8.69 -8.85
CA VAL D 587 14.78 8.95 -8.47
C VAL D 587 14.25 10.12 -9.28
N ASP D 588 12.94 10.18 -9.44
CA ASP D 588 12.31 11.31 -10.10
C ASP D 588 12.56 12.57 -9.30
N SER D 589 13.01 13.65 -9.95
CA SER D 589 13.25 14.89 -9.22
C SER D 589 11.96 15.58 -8.81
N ALA D 590 10.80 15.02 -9.14
CA ALA D 590 9.55 15.66 -8.76
C ALA D 590 9.20 15.41 -7.31
N VAL D 591 9.68 14.32 -6.71
CA VAL D 591 9.32 14.03 -5.33
C VAL D 591 9.91 15.07 -4.38
N TYR D 592 10.92 15.81 -4.81
CA TYR D 592 11.60 16.78 -3.96
C TYR D 592 11.04 18.18 -4.12
N GLY D 593 9.77 18.32 -4.48
CA GLY D 593 9.16 19.62 -4.66
C GLY D 593 9.66 20.35 -5.90
N LEU D 602 17.88 15.22 -1.28
CA LEU D 602 17.81 15.65 0.10
C LEU D 602 18.39 14.62 1.05
N GLU D 603 19.69 14.37 0.92
CA GLU D 603 20.42 13.56 1.89
C GLU D 603 21.61 14.34 2.43
N ARG D 604 21.53 14.68 3.72
CA ARG D 604 22.54 15.48 4.39
C ARG D 604 23.13 14.65 5.52
N VAL D 605 24.33 14.11 5.28
CA VAL D 605 24.95 13.23 6.26
C VAL D 605 25.92 13.98 7.17
N PHE D 606 26.67 14.95 6.65
CA PHE D 606 27.73 15.58 7.43
C PHE D 606 27.18 16.27 8.67
N GLN D 607 25.90 16.64 8.67
CA GLN D 607 25.29 17.17 9.88
C GLN D 607 25.00 16.05 10.89
N PHE D 608 24.60 14.89 10.39
CA PHE D 608 24.40 13.72 11.25
C PHE D 608 25.70 13.01 11.56
N LEU D 609 26.73 13.22 10.73
CA LEU D 609 28.01 12.55 10.95
C LEU D 609 28.91 13.37 11.87
N GLU D 610 28.40 14.49 12.38
CA GLU D 610 29.16 15.36 13.27
C GLU D 610 28.77 15.20 14.72
N LYS D 611 27.76 14.38 15.02
CA LYS D 611 27.38 14.12 16.40
C LYS D 611 28.42 13.31 17.15
N SER D 612 29.51 12.93 16.48
CA SER D 612 30.62 12.24 17.14
C SER D 612 31.63 13.21 17.73
N ASP D 613 31.66 14.46 17.26
CA ASP D 613 32.55 15.47 17.83
C ASP D 613 31.97 15.94 19.16
N LEU D 614 32.52 15.43 20.25
CA LEU D 614 31.98 15.69 21.59
C LEU D 614 32.17 17.13 22.03
N GLY D 615 32.85 17.95 21.26
CA GLY D 615 33.10 19.32 21.66
C GLY D 615 31.87 20.18 21.62
N CYS D 616 32.05 21.45 22.01
CA CYS D 616 31.00 22.45 21.95
C CYS D 616 31.63 23.82 21.80
N GLY D 617 31.01 24.65 20.99
CA GLY D 617 31.49 26.00 20.80
C GLY D 617 32.81 26.04 20.05
N ALA D 618 33.28 27.27 19.86
CA ALA D 618 34.47 27.49 19.05
C ALA D 618 35.73 27.74 19.87
N GLY D 619 35.81 27.24 21.09
CA GLY D 619 37.02 27.30 21.88
C GLY D 619 36.81 28.00 23.20
N GLY D 620 37.92 28.40 23.79
CA GLY D 620 37.90 29.11 25.06
C GLY D 620 37.30 28.28 26.18
N GLY D 621 37.17 28.92 27.32
CA GLY D 621 36.57 28.27 28.47
C GLY D 621 36.67 29.08 29.74
N LEU D 622 35.83 28.78 30.72
CA LEU D 622 35.87 29.48 32.00
C LEU D 622 37.24 29.36 32.65
N ASN D 623 37.69 28.14 32.91
CA ASN D 623 38.98 27.93 33.56
C ASN D 623 39.76 26.93 32.70
N ASN D 624 40.88 26.46 33.24
CA ASN D 624 41.69 25.49 32.50
C ASN D 624 40.92 24.22 32.22
N ALA D 625 40.52 23.51 33.27
CA ALA D 625 39.86 22.22 33.11
C ALA D 625 38.64 22.33 32.20
N ASN D 626 38.02 23.51 32.16
CA ASN D 626 36.84 23.67 31.31
C ASN D 626 37.22 23.80 29.85
N VAL D 627 38.43 24.31 29.56
CA VAL D 627 38.85 24.37 28.16
C VAL D 627 39.03 22.96 27.61
N PHE D 628 39.51 22.04 28.44
CA PHE D 628 39.51 20.64 28.05
C PHE D 628 38.09 20.10 27.94
N HIS D 629 37.33 20.18 29.03
CA HIS D 629 36.03 19.51 29.06
C HIS D 629 35.08 20.04 27.98
N LEU D 630 35.37 21.23 27.45
CA LEU D 630 34.59 21.65 26.29
C LEU D 630 35.10 21.02 25.02
N ALA D 631 36.40 20.87 24.85
CA ALA D 631 36.95 20.25 23.66
C ALA D 631 36.76 18.74 23.64
N GLY D 632 36.19 18.16 24.69
CA GLY D 632 35.96 16.73 24.71
C GLY D 632 37.16 15.93 25.16
N LEU D 633 37.94 16.44 26.09
CA LEU D 633 39.07 15.71 26.67
C LEU D 633 38.93 15.67 28.17
N THR D 634 39.30 14.55 28.77
CA THR D 634 39.59 14.49 30.18
C THR D 634 41.09 14.73 30.34
N PHE D 635 41.55 14.82 31.58
CA PHE D 635 42.97 15.00 31.79
C PHE D 635 43.35 14.55 33.20
N LEU D 636 44.52 13.93 33.30
CA LEU D 636 45.10 13.53 34.58
C LEU D 636 46.38 14.32 34.77
N THR D 637 46.49 15.06 35.86
CA THR D 637 47.64 15.89 36.08
C THR D 637 47.81 16.19 37.56
N ASN D 638 49.05 16.09 38.03
CA ASN D 638 49.39 16.48 39.40
C ASN D 638 49.06 17.94 39.68
N ALA D 639 48.93 18.76 38.64
CA ALA D 639 48.50 20.14 38.79
C ALA D 639 47.00 20.21 38.98
N ASN D 640 46.45 21.42 38.83
CA ASN D 640 45.03 21.65 39.04
C ASN D 640 44.17 20.70 38.23
N ALA D 641 43.26 20.01 38.91
CA ALA D 641 42.29 19.12 38.29
C ALA D 641 40.93 19.29 38.96
N ASP D 642 39.92 19.55 38.16
CA ASP D 642 38.58 19.85 38.68
C ASP D 642 37.57 19.60 37.56
N ASP D 643 36.36 20.13 37.73
CA ASP D 643 35.31 20.06 36.71
C ASP D 643 34.95 18.62 36.39
N SER D 644 34.31 17.94 37.33
CA SER D 644 33.88 16.56 37.14
C SER D 644 32.89 16.48 35.98
N GLN D 645 32.48 15.26 35.65
CA GLN D 645 31.76 14.97 34.41
C GLN D 645 30.47 15.79 34.27
N GLU D 646 29.49 15.55 35.15
CA GLU D 646 28.11 15.92 34.89
C GLU D 646 27.71 15.53 33.48
N ASN D 647 27.98 14.27 33.13
CA ASN D 647 27.90 13.75 31.77
C ASN D 647 26.63 14.18 31.04
N ASP D 648 25.52 14.29 31.76
CA ASP D 648 24.30 14.77 31.15
C ASP D 648 24.49 16.18 30.59
N GLU D 649 24.33 16.32 29.27
CA GLU D 649 24.45 17.59 28.57
C GLU D 649 25.81 18.23 28.82
N PRO D 650 26.90 17.69 28.24
CA PRO D 650 28.18 18.39 28.34
C PRO D 650 28.12 19.80 27.79
N CYS D 651 27.62 19.95 26.57
CA CYS D 651 27.32 21.26 26.01
C CYS D 651 26.43 21.07 24.78
N LYS D 652 25.64 22.10 24.48
CA LYS D 652 24.72 22.05 23.35
C LYS D 652 25.25 22.89 22.19
N ARG E 25 38.59 58.24 21.39
CA ARG E 25 39.29 57.05 20.92
C ARG E 25 39.44 56.03 22.04
N GLY E 26 40.68 55.84 22.48
CA GLY E 26 40.96 54.94 23.58
C GLY E 26 40.32 55.38 24.88
N HIS E 27 39.39 54.58 25.40
CA HIS E 27 38.73 54.90 26.65
C HIS E 27 39.72 54.82 27.81
N THR E 28 39.24 55.15 29.01
CA THR E 28 40.04 55.09 30.21
C THR E 28 39.32 54.29 31.28
N TYR E 29 40.11 53.82 32.25
CA TYR E 29 39.57 53.10 33.40
C TYR E 29 40.45 53.39 34.60
N VAL E 30 39.83 53.70 35.73
CA VAL E 30 40.53 54.10 36.94
C VAL E 30 40.33 53.03 37.99
N THR E 31 41.42 52.53 38.55
CA THR E 31 41.39 51.56 39.62
C THR E 31 41.55 52.25 40.97
N LYS E 32 41.13 51.55 42.02
CA LYS E 32 41.20 52.07 43.38
C LYS E 32 42.02 51.14 44.24
N ASN E 33 42.64 51.71 45.28
CA ASN E 33 43.47 50.98 46.23
C ASN E 33 44.61 50.26 45.52
N VAL E 34 45.39 51.04 44.78
CA VAL E 34 46.55 50.49 44.07
C VAL E 34 47.74 50.45 45.02
N THR E 35 48.57 49.44 44.86
CA THR E 35 49.76 49.28 45.70
C THR E 35 50.76 50.37 45.36
N VAL E 36 50.90 51.35 46.27
CA VAL E 36 51.87 52.43 46.13
C VAL E 36 52.95 52.23 47.17
N GLU E 37 54.21 52.24 46.73
CA GLU E 37 55.34 51.93 47.61
C GLU E 37 56.46 52.93 47.35
N ASP E 38 56.99 53.52 48.42
CA ASP E 38 58.13 54.42 48.35
C ASP E 38 57.87 55.60 47.41
N GLY E 39 56.62 56.07 47.36
CA GLY E 39 56.24 57.10 46.43
C GLY E 39 56.03 56.63 45.01
N ALA E 40 56.55 55.46 44.65
CA ALA E 40 56.34 54.88 43.33
C ALA E 40 55.08 54.03 43.34
N CYS E 41 54.46 53.91 42.18
CA CYS E 41 53.21 53.17 42.03
C CYS E 41 53.49 51.91 41.22
N VAL E 42 53.38 50.75 41.88
CA VAL E 42 53.51 49.46 41.22
C VAL E 42 52.10 48.90 41.04
N TYR E 43 51.76 48.54 39.81
CA TYR E 43 50.43 48.07 39.46
C TYR E 43 50.57 46.94 38.46
N LEU E 44 49.98 45.78 38.79
CA LEU E 44 50.08 44.57 37.97
C LEU E 44 51.54 44.25 37.65
N ARG E 45 52.40 44.47 38.65
CA ARG E 45 53.85 44.25 38.55
C ARG E 45 54.52 45.27 37.63
N ASN E 46 53.90 46.43 37.42
CA ASN E 46 54.50 47.52 36.66
C ASN E 46 54.72 48.70 37.60
N VAL E 47 55.98 48.98 37.93
CA VAL E 47 56.32 50.10 38.79
C VAL E 47 56.32 51.37 37.96
N ILE E 48 55.50 52.34 38.37
CA ILE E 48 55.45 53.64 37.69
C ILE E 48 55.59 54.74 38.74
N PRO E 49 56.36 55.79 38.48
CA PRO E 49 56.46 56.90 39.43
C PRO E 49 55.15 57.65 39.53
N ASN E 50 55.14 58.63 40.45
CA ASN E 50 53.92 59.40 40.70
C ASN E 50 53.57 60.28 39.51
N GLY E 51 54.45 61.21 39.16
CA GLY E 51 54.16 62.13 38.08
C GLY E 51 54.77 61.73 36.76
N GLU E 52 54.76 60.43 36.47
CA GLU E 52 55.36 59.89 35.26
C GLU E 52 54.32 59.16 34.44
N THR E 53 54.21 59.51 33.16
CA THR E 53 53.30 58.84 32.23
C THR E 53 54.15 57.89 31.39
N LYS E 54 54.21 56.64 31.80
CA LYS E 54 55.05 55.64 31.16
C LYS E 54 54.21 54.71 30.30
N ALA E 55 54.71 54.41 29.10
CA ALA E 55 54.09 53.42 28.24
C ALA E 55 54.47 52.02 28.71
N LEU E 56 53.50 51.12 28.70
CA LEU E 56 53.66 49.78 29.25
C LEU E 56 53.41 48.74 28.17
N ASN E 57 53.70 47.49 28.52
CA ASN E 57 53.45 46.34 27.66
C ASN E 57 52.50 45.33 28.28
N ASN E 58 52.63 45.05 29.57
CA ASN E 58 51.79 44.08 30.27
C ASN E 58 51.14 44.77 31.45
N PRO E 59 49.90 45.27 31.30
CA PRO E 59 49.13 45.23 30.05
C PRO E 59 49.54 46.34 29.09
N CYS E 60 48.95 46.36 27.89
CA CYS E 60 49.29 47.32 26.86
C CYS E 60 48.39 48.55 27.01
N VAL E 61 48.86 49.52 27.79
CA VAL E 61 48.12 50.74 28.07
C VAL E 61 49.10 51.91 28.09
N LEU E 62 48.57 53.10 28.37
CA LEU E 62 49.36 54.28 28.71
C LEU E 62 48.87 54.76 30.07
N SER E 63 49.69 54.56 31.10
CA SER E 63 49.22 54.66 32.48
C SER E 63 49.86 55.83 33.21
N THR E 64 49.16 56.30 34.24
CA THR E 64 49.66 57.31 35.16
C THR E 64 48.95 57.12 36.49
N CYS E 65 49.72 57.18 37.57
CA CYS E 65 49.22 56.87 38.90
C CYS E 65 49.34 58.10 39.79
N TYR E 66 48.68 58.04 40.95
CA TYR E 66 48.71 59.11 41.94
C TYR E 66 48.67 58.48 43.32
N ALA E 67 49.79 58.51 44.03
CA ALA E 67 49.85 57.94 45.36
C ALA E 67 49.07 58.75 46.39
N ALA E 68 48.62 59.95 46.03
CA ALA E 68 47.88 60.78 46.97
C ALA E 68 46.56 60.12 47.38
N ASP E 69 45.80 59.63 46.40
CA ASP E 69 44.55 58.92 46.67
C ASP E 69 44.61 57.47 46.23
N ARG E 70 45.76 57.00 45.74
CA ARG E 70 45.94 55.60 45.34
C ARG E 70 45.00 55.23 44.20
N LYS E 71 45.02 56.04 43.14
CA LYS E 71 44.27 55.76 41.93
C LYS E 71 45.20 55.88 40.73
N VAL E 72 44.87 55.15 39.66
CA VAL E 72 45.69 55.08 38.46
C VAL E 72 44.82 55.44 37.26
N ASN E 73 45.14 56.55 36.61
CA ASN E 73 44.53 56.88 35.32
C ASN E 73 45.24 56.10 34.23
N SER E 74 44.49 55.26 33.52
CA SER E 74 45.06 54.42 32.46
C SER E 74 44.12 54.43 31.27
N THR E 75 44.69 54.52 30.07
CA THR E 75 43.93 54.49 28.83
C THR E 75 44.33 53.30 28.00
N LEU E 76 43.36 52.74 27.29
CA LEU E 76 43.57 51.58 26.43
C LEU E 76 43.89 52.02 25.01
N CYS E 77 44.18 51.05 24.16
CA CYS E 77 44.25 51.32 22.73
C CYS E 77 42.84 51.50 22.20
N PRO E 78 42.65 52.39 21.22
CA PRO E 78 41.31 52.62 20.69
C PRO E 78 40.77 51.37 20.00
N ASN E 79 39.53 51.03 20.32
CA ASN E 79 38.90 49.86 19.73
C ASN E 79 38.78 50.04 18.23
N ILE E 80 39.14 49.00 17.48
CA ILE E 80 39.24 49.09 16.03
C ILE E 80 37.95 48.58 15.41
N GLY E 81 37.35 49.42 14.57
CA GLY E 81 36.22 49.01 13.76
C GLY E 81 36.64 48.92 12.30
N VAL E 82 36.75 47.70 11.78
CA VAL E 82 37.37 47.45 10.49
C VAL E 82 36.34 47.69 9.39
N ASP E 83 36.63 48.63 8.50
CA ASP E 83 35.79 48.92 7.35
C ASP E 83 36.29 48.10 6.15
N GLU E 84 35.79 48.43 4.95
CA GLU E 84 36.13 47.65 3.77
C GLU E 84 37.62 47.69 3.45
N GLY E 85 38.14 46.57 2.96
CA GLY E 85 39.50 46.50 2.47
C GLY E 85 40.57 46.64 3.52
N CYS E 86 40.24 46.41 4.79
CA CYS E 86 41.18 46.56 5.88
C CYS E 86 41.28 45.24 6.65
N HIS E 87 42.27 45.16 7.54
CA HIS E 87 42.40 44.01 8.44
C HIS E 87 43.27 44.43 9.62
N VAL E 88 43.29 43.58 10.64
CA VAL E 88 43.92 43.90 11.92
C VAL E 88 45.11 42.97 12.13
N GLU E 89 46.25 43.55 12.48
CA GLU E 89 47.44 42.81 12.89
C GLU E 89 47.87 43.30 14.26
N TRP E 90 48.12 42.37 15.18
CA TRP E 90 48.49 42.71 16.55
C TRP E 90 49.53 41.74 17.06
N THR E 91 50.67 42.27 17.48
CA THR E 91 51.72 41.50 18.11
C THR E 91 52.09 42.13 19.44
N PRO E 92 52.18 41.37 20.53
CA PRO E 92 52.36 41.95 21.85
C PRO E 92 53.74 42.52 22.12
N ASP E 93 54.65 42.48 21.15
CA ASP E 93 55.98 43.02 21.34
C ASP E 93 55.91 44.53 21.53
N GLY E 94 56.86 45.06 22.30
CA GLY E 94 56.98 46.48 22.51
C GLY E 94 55.87 47.06 23.38
N VAL E 95 56.07 48.33 23.73
CA VAL E 95 55.15 49.04 24.60
C VAL E 95 54.24 49.92 23.76
N TYR E 96 53.22 50.49 24.40
CA TYR E 96 52.30 51.41 23.73
C TYR E 96 53.07 52.44 22.92
N PRO E 97 52.60 52.78 21.70
CA PRO E 97 51.37 52.24 21.12
C PRO E 97 51.60 51.07 20.18
N ASN E 98 52.83 50.56 20.12
CA ASN E 98 53.15 49.49 19.19
C ASN E 98 52.48 48.17 19.55
N CYS E 99 52.13 47.97 20.82
CA CYS E 99 51.42 46.77 21.26
C CYS E 99 49.92 46.85 21.01
N CYS E 100 49.46 47.85 20.27
CA CYS E 100 48.03 48.03 20.05
C CYS E 100 47.60 47.34 18.76
N PRO E 101 46.36 46.86 18.70
CA PRO E 101 45.82 46.34 17.43
C PRO E 101 45.73 47.45 16.40
N LYS E 102 46.51 47.32 15.34
CA LYS E 102 46.64 48.36 14.32
C LYS E 102 45.67 48.13 13.18
N HIS E 103 44.97 49.19 12.79
CA HIS E 103 44.01 49.16 11.70
C HIS E 103 44.78 49.23 10.39
N VAL E 104 45.41 48.11 10.04
CA VAL E 104 46.25 48.03 8.85
C VAL E 104 45.34 47.90 7.62
N CYS E 105 45.37 48.90 6.74
CA CYS E 105 44.51 48.93 5.57
C CYS E 105 45.35 49.27 4.34
N PRO E 106 45.57 48.32 3.41
CA PRO E 106 46.33 48.55 2.18
C PRO E 106 45.59 49.50 1.23
C1 NAG F . 1.89 -1.60 -35.57
C2 NAG F . 1.74 -2.61 -36.70
C3 NAG F . 2.62 -3.80 -36.54
C4 NAG F . 4.03 -3.43 -36.24
C5 NAG F . 4.13 -2.48 -35.05
C6 NAG F . 5.55 -2.06 -34.86
C7 NAG F . -0.28 -3.62 -37.91
C8 NAG F . -1.72 -4.13 -37.88
N2 NAG F . 0.32 -3.10 -36.68
O3 NAG F . 2.59 -4.56 -37.77
O4 NAG F . 4.75 -4.63 -35.94
O5 NAG F . 3.32 -1.27 -35.28
O6 NAG F . 5.62 -1.24 -33.72
O7 NAG F . 0.36 -3.64 -38.91
C1 NAG F . 4.96 -5.98 -36.03
C2 NAG F . 6.12 -6.16 -35.05
C3 NAG F . 7.33 -5.44 -35.50
C4 NAG F . 7.72 -5.78 -36.91
C5 NAG F . 6.55 -5.63 -37.88
C6 NAG F . 6.95 -6.14 -39.23
C7 NAG F . 5.10 -6.52 -32.72
C8 NAG F . 4.68 -5.97 -31.36
N2 NAG F . 5.69 -5.63 -33.72
O3 NAG F . 8.42 -5.77 -34.61
O4 NAG F . 8.77 -4.90 -37.32
O5 NAG F . 5.35 -6.36 -37.43
O6 NAG F . 6.18 -5.51 -40.22
O7 NAG F . 4.96 -7.67 -32.97
#